data_6VO1
#
_entry.id   6VO1
#
loop_
_entity.id
_entity.type
_entity.pdbx_description
1 polymer 'Envelope glycoprotein gp120'
2 polymer 'Envelope glycoprotein gp41'
3 polymer 'RM20J Heavy chain Fab'
4 polymer 'RM20J Kappa light chain'
5 branched 2-acetamido-2-deoxy-beta-D-glucopyranose-(1-4)-2-acetamido-2-deoxy-beta-D-glucopyranose
6 branched beta-D-mannopyranose-(1-4)-2-acetamido-2-deoxy-beta-D-glucopyranose-(1-4)-2-acetamido-2-deoxy-beta-D-glucopyranose
7 branched alpha-D-mannopyranose-(1-2)-alpha-D-mannopyranose-(1-3)-[alpha-D-mannopyranose-(1-6)]beta-D-mannopyranose-(1-4)-2-acetamido-2-deoxy-beta-D-glucopyranose-(1-4)-2-acetamido-2-deoxy-beta-D-glucopyranose
8 non-polymer 2-acetamido-2-deoxy-beta-D-glucopyranose
#
loop_
_entity_poly.entity_id
_entity_poly.type
_entity_poly.pdbx_seq_one_letter_code
_entity_poly.pdbx_strand_id
1 'polypeptide(L)'
;AENLWVTVYYGVPVWKDAETTLFCASDAKAYETKKHNVWATHCCVPTDPNPQEIHLENVTEEFNMWKNNMVEQMHTDIIS
LWDQSLKPCVKLTPLCVTLQCTNVTNNITDDMRGELKNCSFNMTTELRDKKQKVYSLFYRLDVVQINENQGNRSNNSNKE
YRLINCNTSAITQACPKVSFEPIPIHYCAPAGFAILKCKDKKFNGTGPCPSVSTVQCTHGIKPVVSTQLLLNGSLAEEEV
MIRSENITNNAKNILVQFNTPVQINCTRPNNNTRKSIRIGPGQWFYATGDIIGDIRQAHCNVSKATWNETLGKVVKQLRK
HFGNNTIIRFANSSGGDLEVTTHSFNCGGEFFYCNTSGLFNSTWISNTSVQGSNSTGSNDSITLPCRIKQIINMWQRIGQ
AMYAPPIQGVIRCVSNITGLILTRDGGSTNSTTETFRPGGGDMRDNWRSELYKYKVVKIEPLGVAPTRCKRRVVG
;
A,C,D
2 'polypeptide(L)'
;AVGIGAVFLGFLGAAGSTMGAASMTLTVQARNLLSGIVQQQSNLLRAPECQQHLLKLTVWGIKQLQARVLAVERYLRDQQ
LLGIWGCSGKLICCTNVPWNSSWSNRNLSEIWDNMTWLQWDKEISNYTQIIYGLLEESQNQQEKNEQDLLALD
;
B,E,F
3 'polypeptide(L)'
;QVQLQESGPAVVQPSETLSLTCAVSGGSISGGYGWTWIRQAPGKALEWIGNIYGHSGSTNYKSSLKRRLTISTDTSKNQF
SLKLTSVTAADTAVYYCARWSTADFDYWGQGVLVTVSS
;
H,G,I
4 'polypeptide(L)'
;DIVMTQSPSSLSASVGDTVTITCRASQDITNDLAWYQQKPGKAPKALIYYASNLESGVPSRFSGSGAGTDFTLTISSLQP
EDFALYYCQQHNNYPLTFGPGTKVDIK
;
L,J,K
#
# COMPACT_ATOMS: atom_id res chain seq x y z
N ASN A 3 30.65 32.75 26.03
CA ASN A 3 31.61 31.68 26.29
C ASN A 3 31.24 30.40 25.60
N LEU A 4 29.97 30.09 25.63
CA LEU A 4 29.48 28.89 24.99
C LEU A 4 28.45 29.26 23.96
N TRP A 5 28.41 28.48 22.90
CA TRP A 5 27.50 28.64 21.78
C TRP A 5 26.78 27.34 21.55
N VAL A 6 25.64 27.41 20.92
CA VAL A 6 24.91 26.21 20.65
C VAL A 6 25.71 25.37 19.70
N THR A 7 25.84 24.11 20.05
CA THR A 7 26.49 23.13 19.23
C THR A 7 25.51 21.98 19.06
N VAL A 8 25.37 21.55 17.82
CA VAL A 8 24.39 20.52 17.53
C VAL A 8 25.08 19.18 17.46
N TYR A 9 24.51 18.21 18.17
CA TYR A 9 25.04 16.87 18.23
C TYR A 9 24.04 15.89 17.62
N TYR A 10 24.48 15.11 16.65
CA TYR A 10 23.56 14.16 16.03
C TYR A 10 23.98 12.74 16.28
N GLY A 11 23.05 11.94 16.77
CA GLY A 11 23.31 10.55 17.12
C GLY A 11 23.28 10.45 18.63
N VAL A 12 22.57 11.36 19.26
CA VAL A 12 22.45 11.42 20.69
C VAL A 12 21.61 10.25 21.23
N PRO A 13 22.11 9.45 22.20
CA PRO A 13 21.45 8.26 22.74
C PRO A 13 20.29 8.53 23.68
N VAL A 14 19.23 9.13 23.15
CA VAL A 14 18.03 9.42 23.94
C VAL A 14 16.76 8.94 23.26
N TRP A 15 15.67 8.87 24.01
CA TRP A 15 14.39 8.41 23.48
C TRP A 15 13.15 8.92 24.19
N LYS A 16 12.01 8.66 23.55
CA LYS A 16 10.68 8.97 24.06
C LYS A 16 9.72 7.79 23.93
N ASP A 17 8.67 7.77 24.74
CA ASP A 17 7.69 6.67 24.66
C ASP A 17 7.12 6.56 23.25
N ALA A 18 6.98 5.33 22.74
CA ALA A 18 6.46 5.13 21.39
C ALA A 18 5.16 4.36 21.31
N GLU A 19 4.42 4.66 20.26
CA GLU A 19 3.23 3.94 19.87
C GLU A 19 3.43 3.46 18.44
N THR A 20 4.00 2.28 18.28
CA THR A 20 4.32 1.82 16.95
C THR A 20 3.90 0.40 16.70
N THR A 21 4.18 -0.07 15.51
CA THR A 21 3.82 -1.41 15.09
C THR A 21 5.04 -2.32 15.04
N LEU A 22 4.97 -3.44 15.71
CA LEU A 22 6.08 -4.39 15.73
C LEU A 22 5.91 -5.42 14.61
N PHE A 23 7.03 -5.97 14.13
CA PHE A 23 7.08 -6.89 12.99
C PHE A 23 6.52 -8.30 13.07
N CYS A 24 6.76 -8.98 14.19
CA CYS A 24 6.54 -10.41 14.42
C CYS A 24 7.69 -11.17 13.79
N ALA A 25 8.16 -12.22 14.45
CA ALA A 25 9.20 -13.06 13.88
C ALA A 25 9.10 -14.49 14.38
N SER A 26 9.57 -15.43 13.57
CA SER A 26 9.59 -16.84 13.90
C SER A 26 11.00 -17.41 14.10
N LYS A 34 6.25 -25.48 9.14
CA LYS A 34 5.10 -26.10 9.81
C LYS A 34 3.99 -26.25 8.80
N LYS A 35 4.14 -25.55 7.69
CA LYS A 35 3.26 -25.56 6.51
C LYS A 35 1.87 -24.98 6.71
N HIS A 36 1.15 -25.51 7.67
CA HIS A 36 -0.21 -25.14 7.93
C HIS A 36 -0.40 -24.16 9.08
N ASN A 37 0.61 -24.00 9.90
CA ASN A 37 0.47 -23.12 11.06
C ASN A 37 0.32 -21.68 10.64
N VAL A 38 -0.69 -21.02 11.17
CA VAL A 38 -0.96 -19.65 10.79
C VAL A 38 0.12 -18.68 11.22
N TRP A 39 0.79 -18.91 12.33
CA TRP A 39 1.80 -17.96 12.72
C TRP A 39 3.06 -18.23 11.95
N ALA A 40 3.25 -19.50 11.59
CA ALA A 40 4.42 -19.86 10.82
C ALA A 40 4.37 -19.21 9.46
N THR A 41 3.17 -19.14 8.89
CA THR A 41 3.06 -18.54 7.59
C THR A 41 2.85 -17.05 7.69
N HIS A 42 2.33 -16.57 8.82
CA HIS A 42 2.13 -15.15 8.99
C HIS A 42 3.41 -14.36 9.07
N CYS A 43 4.35 -14.78 9.91
CA CYS A 43 5.55 -14.00 9.92
C CYS A 43 6.73 -14.92 9.72
N CYS A 44 7.37 -14.70 8.58
CA CYS A 44 8.49 -15.50 8.11
C CYS A 44 9.79 -14.89 8.55
N VAL A 45 9.69 -13.72 9.13
CA VAL A 45 10.86 -13.00 9.49
C VAL A 45 11.54 -13.90 10.47
N PRO A 46 12.77 -14.32 10.22
CA PRO A 46 13.44 -15.24 11.06
C PRO A 46 13.92 -14.61 12.31
N THR A 47 13.97 -15.41 13.35
CA THR A 47 14.67 -15.01 14.54
C THR A 47 15.13 -16.23 15.27
N ASP A 48 16.27 -16.09 15.91
CA ASP A 48 16.95 -17.09 16.71
C ASP A 48 18.29 -16.50 17.21
N PRO A 49 19.19 -16.02 16.31
CA PRO A 49 20.47 -15.45 16.66
C PRO A 49 20.25 -14.07 17.20
N ASN A 50 19.75 -14.02 18.42
CA ASN A 50 19.42 -12.77 19.05
C ASN A 50 20.18 -12.45 20.34
N PRO A 51 21.53 -12.58 20.41
CA PRO A 51 22.35 -12.12 21.52
C PRO A 51 22.56 -10.65 21.25
N GLN A 52 21.46 -9.92 21.18
CA GLN A 52 21.46 -8.53 20.79
C GLN A 52 21.03 -7.69 21.94
N GLU A 53 21.08 -8.28 23.11
CA GLU A 53 20.68 -7.60 24.31
C GLU A 53 21.78 -6.76 24.85
N ILE A 54 21.52 -5.48 24.93
CA ILE A 54 22.51 -4.55 25.40
C ILE A 54 22.17 -4.02 26.75
N HIS A 55 22.98 -4.36 27.73
CA HIS A 55 22.70 -3.91 29.07
C HIS A 55 22.85 -2.42 29.15
N LEU A 56 21.92 -1.74 29.80
CA LEU A 56 22.10 -0.32 29.94
C LEU A 56 22.42 -0.03 31.38
N GLU A 57 23.54 0.60 31.63
CA GLU A 57 23.82 0.91 33.00
C GLU A 57 22.89 2.02 33.38
N ASN A 58 22.48 2.03 34.63
CA ASN A 58 21.62 3.07 35.15
C ASN A 58 20.29 3.15 34.39
N VAL A 59 19.96 4.31 33.83
CA VAL A 59 18.72 4.56 33.09
C VAL A 59 17.47 4.57 33.99
N THR A 60 17.18 3.46 34.66
CA THR A 60 16.03 3.31 35.54
C THR A 60 14.73 3.71 34.84
N GLU A 61 14.37 2.97 33.82
CA GLU A 61 13.22 3.34 33.02
C GLU A 61 11.90 3.05 33.71
N GLU A 62 10.92 3.91 33.46
CA GLU A 62 9.60 3.73 34.02
C GLU A 62 8.68 2.93 33.11
N PHE A 63 8.13 1.87 33.66
CA PHE A 63 7.24 0.96 32.96
C PHE A 63 5.85 1.00 33.52
N ASN A 64 4.87 0.66 32.69
CA ASN A 64 3.52 0.48 33.16
C ASN A 64 2.81 -0.54 32.32
N MET A 65 2.78 -1.76 32.79
CA MET A 65 2.24 -2.86 32.02
C MET A 65 0.76 -2.75 31.75
N TRP A 66 0.06 -1.96 32.51
CA TRP A 66 -1.38 -1.92 32.38
C TRP A 66 -1.77 -1.01 31.24
N LYS A 67 -0.79 -0.31 30.69
CA LYS A 67 -0.96 0.62 29.61
C LYS A 67 -0.12 0.17 28.41
N ASN A 68 0.31 -1.08 28.41
CA ASN A 68 1.23 -1.52 27.39
C ASN A 68 0.57 -1.76 26.04
N ASN A 69 0.96 -0.94 25.08
CA ASN A 69 0.36 -0.97 23.77
C ASN A 69 0.82 -2.12 22.90
N MET A 70 1.72 -2.94 23.43
CA MET A 70 2.13 -4.11 22.68
C MET A 70 1.07 -5.16 22.87
N VAL A 71 0.36 -5.07 23.99
CA VAL A 71 -0.67 -6.01 24.31
C VAL A 71 -1.81 -5.70 23.42
N GLU A 72 -2.04 -4.41 23.26
CA GLU A 72 -3.11 -3.98 22.42
C GLU A 72 -2.81 -4.39 20.98
N GLN A 73 -1.55 -4.26 20.55
CA GLN A 73 -1.26 -4.69 19.21
C GLN A 73 -1.52 -6.17 19.06
N MET A 74 -1.11 -7.00 20.03
CA MET A 74 -1.35 -8.42 19.83
C MET A 74 -2.81 -8.71 19.70
N HIS A 75 -3.64 -8.05 20.49
CA HIS A 75 -5.03 -8.34 20.41
C HIS A 75 -5.54 -8.10 19.02
N THR A 76 -5.23 -6.94 18.49
CA THR A 76 -5.72 -6.62 17.17
C THR A 76 -5.18 -7.55 16.09
N ASP A 77 -3.88 -7.84 16.13
CA ASP A 77 -3.30 -8.66 15.08
C ASP A 77 -3.66 -10.12 15.17
N ILE A 78 -3.79 -10.66 16.36
CA ILE A 78 -4.15 -12.04 16.48
C ILE A 78 -5.54 -12.25 16.00
N ILE A 79 -6.45 -11.36 16.34
CA ILE A 79 -7.79 -11.55 15.86
C ILE A 79 -7.79 -11.46 14.37
N SER A 80 -7.10 -10.47 13.81
CA SER A 80 -7.10 -10.36 12.38
C SER A 80 -6.54 -11.61 11.73
N LEU A 81 -5.42 -12.12 12.22
CA LEU A 81 -4.85 -13.28 11.59
C LEU A 81 -5.80 -14.43 11.61
N TRP A 82 -6.44 -14.64 12.75
CA TRP A 82 -7.39 -15.71 12.89
C TRP A 82 -8.49 -15.61 11.85
N ASP A 83 -9.12 -14.43 11.76
CA ASP A 83 -10.22 -14.27 10.84
C ASP A 83 -9.77 -14.40 9.41
N GLN A 84 -8.61 -13.87 9.09
CA GLN A 84 -8.15 -13.93 7.73
C GLN A 84 -7.87 -15.34 7.30
N SER A 85 -7.32 -16.12 8.22
CA SER A 85 -6.96 -17.48 7.96
C SER A 85 -8.18 -18.32 7.72
N LEU A 86 -9.23 -18.07 8.48
CA LEU A 86 -10.43 -18.86 8.31
C LEU A 86 -11.49 -18.24 7.44
N LYS A 87 -11.32 -17.00 7.01
CA LYS A 87 -12.30 -16.44 6.13
C LYS A 87 -12.54 -17.31 4.89
N PRO A 88 -11.52 -17.70 4.08
CA PRO A 88 -11.71 -18.45 2.86
C PRO A 88 -11.90 -19.93 3.08
N CYS A 89 -12.91 -20.31 3.82
CA CYS A 89 -13.18 -21.72 4.07
C CYS A 89 -14.55 -22.13 3.53
N VAL A 90 -15.39 -22.80 4.31
CA VAL A 90 -16.62 -23.30 3.68
C VAL A 90 -17.88 -22.44 3.75
N LYS A 91 -18.11 -21.71 4.83
CA LYS A 91 -19.34 -20.93 4.98
C LYS A 91 -20.60 -21.78 4.94
N LEU A 92 -20.79 -22.60 5.98
CA LEU A 92 -21.88 -23.54 6.11
C LEU A 92 -23.24 -22.93 6.43
N THR A 93 -23.65 -21.97 5.62
CA THR A 93 -24.93 -21.33 5.84
C THR A 93 -26.03 -22.37 5.73
N PRO A 94 -26.03 -23.24 4.68
CA PRO A 94 -27.03 -24.23 4.40
C PRO A 94 -27.19 -25.28 5.49
N LEU A 95 -26.29 -25.34 6.48
CA LEU A 95 -26.46 -26.33 7.53
C LEU A 95 -27.54 -25.88 8.51
N CYS A 96 -27.94 -24.62 8.43
CA CYS A 96 -28.91 -24.11 9.38
C CYS A 96 -30.34 -24.44 8.97
N VAL A 97 -30.73 -25.67 9.28
CA VAL A 97 -32.05 -26.24 8.98
C VAL A 97 -32.63 -26.94 10.16
N THR A 98 -33.92 -27.25 10.09
CA THR A 98 -34.52 -28.03 11.15
C THR A 98 -33.92 -29.41 11.16
N LEU A 99 -33.50 -29.85 12.33
CA LEU A 99 -32.91 -31.14 12.54
C LEU A 99 -33.88 -32.08 13.22
N GLN A 100 -33.82 -33.36 12.86
CA GLN A 100 -34.62 -34.37 13.52
C GLN A 100 -33.71 -35.11 14.46
N CYS A 101 -33.90 -35.00 15.77
CA CYS A 101 -32.89 -35.61 16.62
C CYS A 101 -33.46 -36.51 17.69
N THR A 102 -32.62 -37.45 18.05
CA THR A 102 -32.78 -38.34 19.20
C THR A 102 -31.50 -38.28 19.99
N ASN A 103 -31.46 -38.91 21.17
CA ASN A 103 -30.20 -38.91 21.90
C ASN A 103 -29.36 -40.12 21.52
N VAL A 104 -28.06 -40.00 21.71
CA VAL A 104 -27.24 -41.16 21.50
C VAL A 104 -27.34 -42.00 22.74
N THR A 105 -27.81 -43.23 22.60
CA THR A 105 -27.99 -44.09 23.74
C THR A 105 -27.48 -45.47 23.46
N ASN A 106 -26.18 -45.67 23.50
CA ASN A 106 -25.64 -46.98 23.21
C ASN A 106 -24.55 -47.33 24.21
N ASN A 107 -23.29 -47.31 23.81
CA ASN A 107 -22.22 -47.66 24.70
C ASN A 107 -21.83 -46.44 25.49
N ILE A 108 -22.68 -46.05 26.41
CA ILE A 108 -22.47 -44.79 27.10
C ILE A 108 -22.38 -44.91 28.58
N THR A 109 -21.76 -43.91 29.19
CA THR A 109 -21.78 -43.81 30.63
C THR A 109 -22.89 -42.90 31.07
N ASP A 110 -23.04 -42.77 32.37
CA ASP A 110 -24.18 -42.03 32.89
C ASP A 110 -23.98 -40.53 32.80
N ASP A 111 -22.75 -40.12 32.83
CA ASP A 111 -22.43 -38.72 32.80
C ASP A 111 -22.56 -38.16 31.39
N MET A 112 -22.81 -39.03 30.41
CA MET A 112 -22.96 -38.62 29.05
C MET A 112 -24.40 -38.71 28.62
N ARG A 113 -25.31 -38.97 29.56
CA ARG A 113 -26.67 -39.09 29.11
C ARG A 113 -27.18 -37.74 28.74
N GLY A 114 -27.67 -37.65 27.52
CA GLY A 114 -28.21 -36.41 27.01
C GLY A 114 -27.13 -35.48 26.48
N GLU A 115 -25.85 -35.88 26.58
CA GLU A 115 -24.77 -35.04 26.14
C GLU A 115 -24.67 -35.02 24.64
N LEU A 116 -24.94 -36.15 24.02
CA LEU A 116 -24.84 -36.25 22.58
C LEU A 116 -26.15 -36.48 21.93
N LYS A 117 -26.35 -35.76 20.86
CA LYS A 117 -27.53 -35.87 20.04
C LYS A 117 -27.17 -36.53 18.75
N ASN A 118 -28.12 -37.23 18.20
CA ASN A 118 -28.02 -37.84 16.90
C ASN A 118 -29.04 -37.23 15.96
N CYS A 119 -28.59 -36.36 15.07
CA CYS A 119 -29.53 -35.63 14.26
C CYS A 119 -29.45 -35.91 12.79
N SER A 120 -30.62 -36.04 12.17
CA SER A 120 -30.67 -36.23 10.73
C SER A 120 -31.32 -35.02 10.09
N PHE A 121 -30.93 -34.77 8.87
CA PHE A 121 -31.44 -33.61 8.13
C PHE A 121 -31.32 -33.73 6.64
N ASN A 122 -32.05 -32.85 5.94
CA ASN A 122 -31.99 -32.78 4.49
C ASN A 122 -30.97 -31.76 4.03
N MET A 123 -29.86 -32.26 3.59
CA MET A 123 -28.76 -31.43 3.20
C MET A 123 -28.77 -31.28 1.71
N THR A 124 -28.22 -30.20 1.20
CA THR A 124 -28.15 -30.08 -0.24
C THR A 124 -27.08 -30.97 -0.77
N THR A 125 -27.11 -31.19 -2.06
CA THR A 125 -26.08 -31.91 -2.78
C THR A 125 -25.46 -30.91 -3.70
N GLU A 126 -24.47 -31.34 -4.47
CA GLU A 126 -23.82 -30.45 -5.42
C GLU A 126 -24.75 -29.97 -6.53
N LEU A 127 -25.87 -30.65 -6.77
CA LEU A 127 -26.74 -30.17 -7.83
C LEU A 127 -27.85 -29.36 -7.20
N ARG A 128 -28.20 -28.23 -7.81
CA ARG A 128 -29.28 -27.40 -7.27
C ARG A 128 -30.64 -27.94 -7.68
N ASP A 129 -30.92 -29.16 -7.27
CA ASP A 129 -32.18 -29.81 -7.52
C ASP A 129 -32.27 -31.07 -6.71
N LYS A 130 -31.19 -31.39 -6.01
CA LYS A 130 -31.18 -32.61 -5.21
C LYS A 130 -30.73 -32.38 -3.80
N LYS A 131 -31.32 -33.16 -2.92
CA LYS A 131 -31.06 -33.19 -1.50
C LYS A 131 -30.61 -34.58 -1.11
N GLN A 132 -29.96 -34.67 0.02
CA GLN A 132 -29.52 -35.95 0.56
C GLN A 132 -29.84 -36.03 2.04
N LYS A 133 -30.12 -37.24 2.51
CA LYS A 133 -30.36 -37.39 3.92
C LYS A 133 -29.09 -37.78 4.60
N VAL A 134 -28.68 -36.94 5.51
CA VAL A 134 -27.44 -37.12 6.21
C VAL A 134 -27.66 -36.98 7.67
N TYR A 135 -26.68 -37.39 8.45
CA TYR A 135 -26.80 -37.19 9.86
C TYR A 135 -25.44 -36.93 10.45
N SER A 136 -25.45 -36.36 11.64
CA SER A 136 -24.25 -36.07 12.39
C SER A 136 -24.53 -36.14 13.83
N LEU A 137 -23.54 -36.53 14.57
CA LEU A 137 -23.71 -36.46 15.99
C LEU A 137 -23.34 -35.05 16.39
N PHE A 138 -23.96 -34.58 17.45
CA PHE A 138 -23.68 -33.25 18.00
C PHE A 138 -23.60 -33.20 19.50
N TYR A 139 -22.88 -32.22 19.99
CA TYR A 139 -22.90 -31.97 21.42
C TYR A 139 -24.07 -31.10 21.73
N ARG A 140 -24.72 -31.35 22.85
CA ARG A 140 -25.92 -30.58 23.18
C ARG A 140 -25.65 -29.09 23.33
N LEU A 141 -24.43 -28.70 23.61
CA LEU A 141 -24.16 -27.30 23.80
C LEU A 141 -24.25 -26.48 22.51
N ASP A 142 -24.23 -27.14 21.37
CA ASP A 142 -24.32 -26.49 20.06
C ASP A 142 -25.73 -26.58 19.46
N VAL A 143 -26.64 -27.30 20.10
CA VAL A 143 -27.95 -27.55 19.50
C VAL A 143 -29.09 -27.11 20.39
N VAL A 144 -30.03 -26.37 19.83
CA VAL A 144 -31.13 -25.89 20.63
C VAL A 144 -32.47 -26.42 20.17
N GLN A 145 -33.28 -26.88 21.11
CA GLN A 145 -34.59 -27.42 20.82
C GLN A 145 -35.57 -26.38 20.38
N ILE A 146 -36.37 -26.73 19.39
CA ILE A 146 -37.42 -25.88 18.89
C ILE A 146 -38.68 -26.10 19.70
N ASN A 147 -39.26 -25.04 20.20
CA ASN A 147 -40.48 -25.14 20.99
C ASN A 147 -40.33 -26.23 22.05
N GLU A 160 -37.85 -31.57 17.49
CA GLU A 160 -37.07 -30.88 16.48
C GLU A 160 -36.12 -29.88 17.09
N TYR A 161 -34.97 -29.72 16.43
CA TYR A 161 -33.87 -28.89 16.86
C TYR A 161 -33.28 -28.02 15.76
N ARG A 162 -32.58 -26.97 16.13
CA ARG A 162 -31.83 -26.17 15.17
C ARG A 162 -30.46 -25.91 15.73
N LEU A 163 -29.53 -25.50 14.90
CA LEU A 163 -28.23 -25.17 15.44
C LEU A 163 -28.36 -23.86 16.18
N ILE A 164 -27.69 -23.74 17.30
CA ILE A 164 -27.84 -22.54 18.11
C ILE A 164 -27.43 -21.23 17.48
N ASN A 165 -26.46 -21.24 16.58
CA ASN A 165 -25.98 -20.02 16.00
C ASN A 165 -26.95 -19.34 15.08
N CYS A 166 -27.98 -20.04 14.64
CA CYS A 166 -28.91 -19.50 13.66
C CYS A 166 -29.64 -18.28 14.15
N ASN A 167 -29.58 -18.04 15.45
CA ASN A 167 -30.21 -16.88 16.06
C ASN A 167 -29.53 -15.58 15.63
N THR A 168 -28.21 -15.63 15.40
CA THR A 168 -27.48 -14.42 15.04
C THR A 168 -26.58 -14.51 13.84
N SER A 169 -26.20 -15.72 13.45
CA SER A 169 -25.15 -15.80 12.46
C SER A 169 -25.06 -16.99 11.57
N ALA A 170 -24.68 -16.71 10.33
CA ALA A 170 -24.31 -17.77 9.44
C ALA A 170 -22.93 -18.13 9.92
N ILE A 171 -22.58 -19.38 9.93
CA ILE A 171 -21.28 -19.73 10.47
C ILE A 171 -20.41 -20.38 9.45
N THR A 172 -19.13 -20.47 9.74
CA THR A 172 -18.28 -21.13 8.79
C THR A 172 -17.75 -22.39 9.35
N GLN A 173 -16.96 -23.06 8.56
CA GLN A 173 -16.29 -24.27 8.96
C GLN A 173 -14.85 -24.00 8.87
N ALA A 174 -14.18 -24.12 9.99
CA ALA A 174 -12.78 -23.85 9.98
C ALA A 174 -12.12 -24.85 9.08
N CYS A 175 -11.20 -24.38 8.29
CA CYS A 175 -10.45 -25.22 7.39
C CYS A 175 -9.60 -26.25 8.15
N PRO A 176 -9.66 -27.53 7.78
CA PRO A 176 -8.92 -28.63 8.39
C PRO A 176 -7.43 -28.54 8.14
N LYS A 177 -7.07 -27.68 7.20
CA LYS A 177 -5.70 -27.47 6.81
C LYS A 177 -5.11 -26.22 7.41
N VAL A 178 -5.81 -25.62 8.36
CA VAL A 178 -5.27 -24.45 9.02
C VAL A 178 -4.94 -24.79 10.46
N SER A 179 -3.67 -24.63 10.82
CA SER A 179 -3.24 -24.98 12.16
C SER A 179 -3.05 -23.81 13.09
N PHE A 180 -3.62 -23.97 14.26
CA PHE A 180 -3.53 -22.96 15.29
C PHE A 180 -2.66 -23.38 16.44
N GLU A 181 -1.77 -24.32 16.19
CA GLU A 181 -0.87 -24.69 17.25
C GLU A 181 -0.19 -23.38 17.66
N PRO A 182 -0.16 -23.01 18.94
CA PRO A 182 0.40 -21.77 19.44
C PRO A 182 1.90 -21.79 19.52
N ILE A 183 2.53 -21.83 18.37
CA ILE A 183 3.97 -21.81 18.28
C ILE A 183 4.32 -20.41 18.76
N PRO A 184 5.43 -20.19 19.46
CA PRO A 184 5.81 -18.91 19.94
C PRO A 184 6.25 -18.00 18.84
N ILE A 185 5.97 -16.72 19.01
CA ILE A 185 6.47 -15.71 18.10
C ILE A 185 7.15 -14.62 18.87
N HIS A 186 8.03 -13.93 18.21
CA HIS A 186 8.77 -12.84 18.81
C HIS A 186 8.35 -11.55 18.17
N TYR A 187 8.38 -10.45 18.89
CA TYR A 187 8.12 -9.18 18.24
C TYR A 187 9.36 -8.36 18.15
N CYS A 188 9.51 -7.68 17.03
CA CYS A 188 10.69 -6.87 16.81
C CYS A 188 10.35 -5.44 16.41
N ALA A 189 11.08 -4.49 16.94
CA ALA A 189 10.83 -3.10 16.60
C ALA A 189 11.41 -2.74 15.22
N PRO A 190 10.76 -1.83 14.49
CA PRO A 190 11.20 -1.23 13.25
C PRO A 190 12.32 -0.24 13.47
N ALA A 191 13.04 0.09 12.41
CA ALA A 191 14.11 1.04 12.56
C ALA A 191 13.57 2.34 13.12
N GLY A 192 14.35 2.93 14.03
CA GLY A 192 13.98 4.17 14.69
C GLY A 192 13.39 3.90 16.06
N PHE A 193 13.12 2.63 16.34
CA PHE A 193 12.57 2.22 17.60
C PHE A 193 13.37 1.11 18.26
N ALA A 194 13.24 1.04 19.56
CA ALA A 194 13.92 0.00 20.31
C ALA A 194 13.06 -0.49 21.46
N ILE A 195 13.29 -1.71 21.89
CA ILE A 195 12.53 -2.24 22.99
C ILE A 195 13.34 -2.35 24.25
N LEU A 196 12.81 -1.76 25.29
CA LEU A 196 13.46 -1.79 26.56
C LEU A 196 12.85 -2.89 27.39
N LYS A 197 13.70 -3.80 27.82
CA LYS A 197 13.29 -4.93 28.62
C LYS A 197 13.60 -4.67 30.07
N CYS A 198 12.65 -4.92 30.95
CA CYS A 198 12.90 -4.78 32.38
C CYS A 198 13.36 -6.09 32.97
N LYS A 199 14.54 -6.08 33.57
CA LYS A 199 15.15 -7.26 34.16
C LYS A 199 15.05 -7.28 35.66
N ASP A 200 14.30 -6.37 36.21
CA ASP A 200 14.20 -6.27 37.64
C ASP A 200 13.41 -7.48 38.11
N LYS A 201 14.10 -8.34 38.85
CA LYS A 201 13.47 -9.57 39.27
C LYS A 201 12.37 -9.18 40.21
N LYS A 202 11.24 -9.83 40.04
CA LYS A 202 10.02 -9.54 40.78
C LYS A 202 9.45 -8.17 40.50
N PHE A 203 9.70 -7.62 39.32
CA PHE A 203 9.08 -6.35 39.01
C PHE A 203 7.60 -6.61 39.01
N ASN A 204 6.84 -5.79 39.73
CA ASN A 204 5.41 -5.98 39.86
C ASN A 204 4.66 -5.59 38.61
N GLY A 205 5.22 -4.65 37.89
CA GLY A 205 4.64 -4.21 36.63
C GLY A 205 4.64 -2.72 36.41
N THR A 206 4.93 -1.92 37.43
CA THR A 206 4.96 -0.50 37.18
C THR A 206 6.16 0.16 37.84
N GLY A 207 6.48 1.36 37.39
CA GLY A 207 7.47 2.14 38.07
C GLY A 207 8.89 2.03 37.49
N PRO A 208 9.86 2.59 38.23
CA PRO A 208 11.25 2.83 37.87
C PRO A 208 12.14 1.61 37.89
N CYS A 209 12.00 0.76 36.88
CA CYS A 209 12.77 -0.47 36.81
C CYS A 209 14.26 -0.13 36.74
N PRO A 210 15.08 -0.46 37.75
CA PRO A 210 16.49 -0.11 37.87
C PRO A 210 17.44 -0.85 36.95
N SER A 211 16.98 -1.94 36.36
CA SER A 211 17.88 -2.73 35.55
C SER A 211 17.20 -3.09 34.26
N VAL A 212 17.66 -2.47 33.20
CA VAL A 212 17.05 -2.66 31.92
C VAL A 212 18.09 -2.96 30.88
N SER A 213 17.63 -3.49 29.78
CA SER A 213 18.48 -3.73 28.63
C SER A 213 17.71 -3.47 27.36
N THR A 214 18.43 -3.22 26.29
CA THR A 214 17.79 -2.98 25.01
C THR A 214 17.86 -4.18 24.11
N VAL A 215 16.73 -4.52 23.53
CA VAL A 215 16.68 -5.59 22.58
C VAL A 215 16.00 -5.07 21.34
N GLN A 216 16.20 -5.73 20.22
CA GLN A 216 15.44 -5.30 19.06
C GLN A 216 14.21 -6.18 19.01
N CYS A 217 14.40 -7.41 19.48
CA CYS A 217 13.37 -8.42 19.49
C CYS A 217 13.14 -8.99 20.88
N THR A 218 11.87 -9.23 21.19
CA THR A 218 11.42 -9.81 22.45
C THR A 218 11.64 -11.30 22.37
N HIS A 219 11.47 -11.98 23.48
CA HIS A 219 11.56 -13.42 23.50
C HIS A 219 10.29 -13.93 22.86
N GLY A 220 10.22 -15.24 22.63
CA GLY A 220 9.03 -15.76 22.00
C GLY A 220 7.92 -15.97 23.00
N ILE A 221 6.71 -15.63 22.58
CA ILE A 221 5.51 -15.80 23.35
C ILE A 221 4.51 -16.65 22.62
N LYS A 222 3.99 -17.67 23.28
CA LYS A 222 3.01 -18.54 22.69
C LYS A 222 1.64 -17.91 22.80
N PRO A 223 0.90 -17.68 21.70
CA PRO A 223 -0.40 -17.05 21.68
C PRO A 223 -1.48 -18.03 22.09
N VAL A 224 -1.42 -18.45 23.34
CA VAL A 224 -2.35 -19.42 23.89
C VAL A 224 -3.60 -18.71 24.37
N VAL A 225 -4.76 -19.23 23.99
CA VAL A 225 -6.03 -18.66 24.40
C VAL A 225 -6.67 -19.43 25.55
N SER A 226 -6.99 -18.73 26.63
CA SER A 226 -7.65 -19.39 27.75
C SER A 226 -8.34 -18.43 28.71
N THR A 227 -9.17 -19.01 29.57
CA THR A 227 -9.78 -18.28 30.68
C THR A 227 -9.29 -18.88 31.96
N GLN A 228 -9.38 -18.16 33.08
CA GLN A 228 -9.05 -18.66 34.41
C GLN A 228 -7.59 -19.08 34.64
N LEU A 229 -7.14 -20.09 33.91
CA LEU A 229 -5.79 -20.59 34.02
C LEU A 229 -5.02 -20.35 32.76
N LEU A 230 -3.86 -19.74 32.98
CA LEU A 230 -2.92 -19.38 31.95
C LEU A 230 -2.04 -20.56 31.73
N LEU A 231 -1.96 -20.99 30.48
CA LEU A 231 -1.18 -22.16 30.18
C LEU A 231 0.03 -21.85 29.34
N ASN A 232 1.08 -22.59 29.60
CA ASN A 232 2.32 -22.59 28.83
C ASN A 232 2.96 -21.22 28.68
N GLY A 233 2.91 -20.38 29.70
CA GLY A 233 3.57 -19.09 29.64
C GLY A 233 4.90 -19.23 30.37
N SER A 234 5.49 -18.11 30.75
CA SER A 234 6.75 -18.18 31.46
C SER A 234 6.50 -18.30 32.95
N LEU A 235 7.50 -18.76 33.68
CA LEU A 235 7.44 -18.85 35.14
C LEU A 235 8.27 -17.79 35.79
N ALA A 236 7.88 -17.43 36.99
CA ALA A 236 8.61 -16.44 37.74
C ALA A 236 10.00 -16.96 38.05
N GLU A 237 10.96 -16.06 37.94
CA GLU A 237 12.36 -16.35 38.19
C GLU A 237 12.70 -16.70 39.62
N GLU A 238 11.94 -16.22 40.59
CA GLU A 238 12.26 -16.53 41.95
C GLU A 238 11.06 -17.00 42.71
N GLU A 239 10.10 -16.12 42.90
CA GLU A 239 8.93 -16.42 43.71
C GLU A 239 7.67 -16.01 43.02
N VAL A 240 6.57 -16.57 43.49
CA VAL A 240 5.27 -16.29 42.93
C VAL A 240 4.99 -14.81 42.99
N MET A 241 4.53 -14.27 41.87
CA MET A 241 4.26 -12.86 41.78
C MET A 241 2.80 -12.57 41.63
N ILE A 242 2.28 -11.74 42.50
CA ILE A 242 0.90 -11.36 42.38
C ILE A 242 0.87 -9.91 42.00
N ARG A 243 0.25 -9.60 40.89
CA ARG A 243 0.21 -8.23 40.45
C ARG A 243 -1.17 -7.80 39.97
N SER A 244 -1.47 -6.53 40.14
CA SER A 244 -2.72 -5.98 39.63
C SER A 244 -2.55 -4.51 39.40
N GLU A 245 -3.43 -3.93 38.60
CA GLU A 245 -3.40 -2.50 38.36
C GLU A 245 -3.64 -1.72 39.64
N ASN A 246 -4.57 -2.23 40.43
CA ASN A 246 -4.98 -1.64 41.69
C ASN A 246 -5.47 -2.73 42.63
N ILE A 247 -4.63 -3.10 43.58
CA ILE A 247 -4.90 -4.23 44.47
C ILE A 247 -6.06 -4.02 45.43
N THR A 248 -6.51 -2.78 45.60
CA THR A 248 -7.58 -2.48 46.51
C THR A 248 -8.87 -2.26 45.76
N ASN A 249 -8.84 -2.44 44.45
CA ASN A 249 -10.01 -2.23 43.62
C ASN A 249 -10.56 -3.58 43.20
N ASN A 250 -11.76 -3.92 43.65
CA ASN A 250 -12.28 -5.26 43.35
C ASN A 250 -12.76 -5.36 41.92
N ALA A 251 -12.72 -4.26 41.19
CA ALA A 251 -13.10 -4.22 39.81
C ALA A 251 -11.93 -4.59 38.91
N LYS A 252 -10.76 -4.80 39.51
CA LYS A 252 -9.59 -5.13 38.72
C LYS A 252 -9.23 -6.59 38.84
N ASN A 253 -8.63 -7.10 37.79
CA ASN A 253 -8.16 -8.47 37.81
C ASN A 253 -6.81 -8.56 38.45
N ILE A 254 -6.57 -9.69 39.10
CA ILE A 254 -5.29 -10.01 39.68
C ILE A 254 -4.63 -11.08 38.89
N LEU A 255 -3.42 -10.82 38.44
CA LEU A 255 -2.72 -11.80 37.65
C LEU A 255 -1.71 -12.47 38.53
N VAL A 256 -1.69 -13.79 38.50
CA VAL A 256 -0.74 -14.49 39.33
C VAL A 256 0.20 -15.31 38.49
N GLN A 257 1.49 -15.06 38.66
CA GLN A 257 2.51 -15.81 37.95
C GLN A 257 3.16 -16.78 38.90
N PHE A 258 3.20 -18.03 38.52
CA PHE A 258 3.75 -19.05 39.38
C PHE A 258 5.23 -19.19 39.14
N ASN A 259 5.99 -19.63 40.14
CA ASN A 259 7.41 -19.86 39.91
C ASN A 259 7.70 -21.33 39.59
N THR A 260 6.67 -22.13 39.60
CA THR A 260 6.75 -23.55 39.27
C THR A 260 5.50 -23.84 38.46
N PRO A 261 5.52 -24.75 37.51
CA PRO A 261 4.37 -25.13 36.72
C PRO A 261 3.51 -26.08 37.51
N VAL A 262 2.24 -26.17 37.16
CA VAL A 262 1.41 -27.25 37.68
C VAL A 262 1.05 -28.14 36.52
N GLN A 263 1.25 -29.43 36.65
CA GLN A 263 0.92 -30.28 35.52
C GLN A 263 -0.53 -30.62 35.45
N ILE A 264 -1.08 -30.37 34.27
CA ILE A 264 -2.47 -30.68 33.97
C ILE A 264 -2.55 -31.56 32.74
N ASN A 265 -3.21 -32.69 32.91
CA ASN A 265 -3.37 -33.67 31.84
C ASN A 265 -4.82 -33.74 31.37
N CYS A 266 -5.08 -33.28 30.18
CA CYS A 266 -6.44 -33.25 29.69
C CYS A 266 -6.66 -34.26 28.60
N THR A 267 -7.86 -34.80 28.56
CA THR A 267 -8.15 -35.72 27.52
C THR A 267 -9.56 -35.72 27.04
N ARG A 268 -9.69 -36.14 25.80
CA ARG A 268 -10.97 -36.38 25.22
C ARG A 268 -10.97 -37.86 24.82
N PRO A 269 -11.70 -38.71 25.54
CA PRO A 269 -11.82 -40.13 25.34
C PRO A 269 -12.75 -40.24 24.17
N ASN A 270 -13.06 -41.45 23.73
CA ASN A 270 -14.03 -41.69 22.65
C ASN A 270 -13.32 -41.60 21.32
N ASN A 271 -13.15 -42.73 20.64
CA ASN A 271 -12.42 -42.73 19.40
C ASN A 271 -13.38 -42.31 18.31
N ASN A 272 -13.27 -41.08 17.88
CA ASN A 272 -14.24 -40.53 16.96
C ASN A 272 -13.85 -40.69 15.52
N THR A 273 -14.84 -40.63 14.65
CA THR A 273 -14.53 -40.69 13.23
C THR A 273 -15.11 -39.48 12.55
N ARG A 274 -14.70 -39.25 11.32
CA ARG A 274 -15.21 -38.10 10.63
C ARG A 274 -15.72 -38.41 9.25
N LYS A 275 -16.88 -37.85 8.95
CA LYS A 275 -17.49 -38.01 7.65
C LYS A 275 -17.12 -36.83 6.81
N SER A 276 -17.27 -36.97 5.51
CA SER A 276 -17.02 -35.84 4.63
C SER A 276 -18.17 -35.78 3.65
N ILE A 277 -18.96 -34.74 3.78
CA ILE A 277 -20.16 -34.61 2.98
C ILE A 277 -20.06 -33.51 1.97
N ARG A 278 -20.30 -33.82 0.72
CA ARG A 278 -20.25 -32.75 -0.25
C ARG A 278 -21.60 -32.07 -0.21
N ILE A 279 -21.59 -30.80 0.16
CA ILE A 279 -22.81 -30.03 0.30
C ILE A 279 -22.99 -29.15 -0.91
N GLY A 280 -21.89 -28.93 -1.62
CA GLY A 280 -21.96 -28.14 -2.82
C GLY A 280 -20.77 -28.40 -3.75
N PRO A 281 -20.68 -27.72 -4.88
CA PRO A 281 -19.64 -27.90 -5.87
C PRO A 281 -18.30 -27.42 -5.38
N GLY A 282 -17.63 -28.30 -4.61
CA GLY A 282 -16.35 -28.02 -3.97
C GLY A 282 -16.48 -27.67 -2.49
N GLN A 283 -17.68 -27.78 -1.96
CA GLN A 283 -17.91 -27.46 -0.56
C GLN A 283 -18.16 -28.70 0.26
N TRP A 284 -17.21 -28.98 1.14
CA TRP A 284 -17.33 -30.15 1.97
C TRP A 284 -17.58 -29.80 3.42
N PHE A 285 -18.47 -30.54 4.02
CA PHE A 285 -18.82 -30.41 5.41
C PHE A 285 -18.34 -31.58 6.21
N TYR A 286 -17.79 -31.31 7.38
CA TYR A 286 -17.35 -32.42 8.19
C TYR A 286 -18.26 -32.70 9.36
N ALA A 287 -18.88 -33.87 9.29
CA ALA A 287 -19.83 -34.37 10.28
C ALA A 287 -19.14 -35.31 11.24
N THR A 288 -19.73 -35.45 12.43
CA THR A 288 -19.20 -36.40 13.40
C THR A 288 -19.89 -37.72 13.19
N GLY A 289 -19.11 -38.78 12.96
CA GLY A 289 -19.70 -40.07 12.72
C GLY A 289 -19.78 -40.87 13.99
N ASP A 290 -20.15 -42.13 13.87
CA ASP A 290 -20.30 -42.96 15.05
C ASP A 290 -19.03 -43.11 15.84
N ILE A 291 -19.20 -43.16 17.14
CA ILE A 291 -18.12 -43.29 18.08
C ILE A 291 -17.72 -44.72 18.31
N ILE A 292 -16.42 -44.94 18.29
CA ILE A 292 -15.83 -46.22 18.51
C ILE A 292 -15.52 -46.40 19.99
N GLY A 293 -16.06 -47.47 20.55
CA GLY A 293 -15.88 -47.77 21.95
C GLY A 293 -16.89 -47.00 22.78
N ASP A 294 -16.63 -46.97 24.08
CA ASP A 294 -17.54 -46.34 25.01
C ASP A 294 -17.51 -44.84 24.86
N ILE A 295 -18.61 -44.21 25.20
CA ILE A 295 -18.72 -42.78 25.22
C ILE A 295 -18.60 -42.29 26.66
N ARG A 296 -17.53 -41.57 26.89
CA ARG A 296 -17.14 -41.08 28.19
C ARG A 296 -16.94 -39.57 28.20
N GLN A 297 -16.95 -39.00 29.39
CA GLN A 297 -16.81 -37.58 29.57
C GLN A 297 -15.36 -37.11 29.49
N ALA A 298 -15.15 -35.97 28.82
CA ALA A 298 -13.83 -35.35 28.73
C ALA A 298 -13.46 -34.83 30.10
N HIS A 299 -12.17 -34.79 30.39
CA HIS A 299 -11.75 -34.32 31.70
C HIS A 299 -10.29 -33.91 31.78
N CYS A 300 -9.97 -33.20 32.86
CA CYS A 300 -8.58 -32.86 33.15
C CYS A 300 -8.12 -33.27 34.54
N ASN A 301 -6.90 -33.77 34.61
CA ASN A 301 -6.26 -34.21 35.84
C ASN A 301 -5.19 -33.27 36.33
N VAL A 302 -5.40 -32.70 37.50
CA VAL A 302 -4.43 -31.77 38.06
C VAL A 302 -3.78 -32.36 39.30
N SER A 303 -2.46 -32.41 39.35
CA SER A 303 -1.83 -33.03 40.54
C SER A 303 -2.36 -32.40 41.83
N LYS A 304 -2.83 -33.26 42.77
CA LYS A 304 -3.41 -32.70 43.99
C LYS A 304 -2.43 -31.98 44.85
N ALA A 305 -1.28 -32.61 45.06
CA ALA A 305 -0.32 -32.01 45.93
C ALA A 305 0.27 -30.80 45.31
N THR A 306 0.46 -30.84 44.00
CA THR A 306 1.11 -29.74 43.36
C THR A 306 0.22 -28.53 43.46
N TRP A 307 -1.07 -28.73 43.21
CA TRP A 307 -2.02 -27.65 43.27
C TRP A 307 -2.05 -27.07 44.67
N ASN A 308 -2.06 -27.93 45.68
CA ASN A 308 -2.10 -27.47 47.05
C ASN A 308 -0.90 -26.60 47.38
N GLU A 309 0.29 -27.06 47.00
CA GLU A 309 1.48 -26.31 47.29
C GLU A 309 1.44 -24.98 46.59
N THR A 310 0.97 -25.01 45.35
CA THR A 310 0.92 -23.84 44.54
C THR A 310 0.02 -22.80 45.14
N LEU A 311 -1.18 -23.19 45.57
CA LEU A 311 -2.02 -22.17 46.13
C LEU A 311 -1.51 -21.73 47.45
N GLY A 312 -0.85 -22.61 48.20
CA GLY A 312 -0.30 -22.21 49.47
C GLY A 312 0.67 -21.06 49.22
N LYS A 313 1.52 -21.19 48.20
CA LYS A 313 2.44 -20.11 47.89
C LYS A 313 1.68 -18.85 47.48
N VAL A 314 0.61 -19.01 46.71
CA VAL A 314 -0.14 -17.84 46.28
C VAL A 314 -0.73 -17.12 47.46
N VAL A 315 -1.34 -17.83 48.39
CA VAL A 315 -1.93 -17.12 49.49
C VAL A 315 -0.86 -16.51 50.37
N LYS A 316 0.27 -17.16 50.55
CA LYS A 316 1.27 -16.56 51.41
C LYS A 316 1.68 -15.21 50.84
N GLN A 317 1.80 -15.13 49.52
CA GLN A 317 2.09 -13.86 48.86
C GLN A 317 0.90 -12.90 48.90
N LEU A 318 -0.31 -13.43 48.76
CA LEU A 318 -1.50 -12.60 48.68
C LEU A 318 -1.69 -11.80 49.93
N ARG A 319 -1.35 -12.40 51.07
CA ARG A 319 -1.49 -11.82 52.39
C ARG A 319 -0.76 -10.52 52.57
N LYS A 320 0.15 -10.19 51.69
CA LYS A 320 0.87 -8.93 51.79
C LYS A 320 -0.09 -7.77 51.79
N HIS A 321 -1.21 -7.91 51.11
CA HIS A 321 -2.15 -6.83 50.98
C HIS A 321 -3.42 -7.00 51.81
N PHE A 322 -3.40 -7.92 52.78
CA PHE A 322 -4.57 -8.17 53.58
C PHE A 322 -4.32 -8.11 55.08
N GLY A 323 -5.38 -7.92 55.84
CA GLY A 323 -5.27 -7.73 57.28
C GLY A 323 -4.71 -8.94 58.00
N ASN A 324 -4.15 -8.65 59.17
CA ASN A 324 -3.49 -9.68 59.94
C ASN A 324 -4.39 -10.84 60.27
N ASN A 325 -3.92 -11.99 59.89
CA ASN A 325 -4.56 -13.24 60.20
C ASN A 325 -5.96 -13.23 59.70
N THR A 326 -6.19 -12.60 58.56
CA THR A 326 -7.51 -12.64 58.05
C THR A 326 -7.69 -13.99 57.45
N ILE A 327 -8.91 -14.34 57.14
CA ILE A 327 -9.14 -15.63 56.55
C ILE A 327 -9.50 -15.50 55.10
N ILE A 328 -8.70 -16.18 54.30
CA ILE A 328 -8.75 -16.20 52.86
C ILE A 328 -9.26 -17.52 52.37
N ARG A 329 -10.16 -17.46 51.40
CA ARG A 329 -10.72 -18.65 50.81
C ARG A 329 -10.65 -18.60 49.30
N PHE A 330 -10.78 -19.76 48.67
CA PHE A 330 -10.95 -19.82 47.23
C PHE A 330 -12.34 -20.37 46.95
N ALA A 331 -12.98 -19.88 45.88
CA ALA A 331 -14.35 -20.26 45.59
C ALA A 331 -14.70 -20.46 44.12
N ASN A 332 -15.84 -21.14 43.93
CA ASN A 332 -16.44 -21.40 42.64
C ASN A 332 -16.71 -20.17 41.84
N SER A 333 -16.35 -20.24 40.58
CA SER A 333 -16.46 -19.18 39.60
C SER A 333 -17.86 -18.88 39.12
N SER A 334 -18.72 -18.46 40.01
CA SER A 334 -20.09 -18.13 39.61
C SER A 334 -20.09 -17.01 38.59
N GLY A 335 -20.99 -17.11 37.62
CA GLY A 335 -21.12 -16.13 36.55
C GLY A 335 -22.16 -16.61 35.54
N GLY A 336 -22.40 -15.82 34.49
CA GLY A 336 -23.43 -16.15 33.50
C GLY A 336 -23.09 -16.94 32.21
N ASP A 337 -21.86 -17.36 31.97
CA ASP A 337 -21.62 -18.08 30.70
C ASP A 337 -20.41 -19.01 30.71
N LEU A 338 -20.19 -19.75 29.63
CA LEU A 338 -19.07 -20.69 29.61
C LEU A 338 -17.72 -20.02 29.62
N GLU A 339 -17.63 -18.86 29.01
CA GLU A 339 -16.35 -18.16 28.93
C GLU A 339 -16.14 -17.32 30.17
N VAL A 340 -17.08 -17.40 31.08
CA VAL A 340 -17.03 -16.68 32.31
C VAL A 340 -16.75 -17.63 33.45
N THR A 341 -17.44 -18.76 33.47
CA THR A 341 -17.35 -19.67 34.59
C THR A 341 -16.44 -20.86 34.39
N THR A 342 -16.12 -21.25 33.16
CA THR A 342 -15.31 -22.44 32.96
C THR A 342 -13.93 -22.09 32.45
N HIS A 343 -13.07 -23.10 32.44
CA HIS A 343 -11.74 -22.99 31.91
C HIS A 343 -11.76 -23.32 30.47
N SER A 344 -11.70 -22.31 29.62
CA SER A 344 -11.77 -22.65 28.25
C SER A 344 -10.36 -22.71 27.73
N PHE A 345 -10.16 -23.61 26.78
CA PHE A 345 -8.89 -23.74 26.07
C PHE A 345 -9.07 -24.56 24.81
N ASN A 346 -8.09 -24.53 23.93
CA ASN A 346 -8.12 -25.38 22.75
C ASN A 346 -6.93 -26.26 22.69
N CYS A 347 -7.17 -27.56 22.62
CA CYS A 347 -6.06 -28.49 22.51
C CYS A 347 -6.43 -29.68 21.64
N GLY A 348 -5.54 -30.03 20.75
CA GLY A 348 -5.77 -31.18 19.88
C GLY A 348 -6.70 -30.75 18.75
N GLY A 349 -6.99 -29.45 18.71
CA GLY A 349 -7.89 -28.83 17.78
C GLY A 349 -9.28 -28.64 18.36
N GLU A 350 -9.59 -29.24 19.51
CA GLU A 350 -10.93 -29.10 20.08
C GLU A 350 -11.03 -28.10 21.20
N PHE A 351 -12.20 -27.52 21.33
CA PHE A 351 -12.48 -26.55 22.36
C PHE A 351 -13.11 -27.15 23.58
N PHE A 352 -12.41 -26.98 24.68
CA PHE A 352 -12.79 -27.52 25.97
C PHE A 352 -13.29 -26.43 26.87
N TYR A 353 -14.28 -26.78 27.68
CA TYR A 353 -14.88 -25.96 28.71
C TYR A 353 -14.92 -26.74 30.01
N CYS A 354 -13.86 -26.65 30.82
CA CYS A 354 -13.77 -27.52 31.98
C CYS A 354 -14.22 -26.85 33.27
N ASN A 355 -14.81 -27.65 34.16
CA ASN A 355 -15.32 -27.18 35.44
C ASN A 355 -14.24 -27.17 36.51
N THR A 356 -13.82 -25.97 36.88
CA THR A 356 -12.72 -25.74 37.81
C THR A 356 -13.15 -25.53 39.23
N SER A 357 -14.42 -25.78 39.52
CA SER A 357 -14.88 -25.58 40.88
C SER A 357 -14.15 -26.52 41.83
N GLY A 358 -13.65 -27.64 41.33
CA GLY A 358 -12.92 -28.57 42.15
C GLY A 358 -11.53 -28.05 42.52
N LEU A 359 -11.07 -27.00 41.85
CA LEU A 359 -9.76 -26.46 42.18
C LEU A 359 -9.90 -25.31 43.14
N PHE A 360 -10.89 -24.47 42.91
CA PHE A 360 -11.05 -23.27 43.71
C PHE A 360 -12.00 -23.46 44.85
N ASN A 361 -11.57 -24.26 45.78
CA ASN A 361 -12.38 -24.62 46.93
C ASN A 361 -11.52 -24.83 48.17
N SER A 362 -11.26 -23.77 48.92
CA SER A 362 -10.39 -23.95 50.09
C SER A 362 -10.49 -22.84 51.12
N THR A 363 -10.02 -23.16 52.33
CA THR A 363 -9.86 -22.18 53.39
C THR A 363 -8.45 -22.30 53.93
N TRP A 364 -7.74 -21.18 54.06
CA TRP A 364 -6.34 -21.27 54.50
C TRP A 364 -6.08 -21.09 55.99
N ILE A 365 -7.11 -20.78 56.76
CA ILE A 365 -7.03 -20.63 58.22
C ILE A 365 -6.05 -19.59 58.78
N SER A 366 -4.97 -19.30 58.06
CA SER A 366 -3.87 -18.44 58.46
C SER A 366 -3.12 -19.06 59.61
N ASN A 367 -3.21 -20.40 59.66
CA ASN A 367 -2.52 -21.22 60.64
C ASN A 367 -2.73 -22.71 60.34
N THR A 368 -2.06 -23.25 59.32
CA THR A 368 -2.21 -24.66 58.98
C THR A 368 -0.88 -25.36 59.00
N SER A 369 -0.89 -26.68 59.11
CA SER A 369 0.35 -27.44 59.07
C SER A 369 1.10 -27.22 57.77
N ASP A 380 -4.88 -38.66 44.75
CA ASP A 380 -3.78 -37.69 44.55
C ASP A 380 -3.97 -37.02 43.18
N SER A 381 -5.18 -37.01 42.66
CA SER A 381 -5.43 -36.28 41.39
C SER A 381 -6.81 -35.64 41.42
N ILE A 382 -6.87 -34.33 41.28
CA ILE A 382 -8.20 -33.66 41.18
C ILE A 382 -8.64 -33.90 39.74
N THR A 383 -9.85 -34.42 39.55
CA THR A 383 -10.41 -34.61 38.22
C THR A 383 -11.46 -33.55 37.99
N LEU A 384 -11.28 -32.82 36.93
CA LEU A 384 -12.19 -31.79 36.53
C LEU A 384 -12.99 -32.31 35.35
N PRO A 385 -14.31 -32.44 35.44
CA PRO A 385 -15.11 -32.94 34.37
C PRO A 385 -15.05 -31.86 33.34
N CYS A 386 -15.14 -32.22 32.09
CA CYS A 386 -15.06 -31.22 31.06
C CYS A 386 -15.93 -31.51 29.85
N ARG A 387 -16.50 -30.46 29.26
CA ARG A 387 -17.33 -30.61 28.05
C ARG A 387 -16.68 -29.94 26.87
N ILE A 388 -17.09 -30.31 25.67
CA ILE A 388 -16.51 -29.64 24.50
C ILE A 388 -17.59 -29.11 23.58
N LYS A 389 -17.19 -28.16 22.74
CA LYS A 389 -18.07 -27.56 21.75
C LYS A 389 -17.44 -27.37 20.39
N GLN A 390 -18.26 -27.32 19.35
CA GLN A 390 -17.76 -26.98 18.04
C GLN A 390 -18.11 -25.54 17.60
N ILE A 391 -19.24 -24.98 18.03
CA ILE A 391 -19.53 -23.68 17.44
C ILE A 391 -19.02 -22.60 18.34
N ILE A 392 -17.83 -22.13 18.00
CA ILE A 392 -17.10 -21.19 18.82
C ILE A 392 -17.00 -19.80 18.25
N ASN A 393 -17.43 -18.81 19.04
CA ASN A 393 -17.41 -17.40 18.69
C ASN A 393 -16.03 -16.73 18.85
N MET A 394 -15.16 -17.37 19.60
CA MET A 394 -13.80 -16.93 19.89
C MET A 394 -13.62 -15.69 20.72
N TRP A 395 -14.06 -14.55 20.23
CA TRP A 395 -13.85 -13.30 20.96
C TRP A 395 -15.06 -12.50 21.21
N GLN A 396 -15.87 -12.95 22.15
CA GLN A 396 -17.11 -12.26 22.40
C GLN A 396 -17.86 -12.19 21.08
N ARG A 397 -18.12 -11.01 20.55
CA ARG A 397 -18.87 -10.86 19.30
C ARG A 397 -20.29 -11.36 19.42
N ILE A 398 -21.07 -11.01 18.42
CA ILE A 398 -22.46 -11.39 18.37
C ILE A 398 -22.68 -12.51 17.37
N GLY A 399 -22.06 -12.36 16.23
CA GLY A 399 -22.20 -13.29 15.14
C GLY A 399 -20.94 -14.10 14.90
N GLN A 400 -20.63 -14.30 13.62
CA GLN A 400 -19.51 -15.10 13.17
C GLN A 400 -19.61 -16.52 13.75
N ALA A 401 -18.49 -17.06 14.26
CA ALA A 401 -18.32 -18.43 14.82
C ALA A 401 -17.77 -19.38 13.76
N MET A 402 -16.78 -20.17 14.19
CA MET A 402 -16.02 -21.06 13.31
C MET A 402 -16.29 -22.56 13.14
N TYR A 403 -17.32 -23.14 13.76
CA TYR A 403 -17.58 -24.59 13.67
C TYR A 403 -16.33 -25.43 13.54
N ALA A 404 -15.68 -25.72 14.64
CA ALA A 404 -14.52 -26.54 14.50
C ALA A 404 -14.97 -27.89 13.96
N PRO A 405 -14.28 -28.48 12.98
CA PRO A 405 -14.57 -29.77 12.43
C PRO A 405 -14.18 -30.78 13.48
N PRO A 406 -14.68 -32.01 13.43
CA PRO A 406 -14.32 -33.11 14.27
C PRO A 406 -12.88 -33.53 14.09
N ILE A 407 -12.31 -34.07 15.17
CA ILE A 407 -10.98 -34.64 15.19
C ILE A 407 -11.10 -36.14 15.40
N GLN A 408 -10.44 -36.92 14.56
CA GLN A 408 -10.58 -38.36 14.64
C GLN A 408 -9.67 -38.95 15.69
N GLY A 409 -10.05 -40.11 16.20
CA GLY A 409 -9.25 -40.75 17.21
C GLY A 409 -9.51 -40.07 18.53
N VAL A 410 -8.49 -39.97 19.38
CA VAL A 410 -8.64 -39.42 20.72
C VAL A 410 -7.64 -38.33 20.97
N ILE A 411 -7.90 -37.52 21.99
CA ILE A 411 -7.00 -36.42 22.31
C ILE A 411 -6.33 -36.52 23.66
N ARG A 412 -5.02 -36.37 23.65
CA ARG A 412 -4.23 -36.35 24.87
C ARG A 412 -3.38 -35.08 24.91
N CYS A 413 -3.58 -34.27 25.95
CA CYS A 413 -2.84 -33.03 26.09
C CYS A 413 -2.20 -32.85 27.46
N VAL A 414 -0.96 -32.45 27.50
CA VAL A 414 -0.35 -32.14 28.78
C VAL A 414 0.16 -30.73 28.75
N SER A 415 -0.32 -29.91 29.66
CA SER A 415 0.07 -28.51 29.69
C SER A 415 0.65 -28.08 31.02
N ASN A 416 1.33 -26.94 30.98
CA ASN A 416 1.90 -26.32 32.16
C ASN A 416 1.04 -25.20 32.67
N ILE A 417 0.43 -25.32 33.84
CA ILE A 417 -0.32 -24.17 34.27
C ILE A 417 0.75 -23.24 34.76
N THR A 418 0.79 -22.03 34.23
CA THR A 418 1.81 -21.08 34.60
C THR A 418 1.25 -19.90 35.37
N GLY A 419 -0.07 -19.77 35.37
CA GLY A 419 -0.65 -18.64 36.09
C GLY A 419 -2.15 -18.64 36.16
N LEU A 420 -2.66 -17.68 36.90
CA LEU A 420 -4.08 -17.54 37.16
C LEU A 420 -4.63 -16.13 36.98
N ILE A 421 -5.91 -16.01 36.63
CA ILE A 421 -6.56 -14.69 36.68
C ILE A 421 -7.69 -14.72 37.69
N LEU A 422 -7.59 -13.89 38.73
CA LEU A 422 -8.58 -13.86 39.81
C LEU A 422 -9.18 -12.51 40.15
N THR A 423 -10.38 -12.52 40.73
CA THR A 423 -10.98 -11.29 41.24
C THR A 423 -11.43 -11.38 42.70
N ARG A 424 -11.50 -10.21 43.31
CA ARG A 424 -11.99 -9.97 44.67
C ARG A 424 -13.48 -9.76 44.69
N ASP A 425 -14.09 -10.01 45.84
CA ASP A 425 -15.50 -9.70 45.98
C ASP A 425 -15.68 -8.21 46.31
N GLY A 426 -14.80 -7.63 47.17
CA GLY A 426 -14.92 -6.21 47.52
C GLY A 426 -16.08 -5.85 48.44
N GLY A 427 -16.53 -6.75 49.29
CA GLY A 427 -17.66 -6.42 50.16
C GLY A 427 -17.20 -5.68 51.40
N SER A 428 -18.13 -5.44 52.32
CA SER A 428 -17.79 -4.74 53.56
C SER A 428 -16.84 -5.63 54.30
N THR A 429 -15.88 -5.04 55.01
CA THR A 429 -14.93 -5.85 55.74
C THR A 429 -15.26 -5.91 57.22
N ASN A 430 -15.38 -7.14 57.69
CA ASN A 430 -15.67 -7.57 59.05
C ASN A 430 -14.81 -8.81 59.13
N SER A 431 -13.50 -8.60 59.11
CA SER A 431 -12.60 -9.69 58.79
C SER A 431 -13.21 -10.29 57.55
N THR A 432 -13.11 -11.59 57.42
CA THR A 432 -13.75 -12.30 56.32
C THR A 432 -13.24 -11.81 54.99
N THR A 433 -12.09 -12.27 54.58
CA THR A 433 -11.51 -11.78 53.36
C THR A 433 -12.17 -12.47 52.21
N GLU A 434 -11.98 -11.89 51.06
CA GLU A 434 -12.50 -12.40 49.84
C GLU A 434 -12.27 -13.87 49.68
N THR A 435 -13.24 -14.48 49.02
CA THR A 435 -13.21 -15.90 48.82
C THR A 435 -12.66 -16.21 47.47
N PHE A 436 -12.30 -15.16 46.76
CA PHE A 436 -11.64 -15.16 45.46
C PHE A 436 -12.16 -16.07 44.39
N ARG A 437 -12.28 -15.54 43.20
CA ARG A 437 -12.74 -16.41 42.14
C ARG A 437 -11.89 -16.24 40.92
N PRO A 438 -11.61 -17.31 40.19
CA PRO A 438 -10.91 -17.29 38.96
C PRO A 438 -11.90 -16.73 38.00
N GLY A 439 -11.45 -16.17 36.90
CA GLY A 439 -12.44 -15.77 35.92
C GLY A 439 -11.88 -15.52 34.53
N GLY A 440 -12.77 -15.03 33.67
CA GLY A 440 -12.44 -14.75 32.29
C GLY A 440 -12.10 -13.28 32.11
N GLY A 441 -12.19 -12.84 30.88
CA GLY A 441 -11.86 -11.48 30.49
C GLY A 441 -11.45 -11.59 29.06
N ASP A 442 -10.97 -10.52 28.47
CA ASP A 442 -10.60 -10.65 27.09
C ASP A 442 -9.16 -11.14 27.07
N MET A 443 -8.63 -11.34 25.89
CA MET A 443 -7.29 -11.85 25.74
C MET A 443 -6.17 -10.95 26.16
N ARG A 444 -6.44 -9.69 26.38
CA ARG A 444 -5.38 -8.80 26.71
C ARG A 444 -4.73 -9.23 28.01
N ASP A 445 -5.51 -9.78 28.93
CA ASP A 445 -4.92 -10.13 30.20
C ASP A 445 -4.06 -11.37 30.13
N ASN A 446 -4.15 -12.13 29.05
CA ASN A 446 -3.35 -13.33 28.96
C ASN A 446 -2.05 -13.04 28.28
N TRP A 447 -1.85 -11.79 27.88
CA TRP A 447 -0.65 -11.41 27.19
C TRP A 447 0.13 -10.44 27.98
N ARG A 448 -0.56 -9.55 28.70
CA ARG A 448 0.17 -8.56 29.45
C ARG A 448 1.00 -9.23 30.53
N SER A 449 0.63 -10.46 30.86
CA SER A 449 1.29 -11.29 31.84
C SER A 449 2.71 -11.63 31.41
N GLU A 450 2.99 -11.49 30.12
CA GLU A 450 4.31 -11.71 29.55
C GLU A 450 4.90 -10.37 29.10
N LEU A 451 4.05 -9.53 28.53
CA LEU A 451 4.48 -8.28 27.94
C LEU A 451 4.85 -7.23 28.92
N TYR A 452 4.56 -7.44 30.19
CA TYR A 452 4.92 -6.49 31.22
C TYR A 452 6.40 -6.19 31.22
N LYS A 453 7.21 -7.09 30.68
CA LYS A 453 8.63 -6.83 30.69
C LYS A 453 9.07 -5.85 29.61
N TYR A 454 8.21 -5.54 28.64
CA TYR A 454 8.69 -4.72 27.54
C TYR A 454 8.00 -3.39 27.29
N LYS A 455 8.80 -2.42 26.91
CA LYS A 455 8.35 -1.09 26.51
C LYS A 455 9.00 -0.68 25.20
N VAL A 456 8.29 0.02 24.34
CA VAL A 456 8.94 0.47 23.11
C VAL A 456 9.07 1.95 23.11
N VAL A 457 10.26 2.39 22.72
CA VAL A 457 10.57 3.79 22.65
C VAL A 457 11.10 4.20 21.30
N LYS A 458 10.90 5.46 21.00
CA LYS A 458 11.33 6.12 19.80
C LYS A 458 12.69 6.74 20.01
N ILE A 459 13.58 6.52 19.10
CA ILE A 459 14.90 7.09 19.24
C ILE A 459 14.90 8.51 18.71
N GLU A 460 15.46 9.43 19.48
CA GLU A 460 15.52 10.84 19.13
C GLU A 460 16.96 11.34 19.07
N PRO A 461 17.70 11.09 17.98
CA PRO A 461 19.13 11.33 17.84
C PRO A 461 19.56 12.79 17.74
N LEU A 462 18.65 13.71 17.50
CA LEU A 462 19.10 15.08 17.31
C LEU A 462 18.91 15.95 18.54
N GLY A 463 19.97 16.61 18.98
CA GLY A 463 19.83 17.51 20.12
C GLY A 463 21.00 18.49 20.24
N VAL A 464 20.89 19.41 21.20
CA VAL A 464 21.92 20.44 21.37
C VAL A 464 22.41 20.55 22.78
N ALA A 465 23.56 21.20 22.92
CA ALA A 465 24.17 21.53 24.19
C ALA A 465 25.12 22.70 23.95
N PRO A 466 25.45 23.54 24.93
CA PRO A 466 26.44 24.58 24.79
C PRO A 466 27.83 24.01 24.68
N THR A 467 28.65 24.60 23.83
CA THR A 467 30.05 24.19 23.70
C THR A 467 30.94 25.41 23.45
N ARG A 468 32.17 25.36 23.90
CA ARG A 468 33.07 26.48 23.70
C ARG A 468 33.71 26.49 22.32
N CYS A 469 32.91 26.74 21.30
CA CYS A 469 33.39 26.78 19.92
C CYS A 469 32.54 27.65 19.00
N LYS A 470 33.16 28.10 17.91
CA LYS A 470 32.50 28.84 16.84
C LYS A 470 33.04 28.40 15.50
N ARG A 471 32.25 28.57 14.45
CA ARG A 471 32.70 28.23 13.12
C ARG A 471 33.94 29.04 12.75
N GLY B 10 26.53 -1.60 21.94
CA GLY B 10 26.75 -1.54 20.50
C GLY B 10 25.71 -0.64 19.86
N PHE B 11 24.77 -0.22 20.69
CA PHE B 11 23.73 0.68 20.26
C PHE B 11 23.35 1.71 21.30
N LEU B 12 22.57 1.36 22.32
CA LEU B 12 22.18 2.40 23.28
C LEU B 12 22.92 2.37 24.59
N GLY B 13 24.01 1.65 24.68
CA GLY B 13 24.76 1.52 25.93
C GLY B 13 25.30 2.84 26.47
N ALA B 14 25.34 3.86 25.62
CA ALA B 14 25.80 5.18 26.00
C ALA B 14 24.72 6.00 26.69
N ALA B 15 23.52 5.49 26.75
CA ALA B 15 22.42 6.26 27.30
C ALA B 15 22.42 6.22 28.82
N GLY B 16 23.42 6.84 29.41
CA GLY B 16 23.61 6.79 30.84
C GLY B 16 25.01 7.26 31.09
N SER B 17 25.77 7.34 30.01
CA SER B 17 27.13 7.84 30.09
C SER B 17 26.97 9.32 30.18
N THR B 18 28.00 10.03 30.58
CA THR B 18 27.82 11.45 30.64
C THR B 18 27.76 11.94 29.22
N MET B 19 27.25 13.14 29.03
CA MET B 19 27.11 13.63 27.68
C MET B 19 28.42 13.68 26.97
N GLY B 20 29.46 14.05 27.72
CA GLY B 20 30.79 14.15 27.18
C GLY B 20 31.25 12.80 26.68
N ALA B 21 31.19 11.80 27.55
CA ALA B 21 31.65 10.46 27.17
C ALA B 21 30.86 9.92 26.00
N ALA B 22 29.58 10.23 25.98
CA ALA B 22 28.67 9.73 24.98
C ALA B 22 28.86 10.43 23.66
N SER B 23 29.65 11.48 23.61
CA SER B 23 29.83 12.20 22.37
C SER B 23 30.64 11.34 21.42
N MET B 24 31.27 10.31 21.95
CA MET B 24 32.10 9.45 21.14
C MET B 24 31.30 8.30 20.57
N THR B 25 30.01 8.22 20.88
CA THR B 25 29.20 7.12 20.40
C THR B 25 28.15 7.64 19.45
N LEU B 26 28.24 8.90 19.06
CA LEU B 26 27.17 9.43 18.23
C LEU B 26 27.06 8.62 16.95
N THR B 27 28.20 8.16 16.45
CA THR B 27 28.25 7.35 15.27
C THR B 27 27.51 6.04 15.51
N VAL B 28 27.67 5.50 16.70
CA VAL B 28 27.09 4.22 17.07
C VAL B 28 25.59 4.23 16.98
N GLN B 29 24.98 5.32 17.41
CA GLN B 29 23.53 5.40 17.35
C GLN B 29 23.04 5.87 15.99
N ALA B 30 23.73 6.84 15.38
CA ALA B 30 23.30 7.41 14.11
C ALA B 30 23.30 6.37 13.00
N ARG B 31 24.26 5.45 13.05
CA ARG B 31 24.41 4.45 12.01
C ARG B 31 23.28 3.43 11.97
N ASN B 32 22.46 3.36 13.02
CA ASN B 32 21.40 2.37 13.04
C ASN B 32 20.07 2.90 12.55
N LEU B 33 20.02 4.16 12.15
CA LEU B 33 18.74 4.75 11.79
C LEU B 33 18.07 4.19 10.55
N LEU B 34 18.85 3.73 9.58
CA LEU B 34 18.26 3.19 8.36
C LEU B 34 18.23 1.67 8.38
N SER B 35 18.55 1.07 9.52
CA SER B 35 18.58 -0.37 9.64
C SER B 35 17.29 -0.99 9.16
N PRO B 48 11.24 -13.84 0.40
CA PRO B 48 10.50 -15.07 0.20
C PRO B 48 9.54 -15.28 1.34
N GLU B 49 8.44 -15.98 1.09
CA GLU B 49 7.43 -16.33 2.08
C GLU B 49 6.63 -15.12 2.53
N CYS B 50 7.27 -14.14 3.17
CA CYS B 50 6.59 -12.89 3.54
C CYS B 50 6.31 -12.14 2.27
N GLN B 51 7.16 -12.44 1.30
CA GLN B 51 7.10 -11.89 -0.02
C GLN B 51 5.76 -12.25 -0.66
N GLN B 52 5.21 -13.43 -0.35
CA GLN B 52 3.95 -13.81 -0.92
C GLN B 52 2.83 -13.49 0.05
N HIS B 53 3.10 -13.61 1.35
CA HIS B 53 2.09 -13.38 2.37
C HIS B 53 1.59 -11.95 2.34
N LEU B 54 2.48 -10.99 2.17
CA LEU B 54 2.07 -9.59 2.19
C LEU B 54 1.34 -9.15 0.92
N LEU B 55 1.29 -10.00 -0.10
CA LEU B 55 0.61 -9.67 -1.33
C LEU B 55 -0.80 -10.23 -1.32
N LYS B 56 -1.15 -10.84 -0.20
CA LYS B 56 -2.45 -11.40 0.03
C LYS B 56 -2.82 -10.81 1.35
N LEU B 57 -4.09 -10.63 1.66
CA LEU B 57 -4.37 -10.09 3.00
C LEU B 57 -3.47 -8.86 3.15
N THR B 58 -3.58 -8.00 2.15
CA THR B 58 -2.71 -6.87 1.93
C THR B 58 -2.74 -5.80 2.98
N VAL B 59 -3.64 -5.91 3.96
CA VAL B 59 -3.59 -4.96 5.04
C VAL B 59 -2.23 -5.09 5.73
N TRP B 60 -1.65 -6.30 5.70
CA TRP B 60 -0.36 -6.45 6.32
C TRP B 60 0.67 -5.70 5.51
N GLY B 61 0.47 -5.68 4.18
CA GLY B 61 1.36 -4.99 3.27
C GLY B 61 1.29 -3.50 3.55
N ILE B 62 0.09 -3.02 3.88
CA ILE B 62 -0.09 -1.61 4.18
C ILE B 62 0.66 -1.29 5.43
N LYS B 63 0.56 -2.12 6.46
CA LYS B 63 1.28 -1.79 7.66
C LYS B 63 2.78 -1.75 7.43
N GLN B 64 3.30 -2.68 6.62
CA GLN B 64 4.74 -2.66 6.40
C GLN B 64 5.15 -1.47 5.58
N LEU B 65 4.35 -1.09 4.60
CA LEU B 65 4.71 0.07 3.82
C LEU B 65 4.63 1.30 4.66
N GLN B 66 3.65 1.40 5.54
CA GLN B 66 3.58 2.58 6.36
C GLN B 66 4.80 2.68 7.23
N ALA B 67 5.23 1.56 7.81
CA ALA B 67 6.39 1.62 8.67
C ALA B 67 7.64 2.06 7.93
N ARG B 68 7.81 1.56 6.71
CA ARG B 68 9.00 1.90 5.96
C ARG B 68 8.99 3.37 5.59
N VAL B 69 7.83 3.85 5.19
CA VAL B 69 7.73 5.22 4.79
C VAL B 69 7.98 6.15 5.94
N LEU B 70 7.42 5.84 7.09
CA LEU B 70 7.63 6.71 8.22
C LEU B 70 9.07 6.76 8.64
N ALA B 71 9.78 5.63 8.58
CA ALA B 71 11.18 5.68 8.94
C ALA B 71 11.93 6.62 8.02
N VAL B 72 11.58 6.58 6.74
CA VAL B 72 12.22 7.46 5.79
C VAL B 72 11.89 8.90 6.08
N GLU B 73 10.63 9.20 6.36
CA GLU B 73 10.29 10.59 6.59
C GLU B 73 11.02 11.14 7.78
N ARG B 74 11.15 10.36 8.85
CA ARG B 74 11.84 10.88 10.01
C ARG B 74 13.28 11.15 9.70
N TYR B 75 13.89 10.24 8.97
CA TYR B 75 15.28 10.39 8.60
C TYR B 75 15.46 11.67 7.82
N LEU B 76 14.62 11.89 6.83
CA LEU B 76 14.78 13.07 6.03
C LEU B 76 14.54 14.33 6.80
N ARG B 77 13.59 14.34 7.74
CA ARG B 77 13.42 15.57 8.48
C ARG B 77 14.66 15.88 9.30
N ASP B 78 15.33 14.87 9.87
CA ASP B 78 16.54 15.20 10.60
C ASP B 78 17.59 15.77 9.67
N GLN B 79 17.67 15.23 8.47
CA GLN B 79 18.66 15.73 7.54
C GLN B 79 18.32 17.13 7.09
N GLN B 80 17.04 17.42 6.96
CA GLN B 80 16.62 18.73 6.56
C GLN B 80 16.95 19.75 7.62
N LEU B 81 16.82 19.37 8.89
CA LEU B 81 17.17 20.30 9.95
C LEU B 81 18.66 20.56 9.97
N LEU B 82 19.44 19.54 9.75
CA LEU B 82 20.87 19.77 9.74
C LEU B 82 21.22 20.62 8.53
N GLY B 83 20.54 20.40 7.41
CA GLY B 83 20.79 21.18 6.22
C GLY B 83 20.54 22.66 6.45
N ILE B 84 19.35 22.98 6.95
CA ILE B 84 18.96 24.36 7.19
C ILE B 84 19.85 25.06 8.20
N TRP B 85 20.43 24.34 9.16
CA TRP B 85 21.31 24.94 10.14
C TRP B 85 22.77 25.00 9.71
N GLY B 86 23.09 24.44 8.54
CA GLY B 86 24.47 24.40 8.08
C GLY B 86 25.28 23.30 8.74
N CYS B 87 24.62 22.28 9.24
CA CYS B 87 25.26 21.18 9.93
C CYS B 87 25.07 19.87 9.19
N SER B 88 24.86 19.94 7.90
CA SER B 88 24.74 18.73 7.12
C SER B 88 26.11 18.26 6.78
N GLY B 89 26.44 17.12 7.33
CA GLY B 89 27.76 16.56 7.23
C GLY B 89 28.32 16.71 8.62
N LYS B 90 28.95 15.64 9.08
CA LYS B 90 29.52 15.53 10.41
C LYS B 90 28.43 15.38 11.45
N LEU B 91 28.82 14.89 12.63
CA LEU B 91 27.87 14.71 13.68
C LEU B 91 27.87 15.86 14.66
N ILE B 92 28.95 16.65 14.68
CA ILE B 92 29.01 17.77 15.61
C ILE B 92 29.30 19.08 14.89
N CYS B 93 28.48 20.11 15.11
CA CYS B 93 28.76 21.40 14.49
C CYS B 93 28.52 22.57 15.43
N CYS B 94 29.39 23.58 15.33
CA CYS B 94 29.25 24.79 16.12
C CYS B 94 28.47 25.73 15.24
N THR B 95 27.45 26.42 15.78
CA THR B 95 26.58 27.26 14.94
C THR B 95 26.62 28.76 15.17
N ASN B 96 27.47 29.19 16.09
CA ASN B 96 27.69 30.58 16.48
C ASN B 96 26.52 31.29 17.15
N VAL B 97 25.55 30.55 17.65
CA VAL B 97 24.46 31.16 18.38
C VAL B 97 24.84 31.12 19.85
N PRO B 98 24.96 32.25 20.54
CA PRO B 98 25.38 32.30 21.93
C PRO B 98 24.45 31.48 22.74
N TRP B 99 24.98 30.77 23.73
CA TRP B 99 24.10 30.01 24.57
C TRP B 99 23.51 31.00 25.54
N ASN B 100 22.21 30.97 25.68
CA ASN B 100 21.54 31.84 26.61
C ASN B 100 21.40 31.13 27.94
N SER B 101 22.10 31.62 28.96
CA SER B 101 22.12 30.99 30.27
C SER B 101 20.84 31.33 31.04
N SER B 102 19.73 30.92 30.44
CA SER B 102 18.38 31.07 30.88
C SER B 102 17.76 29.80 30.42
N TRP B 103 18.29 29.30 29.30
CA TRP B 103 17.84 28.05 28.74
C TRP B 103 18.34 27.03 29.70
N SER B 104 19.58 27.28 30.09
CA SER B 104 20.27 26.48 31.08
C SER B 104 21.43 27.24 31.65
N ASN B 105 21.27 27.71 32.87
CA ASN B 105 22.27 28.50 33.54
C ASN B 105 23.22 27.59 34.28
N ARG B 106 23.95 26.80 33.52
CA ARG B 106 24.81 25.76 34.05
C ARG B 106 26.21 25.82 33.50
N ASN B 107 27.15 25.30 34.27
CA ASN B 107 28.53 25.22 33.82
C ASN B 107 28.73 24.00 32.94
N LEU B 108 29.73 24.03 32.07
CA LEU B 108 29.97 22.87 31.25
C LEU B 108 30.44 21.67 32.10
N SER B 109 31.11 21.96 33.22
CA SER B 109 31.57 20.91 34.10
C SER B 109 30.41 20.31 34.88
N GLU B 110 29.28 20.99 34.88
CA GLU B 110 28.09 20.55 35.58
C GLU B 110 27.23 19.73 34.65
N ILE B 111 27.32 20.00 33.35
CA ILE B 111 26.48 19.26 32.43
C ILE B 111 27.24 18.24 31.57
N TRP B 112 28.38 18.59 30.98
CA TRP B 112 29.03 17.64 30.08
C TRP B 112 29.70 16.53 30.83
N ASP B 113 30.21 16.89 32.00
CA ASP B 113 30.91 15.92 32.83
C ASP B 113 30.01 15.19 33.80
N ASN B 114 28.91 15.80 34.21
CA ASN B 114 28.04 15.15 35.18
C ASN B 114 26.66 14.67 34.72
N MET B 115 26.13 15.19 33.62
CA MET B 115 24.80 14.79 33.18
C MET B 115 24.89 13.86 32.01
N THR B 116 23.87 13.04 31.87
CA THR B 116 23.74 12.15 30.73
C THR B 116 22.89 12.85 29.69
N TRP B 117 22.84 12.32 28.47
CA TRP B 117 22.00 12.98 27.48
C TRP B 117 20.53 12.85 27.80
N LEU B 118 20.12 11.79 28.48
CA LEU B 118 18.71 11.68 28.80
C LEU B 118 18.31 12.78 29.76
N GLN B 119 19.17 13.05 30.74
CA GLN B 119 18.88 14.07 31.71
C GLN B 119 18.88 15.44 31.09
N TRP B 120 19.85 15.66 30.22
CA TRP B 120 20.00 16.93 29.55
C TRP B 120 18.82 17.21 28.66
N ASP B 121 18.38 16.20 27.91
CA ASP B 121 17.28 16.42 27.01
C ASP B 121 16.09 16.90 27.81
N LYS B 122 15.88 16.34 29.00
CA LYS B 122 14.79 16.81 29.81
C LYS B 122 15.03 18.24 30.29
N GLU B 123 16.26 18.52 30.71
CA GLU B 123 16.63 19.81 31.28
C GLU B 123 16.28 20.98 30.38
N ILE B 124 16.50 20.83 29.08
CA ILE B 124 16.21 21.92 28.16
C ILE B 124 15.17 21.57 27.12
N SER B 125 14.27 20.65 27.43
CA SER B 125 13.32 20.23 26.41
C SER B 125 12.45 21.35 25.89
N ASN B 126 12.17 22.34 26.72
CA ASN B 126 11.28 23.39 26.33
C ASN B 126 11.92 24.55 25.62
N TYR B 127 13.19 24.40 25.27
CA TYR B 127 13.85 25.44 24.50
C TYR B 127 14.17 24.91 23.12
N THR B 128 13.72 23.69 22.81
CA THR B 128 14.11 23.09 21.55
C THR B 128 13.81 23.98 20.36
N GLN B 129 12.61 24.52 20.36
CA GLN B 129 12.10 25.35 19.29
C GLN B 129 12.70 26.74 19.26
N ILE B 130 13.31 27.15 20.37
CA ILE B 130 13.87 28.47 20.46
C ILE B 130 15.19 28.39 19.77
N ILE B 131 15.91 27.38 20.14
CA ILE B 131 17.21 27.19 19.61
C ILE B 131 17.12 26.91 18.15
N TYR B 132 16.20 26.04 17.73
CA TYR B 132 16.15 25.74 16.33
C TYR B 132 15.86 26.98 15.50
N GLY B 133 14.95 27.86 15.95
CA GLY B 133 14.70 29.05 15.14
C GLY B 133 15.96 29.92 15.02
N LEU B 134 16.72 30.02 16.12
CA LEU B 134 17.93 30.81 16.11
C LEU B 134 18.97 30.19 15.19
N LEU B 135 19.03 28.87 15.17
CA LEU B 135 19.99 28.21 14.32
C LEU B 135 19.70 28.46 12.86
N GLU B 136 18.41 28.48 12.50
CA GLU B 136 18.06 28.71 11.12
C GLU B 136 18.51 30.11 10.71
N GLU B 137 18.32 31.08 11.61
CA GLU B 137 18.71 32.43 11.23
C GLU B 137 20.21 32.57 11.17
N SER B 138 20.95 31.90 12.07
CA SER B 138 22.39 32.04 12.02
C SER B 138 22.84 31.61 10.64
N GLN B 139 22.29 30.52 10.14
CA GLN B 139 22.68 30.07 8.84
C GLN B 139 22.22 31.05 7.76
N ASN B 140 21.03 31.63 7.90
CA ASN B 140 20.58 32.55 6.87
C ASN B 140 21.52 33.73 6.76
N GLN B 141 22.03 34.20 7.89
CA GLN B 141 22.93 35.32 7.87
C GLN B 141 24.26 34.93 7.29
N GLN B 142 24.72 33.73 7.60
CA GLN B 142 26.00 33.31 7.09
C GLN B 142 25.98 33.16 5.58
N GLU B 143 24.88 32.61 5.03
CA GLU B 143 24.84 32.45 3.59
C GLU B 143 24.71 33.78 2.92
N LYS B 144 23.95 34.69 3.53
CA LYS B 144 23.81 36.00 2.97
C LYS B 144 25.16 36.66 2.90
N ASN B 145 25.92 36.57 3.99
CA ASN B 145 27.20 37.23 4.01
C ASN B 145 28.09 36.71 2.93
N GLU B 146 28.09 35.40 2.69
CA GLU B 146 28.98 34.90 1.68
C GLU B 146 28.54 35.36 0.30
N GLN B 147 27.25 35.40 0.05
CA GLN B 147 26.80 35.83 -1.25
C GLN B 147 27.09 37.31 -1.46
N ASP B 148 26.99 38.09 -0.39
CA ASP B 148 27.26 39.52 -0.48
C ASP B 148 28.74 39.75 -0.74
N LEU B 149 29.61 38.95 -0.13
CA LEU B 149 31.04 39.09 -0.37
C LEU B 149 31.32 38.78 -1.83
N LEU B 150 30.61 37.77 -2.34
CA LEU B 150 30.71 37.34 -3.71
C LEU B 150 29.60 36.33 -3.97
N GLN C 1 7.74 -31.22 58.45
CA GLN C 1 7.75 -31.57 57.04
C GLN C 1 9.17 -31.53 56.50
N VAL C 2 9.62 -30.36 56.10
CA VAL C 2 10.95 -30.17 55.56
C VAL C 2 11.98 -30.08 56.65
N GLN C 3 13.05 -30.82 56.49
CA GLN C 3 14.14 -30.78 57.44
C GLN C 3 15.44 -30.45 56.74
N LEU C 4 16.12 -29.44 57.24
CA LEU C 4 17.39 -29.07 56.65
C LEU C 4 18.52 -29.54 57.55
N GLN C 5 19.64 -29.97 56.96
CA GLN C 5 20.78 -30.33 57.81
C GLN C 5 22.15 -30.03 57.24
N GLU C 6 22.86 -29.15 57.94
CA GLU C 6 24.18 -28.72 57.57
C GLU C 6 25.29 -29.71 57.95
N SER C 7 26.33 -29.74 57.11
CA SER C 7 27.53 -30.47 57.44
C SER C 7 28.75 -29.85 56.76
N GLY C 8 29.92 -30.10 57.33
CA GLY C 8 31.15 -29.60 56.74
C GLY C 8 32.16 -29.32 57.84
N PRO C 9 33.34 -28.80 57.53
CA PRO C 9 34.42 -28.55 58.45
C PRO C 9 34.04 -27.62 59.56
N ALA C 10 34.44 -27.97 60.78
CA ALA C 10 34.21 -27.09 61.91
C ALA C 10 35.32 -26.07 61.96
N VAL C 11 36.49 -26.47 61.47
CA VAL C 11 37.61 -25.57 61.48
C VAL C 11 38.21 -25.53 60.09
N VAL C 12 38.43 -24.32 59.64
CA VAL C 12 39.03 -24.01 58.35
C VAL C 12 40.20 -23.11 58.69
N GLN C 13 41.31 -23.21 57.99
CA GLN C 13 42.42 -22.33 58.36
C GLN C 13 42.25 -21.03 57.57
N PRO C 14 42.85 -19.93 58.00
CA PRO C 14 42.83 -18.70 57.28
C PRO C 14 43.35 -18.94 55.89
N SER C 15 42.75 -18.27 54.94
CA SER C 15 43.04 -18.31 53.50
C SER C 15 42.41 -19.50 52.78
N GLU C 16 41.94 -20.50 53.51
CA GLU C 16 41.38 -21.68 52.88
C GLU C 16 39.93 -21.47 52.48
N THR C 17 39.35 -22.47 51.84
CA THR C 17 37.97 -22.37 51.43
C THR C 17 37.08 -23.16 52.37
N LEU C 18 36.02 -22.53 52.80
CA LEU C 18 35.04 -23.16 53.66
C LEU C 18 33.94 -23.72 52.81
N SER C 19 33.59 -24.98 53.02
CA SER C 19 32.52 -25.58 52.24
C SER C 19 31.50 -26.28 53.12
N LEU C 20 30.29 -25.72 53.15
CA LEU C 20 29.21 -26.31 53.96
C LEU C 20 28.06 -26.78 53.09
N THR C 21 27.61 -27.98 53.36
CA THR C 21 26.50 -28.56 52.63
C THR C 21 25.27 -28.71 53.47
N CYS C 22 24.15 -28.27 52.95
CA CYS C 22 22.88 -28.38 53.62
C CYS C 22 21.95 -29.37 52.93
N ALA C 23 21.83 -30.54 53.52
CA ALA C 23 21.02 -31.57 52.92
C ALA C 23 19.57 -31.21 53.09
N VAL C 24 18.75 -31.56 52.11
CA VAL C 24 17.33 -31.32 52.24
C VAL C 24 16.55 -32.61 52.22
N SER C 25 15.67 -32.77 53.19
CA SER C 25 14.80 -33.92 53.21
C SER C 25 13.42 -33.41 53.55
N GLY C 26 12.39 -34.18 53.20
CA GLY C 26 11.03 -33.76 53.51
C GLY C 26 10.49 -32.80 52.44
N GLY C 27 11.21 -32.67 51.35
CA GLY C 27 10.86 -31.80 50.23
C GLY C 27 11.98 -31.81 49.21
N SER C 28 11.73 -31.21 48.05
CA SER C 28 12.74 -31.18 47.00
C SER C 28 13.54 -29.91 46.90
N ILE C 29 14.81 -30.10 46.61
CA ILE C 29 15.79 -29.06 46.39
C ILE C 29 15.42 -28.22 45.18
N SER C 30 14.69 -28.85 44.26
CA SER C 30 14.29 -28.29 42.99
C SER C 30 13.03 -27.46 43.07
N GLY C 31 12.44 -27.33 44.25
CA GLY C 31 11.22 -26.57 44.32
C GLY C 31 11.48 -25.06 44.24
N GLY C 32 10.41 -24.29 44.22
CA GLY C 32 10.49 -22.84 44.05
C GLY C 32 10.76 -22.09 45.34
N TYR C 33 11.85 -22.45 45.99
CA TYR C 33 12.26 -21.90 47.28
C TYR C 33 13.64 -21.31 47.25
N GLY C 34 13.84 -20.32 48.13
CA GLY C 34 15.15 -19.69 48.25
C GLY C 34 16.02 -20.43 49.24
N TRP C 35 17.04 -21.08 48.76
CA TRP C 35 17.88 -21.81 49.67
C TRP C 35 18.83 -20.78 50.17
N THR C 36 18.88 -20.58 51.47
CA THR C 36 19.62 -19.46 51.99
C THR C 36 20.65 -19.76 53.06
N TRP C 37 21.79 -19.12 52.92
CA TRP C 37 22.81 -19.19 53.93
C TRP C 37 22.78 -17.95 54.78
N ILE C 38 22.82 -18.17 56.08
CA ILE C 38 22.80 -17.09 57.05
C ILE C 38 23.83 -17.43 58.12
N ARG C 39 24.57 -16.48 58.65
CA ARG C 39 25.50 -16.83 59.72
C ARG C 39 25.39 -15.92 60.91
N GLN C 40 25.63 -16.46 62.08
CA GLN C 40 25.60 -15.65 63.28
C GLN C 40 26.94 -15.68 63.97
N ALA C 41 27.66 -14.58 63.88
CA ALA C 41 28.99 -14.52 64.48
C ALA C 41 28.76 -14.67 65.97
N PRO C 42 29.69 -15.26 66.74
CA PRO C 42 29.49 -15.41 68.16
C PRO C 42 29.37 -14.06 68.79
N GLY C 43 28.36 -13.89 69.63
CA GLY C 43 28.14 -12.64 70.33
C GLY C 43 27.45 -11.60 69.46
N LYS C 44 27.09 -11.97 68.24
CA LYS C 44 26.49 -11.04 67.30
C LYS C 44 25.11 -11.44 66.82
N ALA C 45 24.44 -10.46 66.23
CA ALA C 45 23.17 -10.68 65.58
C ALA C 45 23.41 -11.44 64.31
N LEU C 46 22.38 -12.11 63.86
CA LEU C 46 22.35 -12.92 62.64
C LEU C 46 22.55 -12.08 61.37
N GLU C 47 23.39 -12.57 60.45
CA GLU C 47 23.70 -11.90 59.18
C GLU C 47 23.41 -12.72 57.92
N TRP C 48 22.72 -12.12 56.95
CA TRP C 48 22.41 -12.80 55.69
C TRP C 48 23.63 -12.93 54.79
N ILE C 49 23.85 -14.11 54.21
CA ILE C 49 24.96 -14.32 53.31
C ILE C 49 24.54 -14.27 51.86
N GLY C 50 23.53 -15.07 51.54
CA GLY C 50 23.07 -15.17 50.17
C GLY C 50 22.14 -16.35 49.93
N ASN C 51 21.59 -16.41 48.72
CA ASN C 51 20.70 -17.50 48.41
C ASN C 51 20.71 -17.93 46.95
N ILE C 52 20.02 -19.04 46.70
CA ILE C 52 19.85 -19.61 45.37
C ILE C 52 18.50 -20.26 45.22
N TYR C 53 17.90 -20.21 44.03
CA TYR C 53 16.62 -20.86 43.90
C TYR C 53 16.66 -22.24 43.34
N GLY C 54 15.85 -23.09 43.93
CA GLY C 54 15.79 -24.49 43.56
C GLY C 54 15.47 -24.73 42.09
N HIS C 55 14.65 -23.88 41.49
CA HIS C 55 14.29 -24.11 40.12
C HIS C 55 14.98 -23.15 39.16
N SER C 56 15.86 -22.28 39.65
CA SER C 56 16.39 -21.29 38.73
C SER C 56 17.76 -20.67 39.03
N GLY C 57 18.48 -21.09 40.06
CA GLY C 57 19.73 -20.39 40.26
C GLY C 57 19.29 -18.98 40.60
N SER C 58 19.68 -18.03 39.77
CA SER C 58 19.25 -16.66 40.00
C SER C 58 19.52 -16.19 41.41
N THR C 59 20.76 -16.31 41.81
CA THR C 59 21.22 -16.03 43.15
C THR C 59 21.27 -14.59 43.56
N ASN C 60 21.40 -14.45 44.86
CA ASN C 60 21.54 -13.17 45.55
C ASN C 60 22.65 -13.28 46.56
N TYR C 61 23.64 -12.40 46.49
CA TYR C 61 24.73 -12.48 47.44
C TYR C 61 24.92 -11.18 48.16
N LYS C 62 25.39 -11.22 49.40
CA LYS C 62 25.79 -9.98 50.04
C LYS C 62 26.91 -9.49 49.15
N SER C 63 26.86 -8.23 48.75
CA SER C 63 27.85 -7.76 47.80
C SER C 63 29.28 -7.82 48.29
N SER C 64 29.49 -7.67 49.58
CA SER C 64 30.84 -7.68 50.10
C SER C 64 31.51 -9.03 50.01
N LEU C 65 30.73 -10.07 49.81
CA LEU C 65 31.24 -11.40 49.72
C LEU C 65 31.27 -11.91 48.30
N LYS C 66 30.81 -11.13 47.33
CA LYS C 66 30.63 -11.67 45.98
C LYS C 66 31.92 -12.15 45.32
N ARG C 67 33.05 -11.60 45.72
CA ARG C 67 34.31 -12.00 45.12
C ARG C 67 34.89 -13.27 45.77
N ARG C 68 34.30 -13.71 46.87
CA ARG C 68 34.78 -14.88 47.59
C ARG C 68 33.74 -15.99 47.68
N LEU C 69 32.48 -15.61 47.58
CA LEU C 69 31.34 -16.48 47.80
C LEU C 69 30.63 -17.05 46.59
N THR C 70 30.47 -18.37 46.60
CA THR C 70 29.69 -19.08 45.60
C THR C 70 28.63 -19.94 46.26
N ILE C 71 27.41 -19.84 45.76
CA ILE C 71 26.33 -20.68 46.24
C ILE C 71 25.85 -21.51 45.07
N SER C 72 25.70 -22.80 45.31
CA SER C 72 25.28 -23.71 44.25
C SER C 72 24.48 -24.88 44.80
N THR C 73 23.86 -25.64 43.89
CA THR C 73 23.11 -26.83 44.29
C THR C 73 23.56 -28.08 43.55
N ASP C 74 23.18 -29.22 44.10
CA ASP C 74 23.43 -30.52 43.50
C ASP C 74 22.17 -31.34 43.67
N THR C 75 21.46 -31.48 42.56
CA THR C 75 20.15 -32.07 42.59
C THR C 75 20.18 -33.57 42.73
N SER C 76 21.35 -34.19 42.55
CA SER C 76 21.42 -35.63 42.64
C SER C 76 21.45 -36.08 44.08
N LYS C 77 21.75 -35.15 44.99
CA LYS C 77 21.85 -35.45 46.40
C LYS C 77 20.82 -34.66 47.18
N ASN C 78 20.00 -33.94 46.43
CA ASN C 78 18.94 -33.09 46.97
C ASN C 78 19.57 -32.12 47.99
N GLN C 79 20.68 -31.47 47.63
CA GLN C 79 21.39 -30.61 48.58
C GLN C 79 21.84 -29.29 47.99
N PHE C 80 22.08 -28.31 48.87
CA PHE C 80 22.70 -27.07 48.44
C PHE C 80 23.93 -26.78 49.25
N SER C 81 24.83 -25.96 48.72
CA SER C 81 26.03 -25.67 49.47
C SER C 81 26.61 -24.27 49.34
N LEU C 82 27.33 -23.93 50.38
CA LEU C 82 28.04 -22.68 50.56
C LEU C 82 29.54 -22.79 50.41
N LYS C 83 30.10 -22.11 49.44
CA LYS C 83 31.54 -22.14 49.25
C LYS C 83 32.16 -20.75 49.43
N LEU C 84 32.98 -20.59 50.47
CA LEU C 84 33.58 -19.28 50.72
C LEU C 84 35.09 -19.34 50.72
N THR C 85 35.72 -18.66 49.78
CA THR C 85 37.16 -18.70 49.66
C THR C 85 37.84 -17.70 50.55
N SER C 86 39.15 -17.86 50.72
CA SER C 86 39.98 -16.92 51.44
C SER C 86 39.42 -16.53 52.79
N VAL C 87 39.06 -17.52 53.59
CA VAL C 87 38.46 -17.20 54.88
C VAL C 87 39.38 -16.49 55.85
N THR C 88 38.78 -15.65 56.65
CA THR C 88 39.52 -14.95 57.68
C THR C 88 38.90 -15.06 59.05
N ALA C 89 39.55 -14.49 60.04
CA ALA C 89 39.07 -14.59 61.42
C ALA C 89 37.66 -14.04 61.58
N ALA C 90 37.34 -13.03 60.80
CA ALA C 90 36.05 -12.35 60.81
C ALA C 90 34.92 -13.24 60.30
N ASP C 91 35.26 -14.36 59.68
CA ASP C 91 34.27 -15.27 59.14
C ASP C 91 33.87 -16.32 60.18
N THR C 92 34.42 -16.23 61.40
CA THR C 92 33.99 -17.20 62.41
C THR C 92 32.54 -16.91 62.73
N ALA C 93 31.72 -17.93 62.64
CA ALA C 93 30.28 -17.80 62.88
C ALA C 93 29.62 -19.13 62.92
N VAL C 94 28.39 -19.17 63.39
CA VAL C 94 27.67 -20.40 63.18
C VAL C 94 26.84 -20.20 61.95
N TYR C 95 27.05 -21.08 61.02
CA TYR C 95 26.41 -21.00 59.74
C TYR C 95 25.20 -21.85 59.74
N TYR C 96 24.12 -21.31 59.27
CA TYR C 96 22.88 -22.03 59.18
C TYR C 96 22.38 -22.01 57.79
N CYS C 97 21.70 -23.05 57.43
CA CYS C 97 21.00 -23.03 56.19
C CYS C 97 19.53 -22.85 56.52
N ALA C 98 18.81 -22.20 55.61
CA ALA C 98 17.39 -21.98 55.79
C ALA C 98 16.64 -21.95 54.47
N ARG C 99 15.35 -22.19 54.56
CA ARG C 99 14.47 -22.19 53.41
C ARG C 99 13.52 -21.02 53.45
N TRP C 100 13.76 -20.10 52.52
CA TRP C 100 13.05 -18.86 52.36
C TRP C 100 11.83 -19.03 51.50
N SER C 101 10.72 -18.56 52.02
CA SER C 101 9.49 -18.60 51.29
C SER C 101 8.66 -17.35 51.50
N THR C 102 8.55 -16.59 50.44
CA THR C 102 7.77 -15.38 50.31
C THR C 102 8.13 -14.22 51.23
N ALA C 103 7.96 -14.43 52.54
CA ALA C 103 8.22 -13.37 53.50
C ALA C 103 9.02 -13.84 54.70
N ASP C 104 9.33 -15.12 54.79
CA ASP C 104 10.04 -15.58 55.97
C ASP C 104 10.81 -16.87 55.71
N PHE C 105 11.49 -17.38 56.71
CA PHE C 105 12.23 -18.62 56.59
C PHE C 105 11.44 -19.67 57.33
N ASP C 106 10.83 -20.54 56.55
CA ASP C 106 9.91 -21.53 57.10
C ASP C 106 10.68 -22.62 57.77
N TYR C 107 11.82 -22.96 57.19
CA TYR C 107 12.60 -24.04 57.75
C TYR C 107 14.04 -23.65 57.97
N TRP C 108 14.59 -24.19 59.04
CA TRP C 108 15.97 -23.96 59.44
C TRP C 108 16.65 -25.27 59.75
N GLY C 109 17.96 -25.28 59.58
CA GLY C 109 18.75 -26.43 59.97
C GLY C 109 19.23 -26.28 61.41
N GLN C 110 20.34 -26.92 61.74
CA GLN C 110 20.86 -26.91 63.11
C GLN C 110 22.04 -25.97 63.24
N GLY C 111 22.77 -25.84 62.15
CA GLY C 111 23.92 -24.99 62.04
C GLY C 111 25.25 -25.68 62.30
N VAL C 112 26.31 -25.11 61.73
CA VAL C 112 27.66 -25.60 61.93
C VAL C 112 28.48 -24.48 62.50
N LEU C 113 29.09 -24.69 63.64
CA LEU C 113 29.89 -23.62 64.16
C LEU C 113 31.24 -23.73 63.53
N VAL C 114 31.63 -22.69 62.81
CA VAL C 114 32.86 -22.68 62.10
C VAL C 114 33.83 -21.67 62.64
N THR C 115 35.00 -22.17 62.97
CA THR C 115 36.10 -21.36 63.47
C THR C 115 37.17 -21.24 62.42
N VAL C 116 37.68 -20.04 62.23
CA VAL C 116 38.76 -19.93 61.26
C VAL C 116 40.04 -19.85 62.09
N SER C 117 40.88 -20.86 61.95
CA SER C 117 42.09 -20.97 62.76
C SER C 117 43.14 -21.91 62.19
N SER C 118 44.39 -21.48 62.22
CA SER C 118 45.50 -22.28 61.74
C SER C 118 45.42 -23.70 62.28
N ASP D 1 22.25 0.13 51.98
CA ASP D 1 21.56 -0.90 52.71
C ASP D 1 20.47 -0.35 53.60
N ILE D 2 19.51 -1.19 53.91
CA ILE D 2 18.44 -0.82 54.80
C ILE D 2 18.86 -1.32 56.14
N VAL D 3 18.98 -0.44 57.11
CA VAL D 3 19.47 -0.86 58.40
C VAL D 3 18.37 -1.00 59.41
N MET D 4 18.36 -2.14 60.10
CA MET D 4 17.34 -2.38 61.09
C MET D 4 17.88 -2.25 62.50
N THR D 5 17.11 -1.63 63.36
CA THR D 5 17.49 -1.57 64.76
C THR D 5 16.34 -1.98 65.64
N GLN D 6 16.62 -2.23 66.91
CA GLN D 6 15.58 -2.61 67.85
C GLN D 6 15.70 -1.89 69.18
N SER D 7 14.56 -1.68 69.81
CA SER D 7 14.51 -1.07 71.11
C SER D 7 13.37 -1.64 71.96
N PRO D 8 13.65 -2.04 73.19
CA PRO D 8 14.90 -1.99 73.94
C PRO D 8 15.84 -3.06 73.47
N SER D 9 17.10 -2.99 73.91
CA SER D 9 18.04 -4.07 73.63
C SER D 9 17.72 -5.28 74.52
N SER D 10 17.07 -5.02 75.65
CA SER D 10 16.65 -6.08 76.54
C SER D 10 15.40 -5.64 77.27
N LEU D 11 14.62 -6.62 77.71
CA LEU D 11 13.40 -6.37 78.43
C LEU D 11 13.24 -7.34 79.59
N SER D 12 12.82 -6.87 80.75
CA SER D 12 12.58 -7.80 81.86
C SER D 12 11.08 -7.97 82.04
N ALA D 13 10.65 -9.21 82.25
CA ALA D 13 9.22 -9.46 82.42
C ALA D 13 8.88 -10.68 83.26
N SER D 14 7.62 -10.72 83.72
CA SER D 14 7.10 -11.87 84.43
C SER D 14 6.16 -12.65 83.53
N VAL D 15 5.84 -13.86 83.97
CA VAL D 15 4.90 -14.66 83.23
C VAL D 15 3.52 -14.07 83.43
N GLY D 16 2.83 -13.90 82.32
CA GLY D 16 1.50 -13.33 82.27
C GLY D 16 1.54 -11.88 81.85
N ASP D 17 2.72 -11.28 81.85
CA ASP D 17 2.84 -9.89 81.43
C ASP D 17 2.64 -9.72 79.95
N THR D 18 2.19 -8.54 79.55
CA THR D 18 2.14 -8.24 78.14
C THR D 18 3.33 -7.40 77.85
N VAL D 19 4.12 -7.81 76.89
CA VAL D 19 5.31 -7.07 76.59
C VAL D 19 5.37 -6.72 75.14
N THR D 20 6.02 -5.62 74.83
CA THR D 20 6.20 -5.26 73.44
C THR D 20 7.61 -4.83 73.18
N ILE D 21 8.08 -5.05 71.96
CA ILE D 21 9.37 -4.51 71.55
C ILE D 21 9.20 -3.79 70.21
N THR D 22 10.06 -2.80 69.93
CA THR D 22 9.95 -2.06 68.69
C THR D 22 11.12 -2.24 67.75
N CYS D 23 10.79 -2.50 66.50
CA CYS D 23 11.73 -2.64 65.40
C CYS D 23 11.68 -1.42 64.49
N ARG D 24 12.84 -0.86 64.19
CA ARG D 24 12.86 0.33 63.37
C ARG D 24 13.75 0.25 62.14
N ALA D 25 13.20 0.69 61.02
CA ALA D 25 13.96 0.69 59.78
C ALA D 25 14.54 2.06 59.48
N SER D 26 15.73 2.06 58.90
CA SER D 26 16.36 3.29 58.43
C SER D 26 15.72 3.78 57.14
N GLN D 27 14.93 2.93 56.51
CA GLN D 27 14.24 3.25 55.27
C GLN D 27 12.82 2.78 55.36
N ASP D 28 11.92 3.43 54.65
CA ASP D 28 10.55 2.93 54.64
C ASP D 28 10.52 1.59 53.93
N ILE D 29 9.99 0.58 54.59
CA ILE D 29 9.91 -0.76 54.04
C ILE D 29 8.47 -1.21 53.99
N THR D 30 7.54 -0.27 53.83
CA THR D 30 6.10 -0.53 53.82
C THR D 30 5.76 -1.61 54.86
N ASN D 31 5.49 -2.84 54.45
CA ASN D 31 5.18 -3.88 55.43
C ASN D 31 6.07 -5.11 55.29
N ASP D 32 7.23 -4.99 54.69
CA ASP D 32 8.08 -6.15 54.47
C ASP D 32 8.99 -6.46 55.64
N LEU D 33 8.35 -6.74 56.77
CA LEU D 33 9.07 -7.05 57.99
C LEU D 33 8.69 -8.42 58.54
N ALA D 34 9.67 -9.16 59.04
CA ALA D 34 9.36 -10.43 59.70
C ALA D 34 9.97 -10.47 61.09
N TRP D 35 9.28 -11.16 62.01
CA TRP D 35 9.75 -11.34 63.39
C TRP D 35 10.05 -12.78 63.71
N TYR D 36 11.09 -13.00 64.53
CA TYR D 36 11.56 -14.31 64.95
C TYR D 36 11.79 -14.49 66.44
N GLN D 37 11.66 -15.73 66.91
CA GLN D 37 11.98 -16.09 68.30
C GLN D 37 13.20 -17.01 68.38
N GLN D 38 14.27 -16.53 68.97
CA GLN D 38 15.49 -17.34 69.06
C GLN D 38 15.78 -17.77 70.48
N LYS D 39 16.00 -19.05 70.63
CA LYS D 39 16.30 -19.55 71.93
C LYS D 39 17.75 -19.95 71.89
N PRO D 40 18.48 -19.89 73.00
CA PRO D 40 19.87 -20.24 73.03
C PRO D 40 20.07 -21.63 72.48
N GLY D 41 21.06 -21.77 71.63
CA GLY D 41 21.41 -23.04 71.03
C GLY D 41 20.70 -23.35 69.73
N LYS D 42 19.70 -22.56 69.32
CA LYS D 42 18.98 -22.88 68.09
C LYS D 42 18.74 -21.76 67.11
N ALA D 43 18.51 -22.17 65.86
CA ALA D 43 18.09 -21.26 64.82
C ALA D 43 16.74 -20.72 65.24
N PRO D 44 16.38 -19.48 64.91
CA PRO D 44 15.14 -18.82 65.26
C PRO D 44 13.89 -19.40 64.60
N LYS D 45 12.78 -19.33 65.33
CA LYS D 45 11.47 -19.71 64.82
C LYS D 45 10.75 -18.51 64.25
N ALA D 46 10.21 -18.65 63.05
CA ALA D 46 9.46 -17.53 62.50
C ALA D 46 8.22 -17.30 63.32
N LEU D 47 7.87 -16.04 63.56
CA LEU D 47 6.67 -15.73 64.29
C LEU D 47 5.63 -15.01 63.47
N ILE D 48 6.04 -13.88 62.91
CA ILE D 48 5.17 -12.96 62.20
C ILE D 48 5.74 -12.50 60.88
N TYR D 49 4.92 -12.42 59.85
CA TYR D 49 5.37 -11.96 58.54
C TYR D 49 4.47 -10.85 57.97
N TYR D 50 5.04 -10.05 57.10
CA TYR D 50 4.38 -8.87 56.53
C TYR D 50 3.91 -7.96 57.65
N ALA D 51 4.77 -7.76 58.64
CA ALA D 51 4.55 -6.92 59.81
C ALA D 51 3.56 -7.51 60.80
N SER D 52 2.38 -7.95 60.36
CA SER D 52 1.35 -8.43 61.28
C SER D 52 0.78 -9.86 61.14
N ASN D 53 1.10 -10.64 60.11
CA ASN D 53 0.46 -11.96 59.97
C ASN D 53 1.17 -13.05 60.76
N LEU D 54 0.41 -13.82 61.52
CA LEU D 54 0.93 -14.91 62.32
C LEU D 54 1.35 -16.09 61.45
N GLU D 55 2.50 -16.68 61.76
CA GLU D 55 2.97 -17.85 61.04
C GLU D 55 2.41 -19.13 61.65
N SER D 56 2.29 -20.15 60.85
CA SER D 56 1.78 -21.40 61.35
C SER D 56 2.60 -21.97 62.48
N GLY D 57 1.90 -22.49 63.48
CA GLY D 57 2.55 -23.09 64.62
C GLY D 57 2.82 -22.10 65.74
N VAL D 58 2.50 -20.85 65.49
CA VAL D 58 2.68 -19.77 66.44
C VAL D 58 1.40 -19.58 67.26
N PRO D 59 1.47 -19.59 68.58
CA PRO D 59 0.36 -19.36 69.48
C PRO D 59 -0.27 -18.01 69.24
N SER D 60 -1.56 -17.92 69.48
CA SER D 60 -2.38 -16.73 69.27
C SER D 60 -2.00 -15.53 70.13
N ARG D 61 -1.19 -15.74 71.15
CA ARG D 61 -0.73 -14.66 72.01
C ARG D 61 0.23 -13.72 71.26
N PHE D 62 0.77 -14.18 70.13
CA PHE D 62 1.68 -13.38 69.33
C PHE D 62 0.94 -12.55 68.29
N SER D 63 1.18 -11.27 68.33
CA SER D 63 0.55 -10.35 67.39
C SER D 63 1.48 -9.19 67.16
N GLY D 64 1.15 -8.33 66.23
CA GLY D 64 2.00 -7.18 66.00
C GLY D 64 1.43 -6.36 64.88
N SER D 65 2.02 -5.20 64.69
CA SER D 65 1.58 -4.28 63.65
C SER D 65 2.64 -3.26 63.34
N GLY D 66 2.45 -2.53 62.26
CA GLY D 66 3.36 -1.46 61.95
C GLY D 66 3.40 -1.16 60.50
N ALA D 67 4.10 -0.09 60.17
CA ALA D 67 4.23 0.30 58.79
C ALA D 67 5.40 1.26 58.57
N GLY D 68 5.93 1.20 57.38
CA GLY D 68 6.95 2.15 56.99
C GLY D 68 8.20 1.83 57.73
N THR D 69 8.51 2.64 58.73
CA THR D 69 9.70 2.40 59.50
C THR D 69 9.46 1.89 60.90
N ASP D 70 8.24 2.02 61.41
CA ASP D 70 8.01 1.69 62.82
C ASP D 70 7.13 0.47 63.05
N PHE D 71 7.71 -0.60 63.61
CA PHE D 71 6.96 -1.83 63.81
C PHE D 71 7.02 -2.39 65.23
N THR D 72 5.90 -2.92 65.71
CA THR D 72 5.86 -3.48 67.05
C THR D 72 5.45 -4.95 67.15
N LEU D 73 6.23 -5.69 67.93
CA LEU D 73 5.93 -7.08 68.25
C LEU D 73 5.29 -7.14 69.60
N THR D 74 4.12 -7.72 69.70
CA THR D 74 3.41 -7.81 70.97
C THR D 74 3.21 -9.24 71.42
N ILE D 75 3.58 -9.52 72.65
CA ILE D 75 3.33 -10.85 73.17
C ILE D 75 2.46 -10.75 74.41
N SER D 76 1.20 -11.16 74.29
CA SER D 76 0.33 -11.05 75.44
C SER D 76 0.53 -12.27 76.28
N SER D 77 0.15 -12.21 77.55
CA SER D 77 0.24 -13.39 78.39
C SER D 77 1.58 -14.09 78.22
N LEU D 78 2.67 -13.37 78.40
CA LEU D 78 3.99 -13.93 78.17
C LEU D 78 4.17 -15.22 78.96
N GLN D 79 4.61 -16.27 78.29
CA GLN D 79 4.79 -17.57 78.92
C GLN D 79 6.25 -17.83 79.27
N PRO D 80 6.59 -18.74 80.20
CA PRO D 80 7.97 -19.04 80.53
C PRO D 80 8.78 -19.53 79.33
N GLU D 81 8.09 -20.14 78.36
CA GLU D 81 8.78 -20.62 77.17
C GLU D 81 9.11 -19.49 76.20
N ASP D 82 8.64 -18.28 76.48
CA ASP D 82 8.87 -17.15 75.61
C ASP D 82 10.06 -16.31 76.03
N PHE D 83 10.80 -16.73 77.04
CA PHE D 83 11.94 -15.89 77.38
C PHE D 83 13.05 -16.28 76.43
N ALA D 84 13.07 -15.50 75.36
CA ALA D 84 13.85 -15.68 74.15
C ALA D 84 14.30 -14.36 73.59
N LEU D 85 15.16 -14.43 72.60
CA LEU D 85 15.61 -13.23 71.94
C LEU D 85 14.73 -13.01 70.75
N TYR D 86 14.32 -11.79 70.53
CA TYR D 86 13.48 -11.57 69.40
C TYR D 86 14.14 -10.70 68.39
N TYR D 87 13.98 -11.08 67.15
CA TYR D 87 14.59 -10.34 66.07
C TYR D 87 13.62 -9.92 65.05
N CYS D 88 13.92 -8.80 64.42
CA CYS D 88 13.13 -8.41 63.28
C CYS D 88 14.04 -8.32 62.07
N GLN D 89 13.49 -8.55 60.88
CA GLN D 89 14.27 -8.35 59.67
C GLN D 89 13.47 -7.80 58.52
N GLN D 90 14.17 -7.07 57.67
CA GLN D 90 13.53 -6.54 56.50
C GLN D 90 13.91 -7.35 55.30
N HIS D 91 12.94 -7.54 54.45
CA HIS D 91 13.16 -8.24 53.20
C HIS D 91 12.59 -7.44 52.06
N ASN D 92 12.68 -6.12 52.20
CA ASN D 92 12.23 -5.17 51.21
C ASN D 92 13.26 -5.13 50.11
N ASN D 93 14.52 -5.21 50.49
CA ASN D 93 15.57 -5.22 49.49
C ASN D 93 16.80 -5.96 49.99
N TYR D 94 17.82 -6.06 49.16
CA TYR D 94 19.01 -6.74 49.58
C TYR D 94 20.08 -5.81 50.11
N PRO D 95 20.91 -6.29 51.03
CA PRO D 95 20.94 -7.59 51.69
C PRO D 95 19.79 -7.73 52.65
N LEU D 96 19.35 -8.96 52.88
CA LEU D 96 18.29 -9.14 53.85
C LEU D 96 18.93 -8.73 55.13
N THR D 97 18.22 -7.95 55.91
CA THR D 97 18.86 -7.40 57.09
C THR D 97 18.13 -7.63 58.38
N PHE D 98 18.89 -8.09 59.35
CA PHE D 98 18.36 -8.39 60.67
C PHE D 98 18.74 -7.29 61.63
N GLY D 99 17.87 -7.02 62.59
CA GLY D 99 18.16 -6.08 63.64
C GLY D 99 19.07 -6.77 64.65
N PRO D 100 19.53 -6.07 65.68
CA PRO D 100 20.42 -6.58 66.71
C PRO D 100 19.80 -7.60 67.64
N GLY D 101 18.47 -7.59 67.71
CA GLY D 101 17.74 -8.48 68.59
C GLY D 101 17.44 -7.85 69.95
N THR D 102 16.33 -8.25 70.57
CA THR D 102 15.98 -7.81 71.90
C THR D 102 15.95 -9.02 72.80
N LYS D 103 16.70 -8.98 73.88
CA LYS D 103 16.69 -10.13 74.77
C LYS D 103 15.66 -10.00 75.87
N VAL D 104 14.72 -10.93 75.96
CA VAL D 104 13.73 -10.81 77.00
C VAL D 104 14.07 -11.77 78.14
N ASP D 105 14.31 -11.19 79.31
CA ASP D 105 14.70 -11.89 80.52
C ASP D 105 13.56 -12.01 81.48
N ILE D 106 13.65 -12.99 82.34
CA ILE D 106 12.60 -13.15 83.33
C ILE D 106 13.02 -12.50 84.62
N LYS D 107 12.13 -11.69 85.16
CA LYS D 107 12.43 -11.02 86.40
C LYS D 107 12.82 -12.01 87.48
N ASN E 3 30.63 38.19 -17.12
CA ASN E 3 30.24 39.03 -16.00
C ASN E 3 29.36 38.32 -15.02
N LEU E 4 28.43 37.55 -15.55
CA LEU E 4 27.52 36.81 -14.72
C LEU E 4 27.66 35.34 -15.03
N TRP E 5 27.47 34.52 -14.02
CA TRP E 5 27.53 33.08 -14.09
C TRP E 5 26.27 32.50 -13.52
N VAL E 6 25.97 31.28 -13.91
CA VAL E 6 24.79 30.66 -13.41
C VAL E 6 24.95 30.46 -11.92
N THR E 7 23.93 30.87 -11.19
CA THR E 7 23.88 30.68 -9.77
C THR E 7 22.57 29.97 -9.47
N VAL E 8 22.65 28.94 -8.67
CA VAL E 8 21.47 28.14 -8.39
C VAL E 8 20.86 28.58 -7.08
N TYR E 9 19.56 28.80 -7.11
CA TYR E 9 18.81 29.24 -5.96
C TYR E 9 17.77 28.18 -5.58
N TYR E 10 17.81 27.73 -4.32
CA TYR E 10 16.86 26.71 -3.92
C TYR E 10 15.91 27.22 -2.87
N GLY E 11 14.62 27.05 -3.10
CA GLY E 11 13.59 27.53 -2.22
C GLY E 11 12.91 28.69 -2.90
N VAL E 12 12.95 28.69 -4.22
CA VAL E 12 12.37 29.74 -5.03
C VAL E 12 10.84 29.67 -4.99
N PRO E 13 10.13 30.77 -4.68
CA PRO E 13 8.67 30.81 -4.52
C PRO E 13 7.88 30.81 -5.82
N VAL E 14 7.98 29.71 -6.55
CA VAL E 14 7.25 29.55 -7.82
C VAL E 14 6.48 28.24 -7.88
N TRP E 15 5.55 28.14 -8.82
CA TRP E 15 4.73 26.96 -8.98
C TRP E 15 4.17 26.70 -10.36
N LYS E 16 3.62 25.50 -10.52
CA LYS E 16 2.95 25.03 -11.75
C LYS E 16 1.60 24.38 -11.44
N ASP E 17 0.71 24.34 -12.42
CA ASP E 17 -0.60 23.71 -12.20
C ASP E 17 -0.43 22.27 -11.76
N ALA E 18 -1.24 21.83 -10.77
CA ALA E 18 -1.13 20.47 -10.28
C ALA E 18 -2.37 19.62 -10.47
N GLU E 19 -2.12 18.32 -10.56
CA GLU E 19 -3.14 17.30 -10.56
C GLU E 19 -2.84 16.33 -9.44
N THR E 20 -3.35 16.61 -8.25
CA THR E 20 -3.00 15.80 -7.11
C THR E 20 -4.20 15.41 -6.28
N THR E 21 -3.92 14.67 -5.23
CA THR E 21 -4.96 14.18 -4.34
C THR E 21 -4.97 14.93 -3.03
N LEU E 22 -6.11 15.46 -2.65
CA LEU E 22 -6.23 16.21 -1.40
C LEU E 22 -6.65 15.27 -0.28
N PHE E 23 -6.29 15.63 0.95
CA PHE E 23 -6.51 14.82 2.15
C PHE E 23 -7.89 14.58 2.74
N CYS E 24 -8.71 15.62 2.77
CA CYS E 24 -9.99 15.72 3.48
C CYS E 24 -9.71 15.99 4.95
N ALA E 25 -10.50 16.83 5.58
CA ALA E 25 -10.35 17.07 7.00
C ALA E 25 -11.67 17.47 7.64
N SER E 26 -11.80 17.17 8.93
CA SER E 26 -12.99 17.49 9.71
C SER E 26 -12.74 18.55 10.79
N LYS E 34 -19.36 12.04 15.87
CA LYS E 34 -20.70 11.86 15.31
C LYS E 34 -21.01 10.39 15.27
N LYS E 35 -19.97 9.59 15.44
CA LYS E 35 -19.98 8.12 15.53
C LYS E 35 -20.36 7.37 14.25
N HIS E 36 -21.53 7.70 13.73
CA HIS E 36 -22.07 7.02 12.58
C HIS E 36 -21.89 7.75 11.27
N ASN E 37 -21.56 9.03 11.31
CA ASN E 37 -21.43 9.79 10.10
C ASN E 37 -20.26 9.33 9.27
N VAL E 38 -20.52 9.07 8.00
CA VAL E 38 -19.48 8.55 7.13
C VAL E 38 -18.35 9.52 6.88
N TRP E 39 -18.60 10.82 6.87
CA TRP E 39 -17.51 11.73 6.62
C TRP E 39 -16.73 11.92 7.89
N ALA E 40 -17.44 11.81 9.01
CA ALA E 40 -16.78 11.97 10.29
C ALA E 40 -15.79 10.86 10.51
N THR E 41 -16.15 9.66 10.06
CA THR E 41 -15.25 8.56 10.25
C THR E 41 -14.28 8.44 9.09
N HIS E 42 -14.64 8.97 7.92
CA HIS E 42 -13.76 8.92 6.78
C HIS E 42 -12.52 9.75 6.95
N CYS E 43 -12.65 11.01 7.34
CA CYS E 43 -11.44 11.75 7.51
C CYS E 43 -11.42 12.37 8.88
N CYS E 44 -10.47 11.88 9.66
CA CYS E 44 -10.29 12.25 11.05
C CYS E 44 -9.31 13.39 11.17
N VAL E 45 -8.72 13.73 10.05
CA VAL E 45 -7.69 14.72 10.07
C VAL E 45 -8.39 15.94 10.56
N PRO E 46 -7.96 16.54 11.65
CA PRO E 46 -8.61 17.65 12.23
C PRO E 46 -8.38 18.89 11.47
N THR E 47 -9.36 19.76 11.51
CA THR E 47 -9.15 21.11 11.06
C THR E 47 -10.11 22.01 11.75
N ASP E 48 -9.65 23.22 12.00
CA ASP E 48 -10.35 24.32 12.66
C ASP E 48 -9.39 25.52 12.78
N PRO E 49 -8.20 25.37 13.41
CA PRO E 49 -7.23 26.42 13.59
C PRO E 49 -6.53 26.65 12.28
N ASN E 50 -7.24 27.29 11.37
CA ASN E 50 -6.73 27.52 10.04
C ASN E 50 -6.59 28.98 9.63
N PRO E 51 -5.99 29.88 10.44
CA PRO E 51 -5.65 31.24 10.06
C PRO E 51 -4.33 31.11 9.33
N GLN E 52 -4.34 30.34 8.27
CA GLN E 52 -3.15 29.98 7.54
C GLN E 52 -3.20 30.57 6.18
N GLU E 53 -4.07 31.54 6.02
CA GLU E 53 -4.25 32.18 4.75
C GLU E 53 -3.25 33.26 4.56
N ILE E 54 -2.45 33.11 3.52
CA ILE E 54 -1.41 34.06 3.24
C ILE E 54 -1.73 34.88 2.03
N HIS E 55 -1.94 36.15 2.22
CA HIS E 55 -2.28 37.01 1.11
C HIS E 55 -1.12 37.11 0.17
N LEU E 56 -1.36 37.00 -1.13
CA LEU E 56 -0.25 37.17 -2.04
C LEU E 56 -0.43 38.47 -2.76
N GLU E 57 0.55 39.33 -2.65
CA GLU E 57 0.39 40.56 -3.37
C GLU E 57 0.57 40.24 -4.83
N ASN E 58 -0.13 40.94 -5.68
CA ASN E 58 -0.02 40.77 -7.11
C ASN E 58 -0.36 39.34 -7.55
N VAL E 59 0.55 38.65 -8.22
CA VAL E 59 0.36 37.29 -8.73
C VAL E 59 -0.65 37.19 -9.88
N THR E 60 -1.89 37.58 -9.64
CA THR E 60 -2.96 37.54 -10.63
C THR E 60 -3.08 36.17 -11.28
N GLU E 61 -3.42 35.17 -10.49
CA GLU E 61 -3.45 33.82 -11.00
C GLU E 61 -4.64 33.53 -11.90
N GLU E 62 -4.42 32.69 -12.89
CA GLU E 62 -5.48 32.30 -13.80
C GLU E 62 -6.21 31.05 -13.34
N PHE E 63 -7.51 31.17 -13.22
CA PHE E 63 -8.39 30.11 -12.78
C PHE E 63 -9.33 29.66 -13.87
N ASN E 64 -9.76 28.41 -13.78
CA ASN E 64 -10.81 27.93 -14.68
C ASN E 64 -11.61 26.87 -13.98
N MET E 65 -12.74 27.27 -13.42
CA MET E 65 -13.54 26.37 -12.62
C MET E 65 -14.15 25.23 -13.40
N TRP E 66 -14.22 25.34 -14.70
CA TRP E 66 -14.91 24.35 -15.47
C TRP E 66 -13.99 23.17 -15.72
N LYS E 67 -12.73 23.33 -15.35
CA LYS E 67 -11.70 22.35 -15.54
C LYS E 67 -11.11 21.97 -14.19
N ASN E 68 -11.82 22.29 -13.11
CA ASN E 68 -11.26 22.10 -11.79
C ASN E 68 -11.26 20.64 -11.34
N ASN E 69 -10.06 20.11 -11.20
CA ASN E 69 -9.89 18.71 -10.88
C ASN E 69 -10.16 18.38 -9.41
N MET E 70 -10.51 19.38 -8.63
CA MET E 70 -10.86 19.11 -7.26
C MET E 70 -12.29 18.63 -7.25
N VAL E 71 -13.04 19.04 -8.27
CA VAL E 71 -14.43 18.69 -8.39
C VAL E 71 -14.44 17.26 -8.80
N GLU E 72 -13.54 16.95 -9.71
CA GLU E 72 -13.46 15.60 -10.18
C GLU E 72 -13.04 14.69 -9.03
N GLN E 73 -12.11 15.15 -8.19
CA GLN E 73 -11.74 14.30 -7.07
C GLN E 73 -12.94 14.08 -6.17
N MET E 74 -13.71 15.12 -5.87
CA MET E 74 -14.84 14.88 -4.98
C MET E 74 -15.78 13.87 -5.54
N HIS E 75 -16.02 13.93 -6.84
CA HIS E 75 -16.96 13.01 -7.40
C HIS E 75 -16.50 11.60 -7.16
N THR E 76 -15.26 11.33 -7.48
CA THR E 76 -14.76 9.99 -7.32
C THR E 76 -14.75 9.54 -5.87
N ASP E 77 -14.29 10.39 -4.96
CA ASP E 77 -14.18 9.97 -3.58
C ASP E 77 -15.50 9.87 -2.86
N ILE E 78 -16.44 10.74 -3.16
CA ILE E 78 -17.72 10.66 -2.50
C ILE E 78 -18.42 9.42 -2.91
N ILE E 79 -18.38 9.08 -4.19
CA ILE E 79 -19.05 7.87 -4.59
C ILE E 79 -18.38 6.70 -3.92
N SER E 80 -17.06 6.67 -3.91
CA SER E 80 -16.41 5.55 -3.28
C SER E 80 -16.79 5.45 -1.81
N LEU E 81 -16.77 6.55 -1.09
CA LEU E 81 -17.09 6.47 0.32
C LEU E 81 -18.47 5.93 0.53
N TRP E 82 -19.42 6.42 -0.26
CA TRP E 82 -20.78 5.98 -0.15
C TRP E 82 -20.88 4.47 -0.33
N ASP E 83 -20.30 3.97 -1.41
CA ASP E 83 -20.40 2.55 -1.70
C ASP E 83 -19.70 1.73 -0.65
N GLN E 84 -18.55 2.19 -0.18
CA GLN E 84 -17.82 1.42 0.79
C GLN E 84 -18.56 1.33 2.09
N SER E 85 -19.21 2.42 2.45
CA SER E 85 -19.94 2.50 3.70
C SER E 85 -21.13 1.57 3.67
N LEU E 86 -21.79 1.49 2.52
CA LEU E 86 -22.95 0.63 2.46
C LEU E 86 -22.72 -0.73 1.87
N LYS E 87 -21.53 -1.01 1.37
CA LYS E 87 -21.29 -2.33 0.88
C LYS E 87 -21.57 -3.41 1.93
N PRO E 88 -21.00 -3.38 3.16
CA PRO E 88 -21.18 -4.41 4.16
C PRO E 88 -22.49 -4.30 4.92
N CYS E 89 -23.60 -4.35 4.22
CA CYS E 89 -24.89 -4.27 4.89
C CYS E 89 -25.72 -5.53 4.65
N VAL E 90 -26.99 -5.42 4.23
CA VAL E 90 -27.76 -6.67 4.18
C VAL E 90 -27.81 -7.45 2.86
N LYS E 91 -27.82 -6.78 1.71
CA LYS E 91 -27.94 -7.48 0.42
C LYS E 91 -29.23 -8.27 0.29
N LEU E 92 -30.36 -7.55 0.21
CA LEU E 92 -31.70 -8.09 0.17
C LEU E 92 -32.08 -8.73 -1.17
N THR E 93 -31.27 -9.64 -1.65
CA THR E 93 -31.56 -10.30 -2.89
C THR E 93 -32.88 -11.05 -2.77
N PRO E 94 -33.12 -11.82 -1.69
CA PRO E 94 -34.29 -12.63 -1.45
C PRO E 94 -35.58 -11.85 -1.39
N LEU E 95 -35.54 -10.51 -1.33
CA LEU E 95 -36.78 -9.76 -1.29
C LEU E 95 -37.41 -9.69 -2.68
N CYS E 96 -36.64 -10.06 -3.70
CA CYS E 96 -37.15 -9.96 -5.06
C CYS E 96 -38.00 -11.16 -5.45
N VAL E 97 -39.25 -11.12 -5.00
CA VAL E 97 -40.27 -12.15 -5.22
C VAL E 97 -41.57 -11.57 -5.68
N THR E 98 -42.46 -12.42 -6.17
CA THR E 98 -43.77 -11.96 -6.51
C THR E 98 -44.50 -11.52 -5.27
N LEU E 99 -45.06 -10.33 -5.32
CA LEU E 99 -45.79 -9.74 -4.23
C LEU E 99 -47.29 -9.78 -4.49
N GLN E 100 -48.07 -9.97 -3.44
CA GLN E 100 -49.51 -9.93 -3.55
C GLN E 100 -49.95 -8.59 -3.00
N CYS E 101 -50.48 -7.71 -3.83
CA CYS E 101 -50.74 -6.39 -3.28
C CYS E 101 -52.13 -5.87 -3.54
N THR E 102 -52.54 -5.02 -2.61
CA THR E 102 -53.74 -4.21 -2.68
C THR E 102 -53.33 -2.78 -2.38
N ASN E 103 -54.23 -1.83 -2.52
CA ASN E 103 -53.86 -0.46 -2.16
C ASN E 103 -54.17 -0.17 -0.72
N VAL E 104 -53.46 0.78 -0.15
CA VAL E 104 -53.82 1.18 1.19
C VAL E 104 -54.99 2.12 1.07
N THR E 105 -56.09 1.75 1.69
CA THR E 105 -57.29 2.56 1.60
C THR E 105 -57.94 2.72 2.94
N ASN E 106 -57.42 3.58 3.77
CA ASN E 106 -57.99 3.74 5.10
C ASN E 106 -58.07 5.23 5.45
N ASN E 107 -57.21 5.70 6.35
CA ASN E 107 -57.27 7.08 6.75
C ASN E 107 -56.46 7.89 5.78
N ILE E 108 -56.98 8.06 4.58
CA ILE E 108 -56.20 8.68 3.53
C ILE E 108 -56.82 9.89 2.92
N THR E 109 -55.98 10.70 2.32
CA THR E 109 -56.48 11.81 1.52
C THR E 109 -56.57 11.42 0.08
N ASP E 110 -57.06 12.32 -0.73
CA ASP E 110 -57.31 11.97 -2.12
C ASP E 110 -56.05 11.98 -2.95
N ASP E 111 -55.10 12.76 -2.54
CA ASP E 111 -53.86 12.87 -3.27
C ASP E 111 -52.96 11.68 -3.02
N MET E 112 -53.36 10.80 -2.10
CA MET E 112 -52.59 9.63 -1.79
C MET E 112 -53.26 8.40 -2.33
N ARG E 113 -54.31 8.57 -3.14
CA ARG E 113 -54.95 7.37 -3.61
C ARG E 113 -54.07 6.71 -4.61
N GLY E 114 -53.78 5.45 -4.35
CA GLY E 114 -52.94 4.66 -5.21
C GLY E 114 -51.46 4.90 -4.96
N GLU E 115 -51.12 5.80 -4.03
CA GLU E 115 -49.73 6.10 -3.75
C GLU E 115 -49.07 4.99 -2.96
N LEU E 116 -49.82 4.39 -2.06
CA LEU E 116 -49.28 3.34 -1.23
C LEU E 116 -49.89 2.02 -1.50
N LYS E 117 -49.03 1.03 -1.56
CA LYS E 117 -49.43 -0.34 -1.75
C LYS E 117 -49.22 -1.09 -0.48
N ASN E 118 -50.04 -2.09 -0.29
CA ASN E 118 -49.92 -3.01 0.82
C ASN E 118 -49.65 -4.41 0.29
N CYS E 119 -48.40 -4.84 0.41
CA CYS E 119 -48.03 -6.09 -0.20
C CYS E 119 -47.63 -7.18 0.75
N SER E 120 -48.10 -8.39 0.49
CA SER E 120 -47.71 -9.53 1.29
C SER E 120 -46.89 -10.48 0.44
N PHE E 121 -46.01 -11.20 1.09
CA PHE E 121 -45.14 -12.13 0.40
C PHE E 121 -44.57 -13.22 1.28
N ASN E 122 -44.03 -14.24 0.64
CA ASN E 122 -43.37 -15.34 1.34
C ASN E 122 -41.89 -15.09 1.46
N MET E 123 -41.48 -14.73 2.65
CA MET E 123 -40.13 -14.36 2.91
C MET E 123 -39.44 -15.54 3.55
N THR E 124 -38.14 -15.63 3.40
CA THR E 124 -37.44 -16.71 4.06
C THR E 124 -37.33 -16.40 5.52
N THR E 125 -37.00 -17.42 6.28
CA THR E 125 -36.71 -17.31 7.70
C THR E 125 -35.27 -17.66 7.84
N GLU E 126 -34.76 -17.62 9.06
CA GLU E 126 -33.38 -17.99 9.31
C GLU E 126 -33.08 -19.45 9.02
N LEU E 127 -34.09 -20.31 8.94
CA LEU E 127 -33.77 -21.70 8.65
C LEU E 127 -34.01 -21.95 7.18
N ARG E 128 -33.10 -22.69 6.54
CA ARG E 128 -33.26 -22.98 5.12
C ARG E 128 -34.23 -24.13 4.90
N ASP E 129 -35.47 -23.94 5.35
CA ASP E 129 -36.52 -24.90 5.19
C ASP E 129 -37.83 -24.28 5.57
N LYS E 130 -37.77 -23.05 6.05
CA LYS E 130 -38.99 -22.37 6.46
C LYS E 130 -39.13 -21.00 5.87
N LYS E 131 -40.39 -20.66 5.62
CA LYS E 131 -40.82 -19.40 5.09
C LYS E 131 -41.78 -18.75 6.06
N GLN E 132 -41.95 -17.46 5.94
CA GLN E 132 -42.88 -16.71 6.76
C GLN E 132 -43.69 -15.76 5.91
N LYS E 133 -44.93 -15.53 6.33
CA LYS E 133 -45.74 -14.58 5.59
C LYS E 133 -45.61 -13.23 6.23
N VAL E 134 -45.12 -12.30 5.47
CA VAL E 134 -44.87 -10.97 5.94
C VAL E 134 -45.46 -9.98 5.00
N TYR E 135 -45.55 -8.74 5.44
CA TYR E 135 -46.02 -7.73 4.55
C TYR E 135 -45.34 -6.43 4.85
N SER E 136 -45.38 -5.55 3.89
CA SER E 136 -44.82 -4.21 4.01
C SER E 136 -45.59 -3.27 3.18
N LEU E 137 -45.64 -2.05 3.63
CA LEU E 137 -46.24 -1.06 2.79
C LEU E 137 -45.15 -0.57 1.88
N PHE E 138 -45.53 -0.16 0.68
CA PHE E 138 -44.61 0.38 -0.31
C PHE E 138 -45.12 1.60 -1.04
N TYR E 139 -44.19 2.40 -1.51
CA TYR E 139 -44.58 3.48 -2.39
C TYR E 139 -44.67 2.95 -3.78
N ARG E 140 -45.64 3.42 -4.54
CA ARG E 140 -45.84 2.90 -5.88
C ARG E 140 -44.64 3.12 -6.79
N LEU E 141 -43.81 4.09 -6.50
CA LEU E 141 -42.68 4.35 -7.36
C LEU E 141 -41.61 3.27 -7.32
N ASP E 142 -41.65 2.42 -6.30
CA ASP E 142 -40.70 1.32 -6.16
C ASP E 142 -41.27 -0.04 -6.59
N VAL E 143 -42.55 -0.08 -6.95
CA VAL E 143 -43.20 -1.36 -7.22
C VAL E 143 -43.82 -1.40 -8.60
N VAL E 144 -43.56 -2.46 -9.34
CA VAL E 144 -44.10 -2.55 -10.68
C VAL E 144 -45.03 -3.74 -10.86
N GLN E 145 -46.17 -3.49 -11.49
CA GLN E 145 -47.16 -4.52 -11.71
C GLN E 145 -46.73 -5.52 -12.76
N ILE E 146 -47.02 -6.77 -12.49
CA ILE E 146 -46.75 -7.86 -13.39
C ILE E 146 -47.91 -8.01 -14.35
N ASN E 147 -47.61 -8.04 -15.64
CA ASN E 147 -48.66 -8.17 -16.64
C ASN E 147 -49.81 -7.23 -16.36
N GLU E 160 -50.70 -8.99 -9.18
CA GLU E 160 -49.37 -9.31 -8.70
C GLU E 160 -48.35 -8.28 -9.13
N TYR E 161 -47.36 -8.07 -8.25
CA TYR E 161 -46.32 -7.08 -8.39
C TYR E 161 -44.92 -7.60 -8.09
N ARG E 162 -43.91 -6.91 -8.57
CA ARG E 162 -42.53 -7.21 -8.20
C ARG E 162 -41.83 -5.92 -7.86
N LEU E 163 -40.70 -6.01 -7.20
CA LEU E 163 -39.97 -4.78 -6.95
C LEU E 163 -39.34 -4.35 -8.26
N ILE E 164 -39.34 -3.05 -8.51
CA ILE E 164 -38.85 -2.57 -9.79
C ILE E 164 -37.39 -2.85 -10.12
N ASN E 165 -36.54 -2.93 -9.12
CA ASN E 165 -35.13 -3.13 -9.36
C ASN E 165 -34.77 -4.48 -9.91
N CYS E 166 -35.68 -5.45 -9.82
CA CYS E 166 -35.38 -6.82 -10.20
C CYS E 166 -35.05 -6.94 -11.68
N ASN E 167 -35.35 -5.90 -12.44
CA ASN E 167 -35.06 -5.87 -13.86
C ASN E 167 -33.55 -5.84 -14.12
N THR E 168 -32.79 -5.17 -13.24
CA THR E 168 -31.35 -5.05 -13.45
C THR E 168 -30.48 -5.40 -12.27
N SER E 169 -31.02 -5.42 -11.06
CA SER E 169 -30.13 -5.53 -9.93
C SER E 169 -30.63 -6.12 -8.66
N ALA E 170 -29.73 -6.85 -8.02
CA ALA E 170 -29.98 -7.27 -6.67
C ALA E 170 -29.70 -6.01 -5.89
N ILE E 171 -30.46 -5.73 -4.86
CA ILE E 171 -30.24 -4.48 -4.16
C ILE E 171 -29.87 -4.69 -2.74
N THR E 172 -29.36 -3.66 -2.11
CA THR E 172 -29.02 -3.85 -0.72
C THR E 172 -29.91 -3.02 0.14
N GLN E 173 -29.68 -3.11 1.42
CA GLN E 173 -30.39 -2.34 2.40
C GLN E 173 -29.39 -1.50 3.08
N ALA E 174 -29.56 -0.21 2.98
CA ALA E 174 -28.61 0.65 3.61
C ALA E 174 -28.65 0.41 5.09
N CYS E 175 -27.49 0.35 5.69
CA CYS E 175 -27.38 0.16 7.11
C CYS E 175 -27.99 1.33 7.89
N PRO E 176 -28.84 1.06 8.90
CA PRO E 176 -29.51 2.04 9.73
C PRO E 176 -28.54 2.77 10.64
N LYS E 177 -27.34 2.23 10.74
CA LYS E 177 -26.30 2.79 11.57
C LYS E 177 -25.29 3.58 10.78
N VAL E 178 -25.58 3.85 9.51
CA VAL E 178 -24.68 4.66 8.72
C VAL E 178 -25.33 6.00 8.43
N SER E 179 -24.67 7.06 8.87
CA SER E 179 -25.23 8.40 8.68
C SER E 179 -24.62 9.19 7.56
N PHE E 180 -25.50 9.75 6.76
CA PHE E 180 -25.10 10.57 5.64
C PHE E 180 -25.41 12.01 5.84
N GLU E 181 -25.54 12.42 7.09
CA GLU E 181 -25.75 13.82 7.32
C GLU E 181 -24.57 14.53 6.64
N PRO E 182 -24.78 15.52 5.78
CA PRO E 182 -23.76 16.21 5.04
C PRO E 182 -23.00 17.21 5.86
N ILE E 183 -22.24 16.72 6.81
CA ILE E 183 -21.43 17.56 7.65
C ILE E 183 -20.38 18.09 6.70
N PRO E 184 -19.90 19.32 6.83
CA PRO E 184 -18.92 19.88 5.95
C PRO E 184 -17.58 19.28 6.14
N ILE E 185 -16.83 19.17 5.06
CA ILE E 185 -15.45 18.74 5.12
C ILE E 185 -14.58 19.72 4.41
N HIS E 186 -13.32 19.73 4.77
CA HIS E 186 -12.35 20.62 4.18
C HIS E 186 -11.36 19.82 3.40
N TYR E 187 -10.80 20.35 2.33
CA TYR E 187 -9.73 19.63 1.68
C TYR E 187 -8.42 20.31 1.87
N CYS E 188 -7.39 19.51 2.06
CA CYS E 188 -6.07 20.04 2.31
C CYS E 188 -5.03 19.47 1.37
N ALA E 189 -4.13 20.30 0.89
CA ALA E 189 -3.09 19.83 0.01
C ALA E 189 -1.97 19.11 0.77
N PRO E 190 -1.34 18.09 0.15
CA PRO E 190 -0.17 17.37 0.62
C PRO E 190 1.08 18.22 0.50
N ALA E 191 2.13 17.83 1.21
CA ALA E 191 3.36 18.59 1.10
C ALA E 191 3.82 18.63 -0.33
N GLY E 192 4.31 19.81 -0.73
CA GLY E 192 4.79 20.03 -2.08
C GLY E 192 3.74 20.74 -2.91
N PHE E 193 2.53 20.84 -2.36
CA PHE E 193 1.43 21.49 -3.03
C PHE E 193 0.77 22.54 -2.17
N ALA E 194 0.13 23.48 -2.83
CA ALA E 194 -0.58 24.53 -2.13
C ALA E 194 -1.85 24.89 -2.86
N ILE E 195 -2.81 25.42 -2.13
CA ILE E 195 -4.05 25.81 -2.76
C ILE E 195 -4.19 27.31 -2.85
N LEU E 196 -4.45 27.76 -4.05
CA LEU E 196 -4.63 29.16 -4.28
C LEU E 196 -6.10 29.46 -4.31
N LYS E 197 -6.50 30.36 -3.44
CA LYS E 197 -7.88 30.77 -3.32
C LYS E 197 -8.08 32.09 -4.04
N CYS E 198 -9.12 32.18 -4.84
CA CYS E 198 -9.45 33.43 -5.51
C CYS E 198 -10.42 34.24 -4.66
N LYS E 199 -10.02 35.46 -4.30
CA LYS E 199 -10.81 36.33 -3.46
C LYS E 199 -11.47 37.44 -4.24
N ASP E 200 -11.40 37.35 -5.55
CA ASP E 200 -11.95 38.41 -6.36
C ASP E 200 -13.45 38.32 -6.24
N LYS E 201 -14.03 39.35 -5.65
CA LYS E 201 -15.45 39.34 -5.40
C LYS E 201 -16.11 39.36 -6.74
N LYS E 202 -17.13 38.54 -6.88
CA LYS E 202 -17.86 38.34 -8.12
C LYS E 202 -17.02 37.71 -9.22
N PHE E 203 -16.01 36.92 -8.86
CA PHE E 203 -15.27 36.24 -9.89
C PHE E 203 -16.25 35.32 -10.56
N ASN E 204 -16.32 35.37 -11.88
CA ASN E 204 -17.29 34.59 -12.63
C ASN E 204 -16.89 33.12 -12.69
N GLY E 205 -15.61 32.87 -12.64
CA GLY E 205 -15.10 31.52 -12.65
C GLY E 205 -13.89 31.29 -13.52
N THR E 206 -13.54 32.23 -14.38
CA THR E 206 -12.36 32.00 -15.18
C THR E 206 -11.49 33.24 -15.26
N GLY E 207 -10.24 33.04 -15.66
CA GLY E 207 -9.39 34.16 -15.94
C GLY E 207 -8.49 34.61 -14.79
N PRO E 208 -7.85 35.77 -14.96
CA PRO E 208 -6.79 36.36 -14.16
C PRO E 208 -7.24 36.98 -12.86
N CYS E 209 -7.55 36.15 -11.89
CA CYS E 209 -8.04 36.63 -10.60
C CYS E 209 -6.95 37.49 -9.94
N PRO E 210 -7.16 38.80 -9.77
CA PRO E 210 -6.20 39.77 -9.25
C PRO E 210 -5.89 39.69 -7.78
N SER E 211 -6.71 38.98 -7.02
CA SER E 211 -6.51 38.95 -5.59
C SER E 211 -6.63 37.54 -5.11
N VAL E 212 -5.50 36.98 -4.73
CA VAL E 212 -5.47 35.61 -4.32
C VAL E 212 -4.73 35.47 -3.02
N SER E 213 -4.94 34.35 -2.39
CA SER E 213 -4.22 34.00 -1.19
C SER E 213 -3.93 32.52 -1.16
N THR E 214 -2.95 32.13 -0.39
CA THR E 214 -2.60 30.72 -0.28
C THR E 214 -3.10 30.11 0.99
N VAL E 215 -3.73 28.97 0.86
CA VAL E 215 -4.19 28.24 2.01
C VAL E 215 -3.67 26.83 1.89
N GLN E 216 -3.62 26.11 3.00
CA GLN E 216 -3.24 24.72 2.85
C GLN E 216 -4.54 23.94 2.76
N CYS E 217 -5.54 24.47 3.45
CA CYS E 217 -6.86 23.87 3.53
C CYS E 217 -7.96 24.83 3.10
N THR E 218 -8.94 24.29 2.38
CA THR E 218 -10.11 25.01 1.89
C THR E 218 -11.07 25.13 3.04
N HIS E 219 -12.11 25.92 2.84
CA HIS E 219 -13.14 26.04 3.83
C HIS E 219 -13.95 24.78 3.77
N GLY E 220 -14.88 24.60 4.71
CA GLY E 220 -15.66 23.39 4.69
C GLY E 220 -16.80 23.47 3.70
N ILE E 221 -17.02 22.36 3.00
CA ILE E 221 -18.10 22.22 2.05
C ILE E 221 -18.97 21.05 2.41
N LYS E 222 -20.28 21.29 2.46
CA LYS E 222 -21.22 20.24 2.77
C LYS E 222 -21.52 19.44 1.52
N PRO E 223 -21.31 18.12 1.50
CA PRO E 223 -21.52 17.25 0.36
C PRO E 223 -22.99 16.94 0.19
N VAL E 224 -23.77 17.95 -0.11
CA VAL E 224 -25.20 17.83 -0.27
C VAL E 224 -25.53 17.39 -1.68
N VAL E 225 -26.38 16.39 -1.81
CA VAL E 225 -26.80 15.88 -3.12
C VAL E 225 -28.16 16.41 -3.53
N SER E 226 -28.24 17.02 -4.71
CA SER E 226 -29.52 17.50 -5.19
C SER E 226 -29.55 17.77 -6.69
N THR E 227 -30.77 17.94 -7.20
CA THR E 227 -30.98 18.38 -8.57
C THR E 227 -31.67 19.71 -8.53
N GLN E 228 -31.62 20.49 -9.61
CA GLN E 228 -32.34 21.75 -9.75
C GLN E 228 -31.96 22.87 -8.76
N LEU E 229 -32.19 22.62 -7.48
CA LEU E 229 -31.90 23.58 -6.44
C LEU E 229 -30.81 23.07 -5.53
N LEU E 230 -29.82 23.94 -5.39
CA LEU E 230 -28.65 23.73 -4.60
C LEU E 230 -28.97 24.15 -3.19
N LEU E 231 -28.76 23.25 -2.26
CA LEU E 231 -29.11 23.56 -0.89
C LEU E 231 -27.90 23.66 0.00
N ASN E 232 -28.00 24.56 0.95
CA ASN E 232 -27.04 24.74 2.03
C ASN E 232 -25.61 24.96 1.57
N GLY E 233 -25.41 25.70 0.48
CA GLY E 233 -24.06 26.02 0.03
C GLY E 233 -23.75 27.42 0.50
N SER E 234 -22.74 28.04 -0.08
CA SER E 234 -22.41 29.39 0.32
C SER E 234 -23.22 30.40 -0.47
N LEU E 235 -23.32 31.61 0.04
CA LEU E 235 -23.99 32.70 -0.65
C LEU E 235 -23.00 33.68 -1.20
N ALA E 236 -23.41 34.35 -2.25
CA ALA E 236 -22.58 35.37 -2.86
C ALA E 236 -22.35 36.50 -1.88
N GLU E 237 -21.13 36.98 -1.88
CA GLU E 237 -20.70 38.07 -1.01
C GLU E 237 -21.33 39.40 -1.29
N GLU E 238 -21.76 39.66 -2.52
CA GLU E 238 -22.36 40.94 -2.81
C GLU E 238 -23.66 40.79 -3.54
N GLU E 239 -23.57 40.29 -4.77
CA GLU E 239 -24.74 40.20 -5.62
C GLU E 239 -24.84 38.86 -6.28
N VAL E 240 -26.03 38.55 -6.76
CA VAL E 240 -26.29 37.29 -7.40
C VAL E 240 -25.35 37.09 -8.57
N MET E 241 -24.75 35.92 -8.63
CA MET E 241 -23.80 35.61 -9.68
C MET E 241 -24.30 34.57 -10.62
N ILE E 242 -24.30 34.88 -11.89
CA ILE E 242 -24.70 33.92 -12.87
C ILE E 242 -23.49 33.55 -13.66
N ARG E 243 -23.15 32.28 -13.66
CA ARG E 243 -21.97 31.85 -14.38
C ARG E 243 -22.20 30.60 -15.21
N SER E 244 -21.47 30.49 -16.29
CA SER E 244 -21.53 29.29 -17.11
C SER E 244 -20.24 29.16 -17.88
N GLU E 245 -19.95 27.95 -18.37
CA GLU E 245 -18.77 27.73 -19.16
C GLU E 245 -18.82 28.54 -20.46
N ASN E 246 -20.01 28.59 -21.03
CA ASN E 246 -20.28 29.30 -22.29
C ASN E 246 -21.73 29.76 -22.29
N ILE E 247 -21.94 31.04 -22.05
CA ILE E 247 -23.28 31.61 -21.89
C ILE E 247 -24.11 31.61 -23.17
N THR E 248 -23.48 31.41 -24.31
CA THR E 248 -24.19 31.43 -25.58
C THR E 248 -24.41 30.02 -26.08
N ASN E 249 -24.02 29.03 -25.31
CA ASN E 249 -24.16 27.65 -25.68
C ASN E 249 -25.30 27.02 -24.90
N ASN E 250 -26.37 26.64 -25.57
CA ASN E 250 -27.53 26.13 -24.84
C ASN E 250 -27.30 24.71 -24.34
N ALA E 251 -26.17 24.14 -24.68
CA ALA E 251 -25.80 22.82 -24.24
C ALA E 251 -25.10 22.88 -22.90
N LYS E 252 -24.86 24.08 -22.40
CA LYS E 252 -24.19 24.23 -21.12
C LYS E 252 -25.13 24.60 -20.01
N ASN E 253 -24.78 24.18 -18.81
CA ASN E 253 -25.57 24.55 -17.65
C ASN E 253 -25.17 25.91 -17.14
N ILE E 254 -26.13 26.59 -16.58
CA ILE E 254 -25.93 27.87 -15.94
C ILE E 254 -26.07 27.71 -14.45
N LEU E 255 -25.05 28.12 -13.73
CA LEU E 255 -25.11 27.98 -12.29
C LEU E 255 -25.41 29.33 -11.70
N VAL E 256 -26.38 29.36 -10.82
CA VAL E 256 -26.72 30.64 -10.22
C VAL E 256 -26.51 30.61 -8.74
N GLN E 257 -25.70 31.54 -8.25
CA GLN E 257 -25.44 31.67 -6.83
C GLN E 257 -26.20 32.85 -6.29
N PHE E 258 -26.96 32.62 -5.26
CA PHE E 258 -27.77 33.68 -4.70
C PHE E 258 -26.99 34.43 -3.65
N ASN E 259 -27.31 35.70 -3.41
CA ASN E 259 -26.64 36.43 -2.34
C ASN E 259 -27.46 36.41 -1.05
N THR E 260 -28.62 35.81 -1.11
CA THR E 260 -29.51 35.67 0.03
C THR E 260 -30.07 34.27 -0.08
N PRO E 261 -30.37 33.56 1.00
CA PRO E 261 -30.96 32.26 0.99
C PRO E 261 -32.43 32.36 0.75
N VAL E 262 -33.04 31.29 0.26
CA VAL E 262 -34.50 31.22 0.23
C VAL E 262 -34.90 30.13 1.19
N GLN E 263 -35.81 30.41 2.10
CA GLN E 263 -36.17 29.35 3.03
C GLN E 263 -37.18 28.40 2.47
N ILE E 264 -36.81 27.12 2.56
CA ILE E 264 -37.67 26.03 2.14
C ILE E 264 -37.90 25.06 3.28
N ASN E 265 -39.16 24.82 3.57
CA ASN E 265 -39.56 23.93 4.65
C ASN E 265 -40.20 22.67 4.11
N CYS E 266 -39.51 21.55 4.24
CA CYS E 266 -40.03 20.31 3.69
C CYS E 266 -40.47 19.36 4.77
N THR E 267 -41.50 18.61 4.47
CA THR E 267 -41.94 17.64 5.43
C THR E 267 -42.50 16.39 4.86
N ARG E 268 -42.40 15.36 5.68
CA ARG E 268 -43.03 14.13 5.40
C ARG E 268 -43.98 13.86 6.58
N PRO E 269 -45.29 13.99 6.38
CA PRO E 269 -46.34 13.82 7.35
C PRO E 269 -46.46 12.34 7.46
N ASN E 270 -47.36 11.85 8.31
CA ASN E 270 -47.63 10.41 8.45
C ASN E 270 -46.66 9.82 9.44
N ASN E 271 -47.15 9.44 10.62
CA ASN E 271 -46.27 8.94 11.64
C ASN E 271 -46.04 7.46 11.36
N ASN E 272 -44.88 7.16 10.83
CA ASN E 272 -44.63 5.81 10.36
C ASN E 272 -43.98 4.95 11.40
N THR E 273 -44.12 3.65 11.24
CA THR E 273 -43.44 2.75 12.15
C THR E 273 -42.57 1.81 11.35
N ARG E 274 -41.70 1.10 12.04
CA ARG E 274 -40.84 0.19 11.33
C ARG E 274 -40.80 -1.18 11.92
N LYS E 275 -40.88 -2.17 11.05
CA LYS E 275 -40.80 -3.56 11.45
C LYS E 275 -39.40 -4.02 11.30
N SER E 276 -39.06 -5.13 11.95
CA SER E 276 -37.75 -5.69 11.78
C SER E 276 -37.93 -7.18 11.56
N ILE E 277 -37.62 -7.62 10.36
CA ILE E 277 -37.84 -9.00 9.98
C ILE E 277 -36.57 -9.77 9.81
N ARG E 278 -36.44 -10.88 10.50
CA ARG E 278 -35.23 -11.64 10.30
C ARG E 278 -35.45 -12.49 9.08
N ILE E 279 -34.64 -12.25 8.06
CA ILE E 279 -34.77 -12.93 6.79
C ILE E 279 -33.73 -14.01 6.70
N GLY E 280 -32.71 -13.88 7.53
CA GLY E 280 -31.67 -14.89 7.55
C GLY E 280 -30.87 -14.85 8.85
N PRO E 281 -29.87 -15.70 9.02
CA PRO E 281 -29.06 -15.81 10.21
C PRO E 281 -28.18 -14.60 10.41
N GLY E 282 -28.78 -13.55 10.99
CA GLY E 282 -28.15 -12.26 11.22
C GLY E 282 -28.54 -11.20 10.19
N GLN E 283 -29.47 -11.54 9.32
CA GLN E 283 -29.90 -10.62 8.29
C GLN E 283 -31.28 -10.08 8.55
N TRP E 284 -31.33 -8.80 8.84
CA TRP E 284 -32.60 -8.17 9.14
C TRP E 284 -33.04 -7.22 8.06
N PHE E 285 -34.30 -7.29 7.74
CA PHE E 285 -34.94 -6.43 6.77
C PHE E 285 -35.88 -5.46 7.42
N TYR E 286 -35.84 -4.22 6.98
CA TYR E 286 -36.76 -3.27 7.57
C TYR E 286 -37.91 -2.93 6.66
N ALA E 287 -39.09 -3.32 7.11
CA ALA E 287 -40.35 -3.14 6.42
C ALA E 287 -41.07 -1.92 6.96
N THR E 288 -41.96 -1.36 6.14
CA THR E 288 -42.77 -0.24 6.58
C THR E 288 -44.05 -0.78 7.18
N GLY E 289 -44.33 -0.42 8.42
CA GLY E 289 -45.53 -0.93 9.06
C GLY E 289 -46.67 0.04 8.92
N ASP E 290 -47.76 -0.24 9.60
CA ASP E 290 -48.92 0.61 9.48
C ASP E 290 -48.67 2.03 9.91
N ILE E 291 -49.32 2.93 9.21
CA ILE E 291 -49.21 4.35 9.44
C ILE E 291 -50.15 4.84 10.50
N ILE E 292 -49.62 5.65 11.39
CA ILE E 292 -50.35 6.24 12.46
C ILE E 292 -50.90 7.60 12.02
N GLY E 293 -52.21 7.73 12.15
CA GLY E 293 -52.89 8.95 11.76
C GLY E 293 -53.19 8.93 10.28
N ASP E 294 -53.53 10.09 9.76
CA ASP E 294 -53.91 10.21 8.37
C ASP E 294 -52.71 10.06 7.47
N ILE E 295 -52.96 9.61 6.26
CA ILE E 295 -51.95 9.49 5.24
C ILE E 295 -52.08 10.66 4.28
N ARG E 296 -51.07 11.50 4.29
CA ARG E 296 -51.01 12.74 3.55
C ARG E 296 -49.78 12.81 2.66
N GLN E 297 -49.82 13.70 1.70
CA GLN E 297 -48.75 13.87 0.74
C GLN E 297 -47.59 14.70 1.29
N ALA E 298 -46.36 14.27 0.99
CA ALA E 298 -45.16 15.01 1.38
C ALA E 298 -45.11 16.28 0.57
N HIS E 299 -44.51 17.31 1.12
CA HIS E 299 -44.45 18.58 0.41
C HIS E 299 -43.40 19.54 0.93
N CYS E 300 -43.12 20.55 0.12
CA CYS E 300 -42.24 21.64 0.51
C CYS E 300 -42.85 23.02 0.37
N ASN E 301 -42.60 23.86 1.35
CA ASN E 301 -43.07 25.23 1.40
C ASN E 301 -41.99 26.26 1.14
N VAL E 302 -42.14 27.01 0.07
CA VAL E 302 -41.14 28.02 -0.27
C VAL E 302 -41.73 29.42 -0.13
N SER E 303 -41.08 30.28 0.64
CA SER E 303 -41.67 31.62 0.80
C SER E 303 -42.00 32.28 -0.53
N LYS E 304 -43.25 32.74 -0.70
CA LYS E 304 -43.62 33.29 -2.00
C LYS E 304 -42.91 34.55 -2.34
N ALA E 305 -42.85 35.46 -1.38
CA ALA E 305 -42.23 36.72 -1.66
C ALA E 305 -40.77 36.57 -1.82
N THR E 306 -40.18 35.67 -1.04
CA THR E 306 -38.75 35.54 -1.08
C THR E 306 -38.37 35.00 -2.44
N TRP E 307 -39.10 34.01 -2.91
CA TRP E 307 -38.82 33.41 -4.19
C TRP E 307 -38.95 34.46 -5.29
N ASN E 308 -40.00 35.27 -5.21
CA ASN E 308 -40.22 36.30 -6.22
C ASN E 308 -39.05 37.26 -6.28
N GLU E 309 -38.62 37.74 -5.12
CA GLU E 309 -37.53 38.68 -5.07
C GLU E 309 -36.28 38.05 -5.63
N THR E 310 -36.07 36.81 -5.26
CA THR E 310 -34.90 36.10 -5.66
C THR E 310 -34.83 35.95 -7.17
N LEU E 311 -35.94 35.55 -7.80
CA LEU E 311 -35.84 35.41 -9.22
C LEU E 311 -35.76 36.75 -9.88
N GLY E 312 -36.35 37.77 -9.29
CA GLY E 312 -36.27 39.09 -9.87
C GLY E 312 -34.79 39.47 -9.96
N LYS E 313 -34.03 39.21 -8.89
CA LYS E 313 -32.61 39.50 -8.93
C LYS E 313 -31.91 38.65 -9.98
N VAL E 314 -32.30 37.40 -10.11
CA VAL E 314 -31.65 36.55 -11.09
C VAL E 314 -31.89 37.05 -12.49
N VAL E 315 -33.11 37.42 -12.81
CA VAL E 315 -33.33 37.88 -14.17
C VAL E 315 -32.65 39.22 -14.40
N LYS E 316 -32.60 40.09 -13.42
CA LYS E 316 -31.96 41.36 -13.67
C LYS E 316 -30.50 41.13 -14.05
N GLN E 317 -29.86 40.17 -13.39
CA GLN E 317 -28.49 39.79 -13.74
C GLN E 317 -28.42 39.04 -15.06
N LEU E 318 -29.41 38.18 -15.32
CA LEU E 318 -29.40 37.34 -16.50
C LEU E 318 -29.38 38.16 -17.76
N ARG E 319 -30.10 39.28 -17.73
CA ARG E 319 -30.26 40.19 -18.85
C ARG E 319 -28.96 40.73 -19.39
N LYS E 320 -27.89 40.63 -18.65
CA LYS E 320 -26.60 41.10 -19.12
C LYS E 320 -26.24 40.46 -20.43
N HIS E 321 -26.68 39.22 -20.64
CA HIS E 321 -26.32 38.48 -21.83
C HIS E 321 -27.45 38.34 -22.84
N PHE E 322 -28.50 39.14 -22.69
CA PHE E 322 -29.64 39.05 -23.59
C PHE E 322 -30.04 40.36 -24.23
N GLY E 323 -30.76 40.27 -25.33
CA GLY E 323 -31.14 41.45 -26.10
C GLY E 323 -32.02 42.41 -25.34
N ASN E 324 -31.97 43.65 -25.79
CA ASN E 324 -32.69 44.71 -25.11
C ASN E 324 -34.17 44.45 -25.02
N ASN E 325 -34.64 44.50 -23.81
CA ASN E 325 -36.03 44.37 -23.51
C ASN E 325 -36.57 43.10 -24.05
N THR E 326 -35.78 42.06 -24.03
CA THR E 326 -36.30 40.83 -24.51
C THR E 326 -37.18 40.31 -23.42
N ILE E 327 -37.97 39.31 -23.73
CA ILE E 327 -38.83 38.75 -22.71
C ILE E 327 -38.35 37.40 -22.29
N ILE E 328 -38.12 37.32 -20.99
CA ILE E 328 -37.59 36.17 -20.29
C ILE E 328 -38.66 35.52 -19.46
N ARG E 329 -38.71 34.20 -19.54
CA ARG E 329 -39.67 33.43 -18.79
C ARG E 329 -39.01 32.30 -18.03
N PHE E 330 -39.70 31.79 -17.03
CA PHE E 330 -39.25 30.55 -16.38
C PHE E 330 -40.31 29.49 -16.66
N ALA E 331 -39.86 28.23 -16.82
CA ALA E 331 -40.76 27.16 -17.20
C ALA E 331 -40.52 25.81 -16.54
N ASN E 332 -41.56 24.97 -16.65
CA ASN E 332 -41.58 23.60 -16.17
C ASN E 332 -40.47 22.76 -16.75
N SER E 333 -39.84 22.01 -15.88
CA SER E 333 -38.72 21.15 -16.15
C SER E 333 -39.05 19.87 -16.90
N SER E 334 -39.54 20.00 -18.12
CA SER E 334 -39.87 18.83 -18.91
C SER E 334 -38.63 17.99 -19.14
N GLY E 335 -38.80 16.67 -19.11
CA GLY E 335 -37.72 15.72 -19.31
C GLY E 335 -38.23 14.29 -19.08
N GLY E 336 -37.34 13.30 -19.22
CA GLY E 336 -37.75 11.89 -19.09
C GLY E 336 -37.67 11.14 -17.76
N ASP E 337 -37.23 11.75 -16.65
CA ASP E 337 -37.14 10.94 -15.41
C ASP E 337 -37.20 11.76 -14.12
N LEU E 338 -37.21 11.09 -12.98
CA LEU E 338 -37.31 11.80 -11.72
C LEU E 338 -36.10 12.64 -11.41
N GLU E 339 -34.93 12.17 -11.81
CA GLU E 339 -33.70 12.88 -11.52
C GLU E 339 -33.44 13.95 -12.55
N VAL E 340 -34.36 14.07 -13.48
CA VAL E 340 -34.28 15.02 -14.54
C VAL E 340 -35.29 16.12 -14.32
N THR E 341 -36.51 15.75 -13.96
CA THR E 341 -37.59 16.71 -13.87
C THR E 341 -37.92 17.18 -12.46
N THR E 342 -37.55 16.44 -11.42
CA THR E 342 -37.93 16.84 -10.08
C THR E 342 -36.74 17.30 -9.27
N HIS E 343 -37.03 17.87 -8.11
CA HIS E 343 -36.03 18.29 -7.18
C HIS E 343 -35.73 17.17 -6.26
N SER E 344 -34.61 16.52 -6.48
CA SER E 344 -34.35 15.41 -5.62
C SER E 344 -33.45 15.91 -4.51
N PHE E 345 -33.64 15.33 -3.34
CA PHE E 345 -32.78 15.58 -2.19
C PHE E 345 -33.00 14.52 -1.13
N ASN E 346 -32.11 14.46 -0.16
CA ASN E 346 -32.30 13.55 0.96
C ASN E 346 -32.30 14.29 2.25
N CYS E 347 -33.37 14.13 3.01
CA CYS E 347 -33.44 14.79 4.30
C CYS E 347 -34.18 13.93 5.30
N GLY E 348 -33.62 13.82 6.49
CA GLY E 348 -34.26 13.03 7.54
C GLY E 348 -33.99 11.56 7.28
N GLY E 349 -33.15 11.30 6.29
CA GLY E 349 -32.80 9.98 5.83
C GLY E 349 -33.63 9.55 4.62
N GLU E 350 -34.70 10.27 4.29
CA GLU E 350 -35.52 9.86 3.15
C GLU E 350 -35.27 10.63 1.88
N PHE E 351 -35.51 9.96 0.77
CA PHE E 351 -35.34 10.55 -0.54
C PHE E 351 -36.61 11.13 -1.11
N PHE E 352 -36.54 12.42 -1.36
CA PHE E 352 -37.65 13.21 -1.86
C PHE E 352 -37.46 13.55 -3.29
N TYR E 353 -38.56 13.56 -4.02
CA TYR E 353 -38.68 13.96 -5.41
C TYR E 353 -39.79 14.96 -5.57
N CYS E 354 -39.47 16.26 -5.43
CA CYS E 354 -40.54 17.25 -5.37
C CYS E 354 -40.78 17.94 -6.70
N ASN E 355 -42.04 18.28 -6.94
CA ASN E 355 -42.48 18.95 -8.17
C ASN E 355 -42.31 20.46 -8.09
N THR E 356 -41.33 20.97 -8.84
CA THR E 356 -40.94 22.36 -8.83
C THR E 356 -41.57 23.18 -9.91
N SER E 357 -42.54 22.62 -10.60
CA SER E 357 -43.18 23.38 -11.66
C SER E 357 -43.87 24.61 -11.10
N GLY E 358 -44.24 24.58 -9.82
CA GLY E 358 -44.88 25.72 -9.19
C GLY E 358 -43.89 26.86 -8.95
N LEU E 359 -42.59 26.59 -9.04
CA LEU E 359 -41.62 27.65 -8.82
C LEU E 359 -41.21 28.26 -10.14
N PHE E 360 -41.02 27.42 -11.13
CA PHE E 360 -40.51 27.89 -12.42
C PHE E 360 -41.61 28.18 -13.39
N ASN E 361 -42.35 29.21 -13.07
CA ASN E 361 -43.50 29.61 -13.86
C ASN E 361 -43.69 31.12 -13.85
N SER E 362 -43.05 31.83 -14.78
CA SER E 362 -43.19 33.29 -14.74
C SER E 362 -42.82 33.98 -16.03
N THR E 363 -43.28 35.23 -16.15
CA THR E 363 -42.88 36.12 -17.23
C THR E 363 -42.42 37.42 -16.62
N TRP E 364 -41.26 37.93 -17.02
CA TRP E 364 -40.76 39.16 -16.40
C TRP E 364 -41.07 40.48 -17.09
N ILE E 365 -41.69 40.41 -18.25
CA ILE E 365 -42.11 41.58 -19.04
C ILE E 365 -41.02 42.59 -19.45
N SER E 366 -39.94 42.70 -18.67
CA SER E 366 -38.87 43.66 -18.82
C SER E 366 -39.39 45.06 -18.54
N ASN E 367 -40.46 45.10 -17.74
CA ASN E 367 -41.10 46.32 -17.28
C ASN E 367 -42.21 46.02 -16.27
N THR E 368 -41.86 45.67 -15.04
CA THR E 368 -42.86 45.37 -14.02
C THR E 368 -42.68 46.25 -12.81
N SER E 369 -43.73 46.38 -12.00
CA SER E 369 -43.61 47.16 -10.78
C SER E 369 -42.54 46.61 -9.86
N ASP E 380 -49.18 33.20 0.73
CA ASP E 380 -47.78 33.69 0.82
C ASP E 380 -46.85 32.49 0.94
N SER E 381 -47.28 31.32 0.51
CA SER E 381 -46.37 30.15 0.50
C SER E 381 -46.63 29.28 -0.72
N ILE E 382 -45.62 29.08 -1.56
CA ILE E 382 -45.79 28.14 -2.69
C ILE E 382 -45.64 26.75 -2.08
N THR E 383 -46.59 25.86 -2.33
CA THR E 383 -46.51 24.49 -1.86
C THR E 383 -46.19 23.60 -3.03
N LEU E 384 -45.13 22.86 -2.89
CA LEU E 384 -44.69 21.94 -3.90
C LEU E 384 -45.04 20.55 -3.42
N PRO E 385 -45.88 19.80 -4.13
CA PRO E 385 -46.26 18.48 -3.72
C PRO E 385 -45.01 17.68 -3.90
N CYS E 386 -44.83 16.65 -3.09
CA CYS E 386 -43.63 15.87 -3.20
C CYS E 386 -43.84 14.39 -2.90
N ARG E 387 -43.13 13.54 -3.62
CA ARG E 387 -43.20 12.09 -3.40
C ARG E 387 -41.89 11.55 -2.90
N ILE E 388 -41.90 10.37 -2.29
CA ILE E 388 -40.65 9.80 -1.84
C ILE E 388 -40.46 8.39 -2.35
N LYS E 389 -39.21 7.96 -2.32
CA LYS E 389 -38.83 6.60 -2.74
C LYS E 389 -37.83 5.94 -1.84
N GLN E 390 -37.81 4.62 -1.82
CA GLN E 390 -36.78 3.90 -1.12
C GLN E 390 -35.71 3.28 -2.04
N ILE E 391 -36.06 2.87 -3.27
CA ILE E 391 -35.01 2.19 -4.00
C ILE E 391 -34.28 3.17 -4.87
N ILE E 392 -33.16 3.63 -4.34
CA ILE E 392 -32.39 4.69 -4.95
C ILE E 392 -31.07 4.26 -5.53
N ASN E 393 -30.87 4.56 -6.82
CA ASN E 393 -29.66 4.24 -7.57
C ASN E 393 -28.49 5.21 -7.31
N MET E 394 -28.80 6.36 -6.76
CA MET E 394 -27.86 7.42 -6.42
C MET E 394 -27.16 8.14 -7.56
N TRP E 395 -26.35 7.43 -8.32
CA TRP E 395 -25.58 8.08 -9.37
C TRP E 395 -25.73 7.48 -10.72
N GLN E 396 -26.87 7.72 -11.35
CA GLN E 396 -27.11 7.11 -12.62
C GLN E 396 -26.94 5.61 -12.44
N ARG E 397 -25.97 4.98 -13.11
CA ARG E 397 -25.78 3.54 -13.01
C ARG E 397 -26.96 2.75 -13.54
N ILE E 398 -26.71 1.47 -13.74
CA ILE E 398 -27.72 0.57 -14.24
C ILE E 398 -28.29 -0.29 -13.13
N GLY E 399 -27.39 -0.79 -12.31
CA GLY E 399 -27.74 -1.69 -11.25
C GLY E 399 -27.58 -1.06 -9.88
N GLN E 400 -27.06 -1.84 -8.94
CA GLN E 400 -26.89 -1.46 -7.55
C GLN E 400 -28.22 -1.01 -6.96
N ALA E 401 -28.24 0.12 -6.22
CA ALA E 401 -29.40 0.70 -5.50
C ALA E 401 -29.40 0.27 -4.03
N MET E 402 -29.64 1.26 -3.16
CA MET E 402 -29.55 1.09 -1.70
C MET E 402 -30.75 0.84 -0.78
N TYR E 403 -31.98 0.71 -1.30
CA TYR E 403 -33.17 0.53 -0.45
C TYR E 403 -33.08 1.25 0.88
N ALA E 404 -33.39 2.52 0.90
CA ALA E 404 -33.33 3.17 2.18
C ALA E 404 -34.37 2.53 3.08
N PRO E 405 -34.06 2.23 4.34
CA PRO E 405 -34.96 1.66 5.30
C PRO E 405 -35.92 2.76 5.67
N PRO E 406 -37.09 2.45 6.23
CA PRO E 406 -38.06 3.38 6.74
C PRO E 406 -37.53 4.17 7.93
N ILE E 407 -38.05 5.37 8.07
CA ILE E 407 -37.79 6.26 9.19
C ILE E 407 -39.06 6.41 10.01
N GLN E 408 -38.95 6.20 11.30
CA GLN E 408 -40.14 6.23 12.14
C GLN E 408 -40.51 7.64 12.54
N GLY E 409 -41.78 7.84 12.84
CA GLY E 409 -42.24 9.16 13.22
C GLY E 409 -42.39 10.00 11.97
N VAL E 410 -42.10 11.28 12.07
CA VAL E 410 -42.30 12.21 10.95
C VAL E 410 -41.04 12.99 10.67
N ILE E 411 -40.98 13.59 9.49
CA ILE E 411 -39.79 14.36 9.11
C ILE E 411 -40.05 15.83 8.89
N ARG E 412 -39.23 16.64 9.54
CA ARG E 412 -39.28 18.08 9.38
C ARG E 412 -37.89 18.60 8.99
N CYS E 413 -37.80 19.25 7.84
CA CYS E 413 -36.53 19.78 7.36
C CYS E 413 -36.59 21.23 6.93
N VAL E 414 -35.65 22.04 7.35
CA VAL E 414 -35.60 23.39 6.85
C VAL E 414 -34.25 23.64 6.24
N SER E 415 -34.25 24.01 4.98
CA SER E 415 -33.01 24.23 4.25
C SER E 415 -32.90 25.61 3.64
N ASN E 416 -31.67 25.96 3.29
CA ASN E 416 -31.36 27.20 2.62
C ASN E 416 -31.18 27.01 1.13
N ILE E 417 -32.06 27.55 0.30
CA ILE E 417 -31.76 27.36 -1.10
C ILE E 417 -30.69 28.37 -1.34
N THR E 418 -29.55 27.94 -1.86
CA THR E 418 -28.44 28.84 -2.10
C THR E 418 -28.16 29.03 -3.57
N GLY E 419 -28.76 28.19 -4.40
CA GLY E 419 -28.52 28.35 -5.83
C GLY E 419 -29.34 27.45 -6.71
N LEU E 420 -29.19 27.67 -8.01
CA LEU E 420 -29.93 26.97 -9.03
C LEU E 420 -29.11 26.44 -10.19
N ILE E 421 -29.56 25.35 -10.82
CA ILE E 421 -28.93 24.93 -12.08
C ILE E 421 -29.95 24.99 -13.21
N LEU E 422 -29.68 25.83 -14.21
CA LEU E 422 -30.61 26.05 -15.32
C LEU E 422 -30.06 25.88 -16.71
N THR E 423 -30.93 25.58 -17.67
CA THR E 423 -30.53 25.55 -19.07
C THR E 423 -31.41 26.40 -19.99
N ARG E 424 -30.81 26.79 -21.11
CA ARG E 424 -31.43 27.52 -22.21
C ARG E 424 -32.08 26.59 -23.21
N ASP E 425 -33.04 27.12 -23.96
CA ASP E 425 -33.61 26.33 -25.02
C ASP E 425 -32.72 26.40 -26.27
N GLY E 426 -32.15 27.60 -26.57
CA GLY E 426 -31.29 27.74 -27.75
C GLY E 426 -32.00 27.71 -29.12
N GLY E 427 -33.25 28.13 -29.20
CA GLY E 427 -33.95 28.07 -30.48
C GLY E 427 -33.64 29.30 -31.32
N SER E 428 -34.31 29.42 -32.46
CA SER E 428 -34.09 30.56 -33.33
C SER E 428 -34.54 31.77 -32.56
N THR E 429 -33.87 32.90 -32.77
CA THR E 429 -34.27 34.10 -32.05
C THR E 429 -35.06 35.05 -32.93
N ASN E 430 -36.23 35.38 -32.41
CA ASN E 430 -37.24 36.27 -32.97
C ASN E 430 -37.75 36.93 -31.70
N SER E 431 -36.89 37.73 -31.09
CA SER E 431 -37.10 38.09 -29.70
C SER E 431 -37.38 36.77 -29.04
N THR E 432 -38.26 36.79 -28.05
CA THR E 432 -38.69 35.55 -27.40
C THR E 432 -37.53 34.81 -26.79
N THR E 433 -37.11 35.24 -25.62
CA THR E 433 -35.95 34.65 -25.03
C THR E 433 -36.36 33.36 -24.38
N GLU E 434 -35.37 32.56 -24.09
CA GLU E 434 -35.55 31.31 -23.43
C GLU E 434 -36.47 31.39 -22.26
N THR E 435 -37.19 30.30 -22.08
CA THR E 435 -38.16 30.21 -21.03
C THR E 435 -37.57 29.52 -19.85
N PHE E 436 -36.31 29.15 -19.98
CA PHE E 436 -35.44 28.55 -18.98
C PHE E 436 -35.98 27.44 -18.13
N ARG E 437 -35.18 26.42 -17.97
CA ARG E 437 -35.65 25.34 -17.14
C ARG E 437 -34.59 24.91 -16.16
N PRO E 438 -34.96 24.57 -14.94
CA PRO E 438 -34.09 24.06 -13.95
C PRO E 438 -33.82 22.67 -14.40
N GLY E 439 -32.74 22.08 -13.98
CA GLY E 439 -32.57 20.68 -14.32
C GLY E 439 -31.54 19.93 -13.49
N GLY E 440 -31.31 18.70 -13.89
CA GLY E 440 -30.38 17.82 -13.22
C GLY E 440 -29.03 17.84 -13.90
N GLY E 441 -28.26 16.81 -13.64
CA GLY E 441 -26.92 16.67 -14.15
C GLY E 441 -26.21 15.80 -13.15
N ASP E 442 -24.93 15.62 -13.29
CA ASP E 442 -24.28 14.79 -12.31
C ASP E 442 -23.87 15.69 -11.16
N MET E 443 -23.27 15.11 -10.16
CA MET E 443 -22.88 15.86 -8.98
C MET E 443 -21.79 16.86 -9.16
N ARG E 444 -21.07 16.81 -10.25
CA ARG E 444 -19.96 17.70 -10.39
C ARG E 444 -20.45 19.13 -10.39
N ASP E 445 -21.64 19.38 -10.90
CA ASP E 445 -22.09 20.74 -10.97
C ASP E 445 -22.54 21.28 -9.63
N ASN E 446 -22.72 20.42 -8.65
CA ASN E 446 -23.16 20.90 -7.35
C ASN E 446 -21.99 21.17 -6.47
N TRP E 447 -20.79 20.94 -7.00
CA TRP E 447 -19.59 21.15 -6.22
C TRP E 447 -18.76 22.22 -6.82
N ARG E 448 -18.74 22.30 -8.15
CA ARG E 448 -17.90 23.31 -8.77
C ARG E 448 -18.39 24.70 -8.38
N SER E 449 -19.65 24.77 -7.94
CA SER E 449 -20.30 25.97 -7.50
C SER E 449 -19.62 26.54 -6.26
N GLU E 450 -18.86 25.71 -5.55
CA GLU E 450 -18.11 26.12 -4.38
C GLU E 450 -16.62 26.09 -4.70
N LEU E 451 -16.21 25.08 -5.47
CA LEU E 451 -14.81 24.83 -5.76
C LEU E 451 -14.21 25.79 -6.74
N TYR E 452 -15.02 26.60 -7.37
CA TYR E 452 -14.53 27.58 -8.31
C TYR E 452 -13.51 28.51 -7.67
N LYS E 453 -13.54 28.64 -6.35
CA LYS E 453 -12.59 29.52 -5.72
C LYS E 453 -11.21 28.93 -5.59
N TYR E 454 -11.05 27.61 -5.81
CA TYR E 454 -9.74 27.04 -5.53
C TYR E 454 -9.02 26.35 -6.68
N LYS E 455 -7.71 26.52 -6.68
CA LYS E 455 -6.80 25.87 -7.61
C LYS E 455 -5.63 25.25 -6.87
N VAL E 456 -5.14 24.11 -7.31
CA VAL E 456 -3.98 23.54 -6.64
C VAL E 456 -2.80 23.56 -7.54
N VAL E 457 -1.68 23.99 -6.97
CA VAL E 457 -0.44 24.08 -7.69
C VAL E 457 0.67 23.35 -6.98
N LYS E 458 1.64 22.95 -7.78
CA LYS E 458 2.83 22.26 -7.39
C LYS E 458 3.94 23.25 -7.15
N ILE E 459 4.61 23.11 -6.04
CA ILE E 459 5.68 24.03 -5.72
C ILE E 459 6.95 23.56 -6.41
N GLU E 460 7.63 24.47 -7.07
CA GLU E 460 8.87 24.18 -7.80
C GLU E 460 10.04 25.02 -7.29
N PRO E 461 10.67 24.66 -6.17
CA PRO E 461 11.66 25.43 -5.45
C PRO E 461 13.02 25.56 -6.12
N LEU E 462 13.32 24.78 -7.13
CA LEU E 462 14.66 24.86 -7.68
C LEU E 462 14.73 25.65 -8.97
N GLY E 463 15.62 26.64 -9.03
CA GLY E 463 15.77 27.40 -10.26
C GLY E 463 17.07 28.20 -10.31
N VAL E 464 17.33 28.83 -11.44
CA VAL E 464 18.58 29.57 -11.63
C VAL E 464 18.38 30.97 -12.12
N ALA E 465 19.42 31.77 -11.97
CA ALA E 465 19.49 33.14 -12.48
C ALA E 465 20.97 33.50 -12.57
N PRO E 466 21.39 34.44 -13.43
CA PRO E 466 22.75 34.90 -13.50
C PRO E 466 23.10 35.71 -12.27
N THR E 467 24.32 35.55 -11.77
CA THR E 467 24.81 36.34 -10.65
C THR E 467 26.29 36.66 -10.83
N ARG E 468 26.73 37.79 -10.32
CA ARG E 468 28.13 38.15 -10.46
C ARG E 468 29.02 37.49 -9.41
N CYS E 469 29.19 36.18 -9.53
CA CYS E 469 30.02 35.41 -8.61
C CYS E 469 30.57 34.13 -9.21
N LYS E 470 31.67 33.65 -8.62
CA LYS E 470 32.30 32.38 -8.96
C LYS E 470 32.78 31.69 -7.70
N ARG E 471 32.90 30.38 -7.75
CA ARG E 471 33.41 29.64 -6.60
C ARG E 471 34.82 30.10 -6.26
N GLY F 10 4.30 33.79 5.27
CA GLY F 10 5.02 32.80 6.05
C GLY F 10 5.40 31.62 5.20
N PHE F 11 4.88 31.66 3.98
CA PHE F 11 5.18 30.62 3.01
C PHE F 11 5.34 31.16 1.59
N LEU F 12 4.26 31.47 0.88
CA LEU F 12 4.46 31.93 -0.50
C LEU F 12 4.31 33.41 -0.72
N GLY F 13 4.31 34.20 0.34
CA GLY F 13 4.12 35.64 0.23
C GLY F 13 5.19 36.35 -0.60
N ALA F 14 6.31 35.68 -0.84
CA ALA F 14 7.39 36.21 -1.63
C ALA F 14 7.16 36.04 -3.12
N ALA F 15 6.12 35.34 -3.50
CA ALA F 15 5.88 35.05 -4.90
C ALA F 15 5.27 36.23 -5.62
N GLY F 16 6.03 37.29 -5.75
CA GLY F 16 5.53 38.52 -6.32
C GLY F 16 6.53 39.58 -5.96
N SER F 17 7.41 39.22 -5.05
CA SER F 17 8.49 40.11 -4.66
C SER F 17 9.48 40.02 -5.76
N THR F 18 10.40 40.96 -5.85
CA THR F 18 11.35 40.83 -6.92
C THR F 18 12.23 39.67 -6.57
N MET F 19 12.94 39.15 -7.55
CA MET F 19 13.76 38.00 -7.30
C MET F 19 14.78 38.28 -6.24
N GLY F 20 15.31 39.50 -6.27
CA GLY F 20 16.31 39.90 -5.31
C GLY F 20 15.74 39.87 -3.92
N ALA F 21 14.62 40.54 -3.71
CA ALA F 21 14.01 40.59 -2.39
C ALA F 21 13.64 39.20 -1.89
N ALA F 22 13.19 38.38 -2.81
CA ALA F 22 12.73 37.05 -2.51
C ALA F 22 13.88 36.11 -2.22
N SER F 23 15.11 36.53 -2.43
CA SER F 23 16.23 35.65 -2.20
C SER F 23 16.39 35.45 -0.71
N MET F 24 15.74 36.31 0.08
CA MET F 24 15.85 36.23 1.50
C MET F 24 14.79 35.33 2.10
N THR F 25 13.93 34.76 1.26
CA THR F 25 12.87 33.92 1.77
C THR F 25 13.06 32.51 1.31
N LEU F 26 14.21 32.21 0.72
CA LEU F 26 14.36 30.87 0.17
C LEU F 26 14.20 29.84 1.27
N THR F 27 14.67 30.18 2.46
CA THR F 27 14.55 29.34 3.62
C THR F 27 13.08 29.11 3.94
N VAL F 28 12.28 30.16 3.81
CA VAL F 28 10.87 30.13 4.14
C VAL F 28 10.11 29.11 3.33
N GLN F 29 10.44 29.02 2.04
CA GLN F 29 9.75 28.06 1.21
C GLN F 29 10.38 26.67 1.28
N ALA F 30 11.71 26.61 1.34
CA ALA F 30 12.40 25.32 1.34
C ALA F 30 12.06 24.50 2.58
N ARG F 31 11.87 25.17 3.70
CA ARG F 31 11.61 24.50 4.95
C ARG F 31 10.26 23.81 5.02
N ASN F 32 9.36 24.10 4.08
CA ASN F 32 8.04 23.50 4.11
C ASN F 32 7.93 22.25 3.26
N LEU F 33 9.00 21.87 2.59
CA LEU F 33 8.90 20.76 1.66
C LEU F 33 8.62 19.39 2.26
N LEU F 34 9.06 19.15 3.48
CA LEU F 34 8.82 17.86 4.11
C LEU F 34 7.66 17.91 5.08
N SER F 35 6.94 19.03 5.10
CA SER F 35 5.83 19.18 6.02
C SER F 35 4.86 18.02 5.93
N PRO F 48 -4.54 7.93 15.32
CA PRO F 48 -5.78 7.36 15.80
C PRO F 48 -6.90 7.65 14.84
N GLU F 49 -7.91 6.79 14.81
CA GLU F 49 -9.11 6.94 13.98
C GLU F 49 -8.80 6.73 12.50
N CYS F 50 -7.98 7.61 11.90
CA CYS F 50 -7.55 7.41 10.50
C CYS F 50 -6.63 6.22 10.48
N GLN F 51 -6.02 6.01 11.64
CA GLN F 51 -5.13 4.92 11.89
C GLN F 51 -5.85 3.60 11.68
N GLN F 52 -7.16 3.55 11.99
CA GLN F 52 -7.88 2.32 11.82
C GLN F 52 -8.62 2.36 10.49
N HIS F 53 -9.08 3.54 10.09
CA HIS F 53 -9.85 3.69 8.86
C HIS F 53 -9.03 3.29 7.65
N LEU F 54 -7.77 3.67 7.60
CA LEU F 54 -6.94 3.38 6.43
C LEU F 54 -6.51 1.93 6.35
N LEU F 55 -6.78 1.13 7.39
CA LEU F 55 -6.40 -0.26 7.39
C LEU F 55 -7.57 -1.12 6.96
N LYS F 56 -8.65 -0.45 6.61
CA LYS F 56 -9.86 -1.06 6.12
C LYS F 56 -10.13 -0.29 4.88
N LEU F 57 -10.79 -0.86 3.88
CA LEU F 57 -11.07 -0.02 2.72
C LEU F 57 -9.73 0.61 2.35
N THR F 58 -8.75 -0.27 2.21
CA THR F 58 -7.35 0.06 2.06
C THR F 58 -6.98 0.82 0.81
N VAL F 59 -7.93 1.02 -0.10
CA VAL F 59 -7.62 1.85 -1.24
C VAL F 59 -7.25 3.24 -0.72
N TRP F 60 -7.84 3.64 0.42
CA TRP F 60 -7.51 4.94 0.95
C TRP F 60 -6.08 4.92 1.43
N GLY F 61 -5.65 3.77 1.95
CA GLY F 61 -4.30 3.59 2.45
C GLY F 61 -3.33 3.71 1.29
N ILE F 62 -3.74 3.18 0.13
CA ILE F 62 -2.91 3.25 -1.04
C ILE F 62 -2.75 4.68 -1.45
N LYS F 63 -3.83 5.45 -1.46
CA LYS F 63 -3.68 6.83 -1.87
C LYS F 63 -2.76 7.58 -0.93
N GLN F 64 -2.86 7.33 0.38
CA GLN F 64 -1.99 8.06 1.29
C GLN F 64 -0.55 7.63 1.14
N LEU F 65 -0.31 6.35 0.92
CA LEU F 65 1.06 5.92 0.74
C LEU F 65 1.61 6.48 -0.54
N GLN F 66 0.81 6.55 -1.59
CA GLN F 66 1.34 7.08 -2.81
C GLN F 66 1.72 8.53 -2.62
N ALA F 67 0.89 9.29 -1.92
CA ALA F 67 1.20 10.69 -1.73
C ALA F 67 2.49 10.89 -0.94
N ARG F 68 2.68 10.07 0.08
CA ARG F 68 3.87 10.21 0.90
C ARG F 68 5.11 9.86 0.12
N VAL F 69 5.01 8.80 -0.67
CA VAL F 69 6.15 8.37 -1.44
C VAL F 69 6.52 9.39 -2.47
N LEU F 70 5.54 9.95 -3.16
CA LEU F 70 5.86 10.91 -4.18
C LEU F 70 6.50 12.14 -3.58
N ALA F 71 6.05 12.59 -2.41
CA ALA F 71 6.69 13.75 -1.83
C ALA F 71 8.16 13.46 -1.58
N VAL F 72 8.45 12.26 -1.11
CA VAL F 72 9.81 11.89 -0.87
C VAL F 72 10.62 11.84 -2.15
N GLU F 73 10.06 11.25 -3.19
CA GLU F 73 10.82 11.17 -4.41
C GLU F 73 11.16 12.54 -4.96
N ARG F 74 10.23 13.47 -4.89
CA ARG F 74 10.52 14.78 -5.43
C ARG F 74 11.61 15.45 -4.63
N TYR F 75 11.55 15.29 -3.32
CA TYR F 75 12.55 15.87 -2.45
C TYR F 75 13.90 15.34 -2.80
N LEU F 76 14.01 14.03 -2.96
CA LEU F 76 15.29 13.46 -3.24
C LEU F 76 15.80 13.86 -4.59
N ARG F 77 14.94 13.99 -5.59
CA ARG F 77 15.48 14.41 -6.87
C ARG F 77 16.06 15.81 -6.78
N ASP F 78 15.43 16.71 -6.01
CA ASP F 78 16.03 18.03 -5.91
C ASP F 78 17.39 17.94 -5.23
N GLN F 79 17.50 17.09 -4.23
CA GLN F 79 18.76 16.97 -3.54
C GLN F 79 19.80 16.35 -4.44
N GLN F 80 19.39 15.43 -5.30
CA GLN F 80 20.31 14.80 -6.21
C GLN F 80 20.82 15.80 -7.21
N LEU F 81 19.97 16.71 -7.66
CA LEU F 81 20.44 17.72 -8.60
C LEU F 81 21.42 18.66 -7.94
N LEU F 82 21.16 19.03 -6.71
CA LEU F 82 22.10 19.91 -6.05
C LEU F 82 23.40 19.15 -5.81
N GLY F 83 23.31 17.87 -5.51
CA GLY F 83 24.50 17.07 -5.29
C GLY F 83 25.38 17.04 -6.53
N ILE F 84 24.80 16.66 -7.65
CA ILE F 84 25.53 16.55 -8.91
C ILE F 84 26.12 17.87 -9.38
N TRP F 85 25.52 18.99 -9.03
CA TRP F 85 26.05 20.29 -9.42
C TRP F 85 27.04 20.86 -8.41
N GLY F 86 27.26 20.18 -7.29
CA GLY F 86 28.14 20.69 -6.26
C GLY F 86 27.49 21.77 -5.39
N CYS F 87 26.17 21.78 -5.34
CA CYS F 87 25.42 22.75 -4.59
C CYS F 87 24.63 22.13 -3.47
N SER F 88 25.07 20.98 -2.99
CA SER F 88 24.40 20.35 -1.89
C SER F 88 24.92 20.97 -0.63
N GLY F 89 24.03 21.64 0.05
CA GLY F 89 24.35 22.42 1.20
C GLY F 89 24.21 23.84 0.74
N LYS F 90 23.56 24.65 1.57
CA LYS F 90 23.27 26.04 1.31
C LYS F 90 22.16 26.17 0.29
N LEU F 91 21.54 27.34 0.25
CA LEU F 91 20.48 27.58 -0.70
C LEU F 91 20.96 28.29 -1.93
N ILE F 92 22.13 28.94 -1.86
CA ILE F 92 22.63 29.67 -3.01
C ILE F 92 24.04 29.24 -3.36
N CYS F 93 24.29 28.86 -4.61
CA CYS F 93 25.65 28.49 -5.00
C CYS F 93 26.04 29.02 -6.37
N CYS F 94 27.29 29.46 -6.50
CA CYS F 94 27.81 29.93 -7.77
C CYS F 94 28.45 28.72 -8.41
N THR F 95 28.21 28.47 -9.69
CA THR F 95 28.71 27.24 -10.33
C THR F 95 29.76 27.38 -11.42
N ASN F 96 30.18 28.62 -11.67
CA ASN F 96 31.18 29.00 -12.66
C ASN F 96 30.83 28.75 -14.12
N VAL F 97 29.56 28.57 -14.42
CA VAL F 97 29.14 28.43 -15.80
C VAL F 97 28.75 29.80 -16.29
N PRO F 98 29.38 30.37 -17.31
CA PRO F 98 29.10 31.70 -17.78
C PRO F 98 27.66 31.79 -18.17
N TRP F 99 27.03 32.92 -17.89
CA TRP F 99 25.67 33.04 -18.30
C TRP F 99 25.70 33.39 -19.76
N ASN F 100 24.93 32.68 -20.55
CA ASN F 100 24.87 32.95 -21.96
C ASN F 100 23.74 33.92 -22.23
N SER F 101 24.07 35.13 -22.65
CA SER F 101 23.10 36.18 -22.87
C SER F 101 22.37 35.96 -24.21
N SER F 102 21.71 34.81 -24.26
CA SER F 102 20.93 34.30 -25.35
C SER F 102 19.82 33.60 -24.64
N TRP F 103 20.18 33.08 -23.45
CA TRP F 103 19.22 32.41 -22.60
C TRP F 103 18.34 33.52 -22.12
N SER F 104 19.04 34.59 -21.76
CA SER F 104 18.41 35.82 -21.34
C SER F 104 19.38 36.97 -21.46
N ASN F 105 19.16 37.80 -22.46
CA ASN F 105 20.02 38.92 -22.75
C ASN F 105 19.56 40.12 -21.98
N ARG F 106 19.65 40.02 -20.67
CA ARG F 106 19.13 41.02 -19.76
C ARG F 106 20.13 41.46 -18.73
N ASN F 107 19.94 42.68 -18.23
CA ASN F 107 20.79 43.20 -17.18
C ASN F 107 20.33 42.69 -15.83
N LEU F 108 21.22 42.64 -14.86
CA LEU F 108 20.80 42.21 -13.54
C LEU F 108 19.83 43.21 -12.91
N SER F 109 19.96 44.48 -13.28
CA SER F 109 19.07 45.50 -12.75
C SER F 109 17.69 45.40 -13.39
N GLU F 110 17.60 44.66 -14.49
CA GLU F 110 16.36 44.48 -15.21
C GLU F 110 15.66 43.25 -14.70
N ILE F 111 16.42 42.28 -14.18
CA ILE F 111 15.78 41.07 -13.72
C ILE F 111 15.76 40.93 -12.19
N TRP F 112 16.86 41.17 -11.48
CA TRP F 112 16.85 40.92 -10.05
C TRP F 112 16.08 41.96 -9.30
N ASP F 113 16.16 43.17 -9.83
CA ASP F 113 15.48 44.29 -9.20
C ASP F 113 14.07 44.52 -9.71
N ASN F 114 13.78 44.11 -10.93
CA ASN F 114 12.45 44.35 -11.48
C ASN F 114 11.54 43.15 -11.71
N MET F 115 12.08 41.93 -11.81
CA MET F 115 11.24 40.77 -12.08
C MET F 115 11.05 39.96 -10.84
N THR F 116 9.95 39.24 -10.81
CA THR F 116 9.66 38.31 -9.74
C THR F 116 10.14 36.94 -10.17
N TRP F 117 10.19 35.99 -9.25
CA TRP F 117 10.63 34.66 -9.67
C TRP F 117 9.63 33.98 -10.57
N LEU F 118 8.34 34.30 -10.44
CA LEU F 118 7.38 33.67 -11.31
C LEU F 118 7.63 34.11 -12.75
N GLN F 119 7.90 35.40 -12.91
CA GLN F 119 8.13 35.93 -14.24
C GLN F 119 9.40 35.40 -14.83
N TRP F 120 10.42 35.32 -14.01
CA TRP F 120 11.71 34.85 -14.42
C TRP F 120 11.65 33.41 -14.84
N ASP F 121 10.95 32.58 -14.05
CA ASP F 121 10.88 31.19 -14.38
C ASP F 121 10.29 31.04 -15.78
N LYS F 122 9.29 31.85 -16.10
CA LYS F 122 8.75 31.77 -17.44
C LYS F 122 9.76 32.25 -18.47
N GLU F 123 10.46 33.33 -18.16
CA GLU F 123 11.39 33.96 -19.09
C GLU F 123 12.44 32.99 -19.62
N ILE F 124 12.96 32.13 -18.75
CA ILE F 124 13.99 31.18 -19.18
C ILE F 124 13.58 29.74 -19.04
N SER F 125 12.28 29.45 -19.08
CA SER F 125 11.87 28.07 -18.84
C SER F 125 12.44 27.08 -19.82
N ASN F 126 12.71 27.52 -21.04
CA ASN F 126 13.18 26.60 -22.05
C ASN F 126 14.67 26.41 -22.10
N TYR F 127 15.38 26.94 -21.10
CA TYR F 127 16.80 26.72 -21.04
C TYR F 127 17.11 25.88 -19.83
N THR F 128 16.09 25.39 -19.13
CA THR F 128 16.34 24.69 -17.88
C THR F 128 17.31 23.54 -18.06
N GLN F 129 17.09 22.76 -19.10
CA GLN F 129 17.85 21.58 -19.42
C GLN F 129 19.23 21.89 -19.98
N ILE F 130 19.43 23.11 -20.44
CA ILE F 130 20.68 23.47 -21.04
C ILE F 130 21.59 23.77 -19.92
N ILE F 131 21.06 24.56 -19.01
CA ILE F 131 21.83 24.96 -17.89
C ILE F 131 22.14 23.79 -17.03
N TYR F 132 21.17 22.93 -16.77
CA TYR F 132 21.47 21.81 -15.92
C TYR F 132 22.57 20.94 -16.50
N GLY F 133 22.57 20.67 -17.80
CA GLY F 133 23.64 19.85 -18.33
C GLY F 133 25.01 20.52 -18.14
N LEU F 134 25.06 21.84 -18.32
CA LEU F 134 26.30 22.56 -18.15
C LEU F 134 26.76 22.52 -16.70
N LEU F 135 25.81 22.60 -15.77
CA LEU F 135 26.16 22.58 -14.39
C LEU F 135 26.76 21.25 -13.99
N GLU F 136 26.23 20.16 -14.56
CA GLU F 136 26.76 18.85 -14.23
C GLU F 136 28.21 18.76 -14.70
N GLU F 137 28.48 19.30 -15.89
CA GLU F 137 29.85 19.21 -16.37
C GLU F 137 30.78 20.10 -15.59
N SER F 138 30.32 21.28 -15.18
CA SER F 138 31.21 22.14 -14.43
C SER F 138 31.67 21.37 -13.21
N GLN F 139 30.74 20.69 -12.55
CA GLN F 139 31.14 19.94 -11.39
C GLN F 139 32.05 18.78 -11.76
N ASN F 140 31.80 18.11 -12.89
CA ASN F 140 32.65 16.99 -13.25
C ASN F 140 34.08 17.45 -13.43
N GLN F 141 34.26 18.63 -14.03
CA GLN F 141 35.59 19.13 -14.24
C GLN F 141 36.22 19.54 -12.94
N GLN F 142 35.45 20.12 -12.04
CA GLN F 142 36.02 20.54 -10.79
C GLN F 142 36.49 19.36 -9.95
N GLU F 143 35.71 18.27 -9.94
CA GLU F 143 36.13 17.13 -9.15
C GLU F 143 37.33 16.47 -9.77
N LYS F 144 37.36 16.43 -11.10
CA LYS F 144 38.50 15.85 -11.78
C LYS F 144 39.73 16.62 -11.42
N ASN F 145 39.65 17.95 -11.45
CA ASN F 145 40.81 18.75 -11.19
C ASN F 145 41.32 18.50 -9.80
N GLU F 146 40.43 18.36 -8.83
CA GLU F 146 40.93 18.14 -7.48
C GLU F 146 41.58 16.79 -7.35
N GLN F 147 41.02 15.78 -8.00
CA GLN F 147 41.62 14.47 -7.89
C GLN F 147 42.96 14.43 -8.60
N ASP F 148 43.08 15.17 -9.70
CA ASP F 148 44.33 15.22 -10.45
C ASP F 148 45.39 15.93 -9.64
N LEU F 149 45.00 16.99 -8.92
CA LEU F 149 45.97 17.69 -8.08
C LEU F 149 46.46 16.75 -7.00
N LEU F 150 45.53 15.95 -6.48
CA LEU F 150 45.81 14.96 -5.47
C LEU F 150 44.55 14.10 -5.30
N GLN G 1 -42.26 51.47 -3.79
CA GLN G 1 -41.97 50.40 -2.86
C GLN G 1 -40.98 50.87 -1.81
N VAL G 2 -39.69 50.80 -2.14
CA VAL G 2 -38.64 51.21 -1.24
C VAL G 2 -38.45 52.71 -1.25
N GLN G 3 -38.37 53.29 -0.09
CA GLN G 3 -38.13 54.70 0.04
C GLN G 3 -36.92 54.97 0.90
N LEU G 4 -36.00 55.74 0.37
CA LEU G 4 -34.81 56.07 1.13
C LEU G 4 -34.91 57.49 1.65
N GLN G 5 -34.41 57.76 2.85
CA GLN G 5 -34.41 59.15 3.32
C GLN G 5 -33.23 59.56 4.17
N GLU G 6 -32.47 60.51 3.66
CA GLU G 6 -31.30 61.04 4.31
C GLU G 6 -31.59 62.07 5.39
N SER G 7 -30.74 62.08 6.41
CA SER G 7 -30.77 63.12 7.42
C SER G 7 -29.39 63.34 8.03
N GLY G 8 -29.18 64.52 8.57
CA GLY G 8 -27.91 64.82 9.24
C GLY G 8 -27.61 66.30 9.07
N PRO G 9 -26.46 66.78 9.56
CA PRO G 9 -26.06 68.16 9.56
C PRO G 9 -26.00 68.75 8.17
N ALA G 10 -26.54 69.97 8.03
CA ALA G 10 -26.45 70.66 6.76
C ALA G 10 -25.11 71.36 6.69
N VAL G 11 -24.59 71.73 7.86
CA VAL G 11 -23.32 72.41 7.90
C VAL G 11 -22.42 71.70 8.89
N VAL G 12 -21.22 71.44 8.43
CA VAL G 12 -20.17 70.81 9.20
C VAL G 12 -19.01 71.77 9.11
N GLN G 13 -18.21 71.92 10.14
CA GLN G 13 -17.10 72.87 10.01
C GLN G 13 -15.91 72.11 9.45
N PRO G 14 -14.93 72.78 8.85
CA PRO G 14 -13.74 72.15 8.37
C PRO G 14 -13.10 71.41 9.51
N SER G 15 -12.54 70.27 9.20
CA SER G 15 -11.84 69.33 10.09
C SER G 15 -12.79 68.42 10.89
N GLU G 16 -14.08 68.74 10.93
CA GLU G 16 -15.02 67.95 11.69
C GLU G 16 -15.47 66.71 10.93
N THR G 17 -16.28 65.90 11.58
CA THR G 17 -16.78 64.70 10.93
C THR G 17 -18.21 64.90 10.50
N LEU G 18 -18.48 64.55 9.26
CA LEU G 18 -19.80 64.62 8.71
C LEU G 18 -20.48 63.28 8.87
N SER G 19 -21.69 63.28 9.40
CA SER G 19 -22.40 62.03 9.57
C SER G 19 -23.82 62.09 9.03
N LEU G 20 -24.06 61.34 7.96
CA LEU G 20 -25.38 61.31 7.34
C LEU G 20 -26.01 59.93 7.41
N THR G 21 -27.26 59.90 7.83
CA THR G 21 -27.99 58.66 7.95
C THR G 21 -29.09 58.55 6.92
N CYS G 22 -29.16 57.41 6.27
CA CYS G 22 -30.18 57.14 5.29
C CYS G 22 -31.14 56.06 5.75
N ALA G 23 -32.31 56.49 6.16
CA ALA G 23 -33.28 55.56 6.69
C ALA G 23 -33.86 54.76 5.54
N VAL G 24 -34.17 53.50 5.79
CA VAL G 24 -34.79 52.70 4.77
C VAL G 24 -36.17 52.24 5.18
N SER G 25 -37.14 52.45 4.31
CA SER G 25 -38.47 51.95 4.57
C SER G 25 -38.96 51.33 3.29
N GLY G 26 -39.94 50.44 3.39
CA GLY G 26 -40.47 49.82 2.18
C GLY G 26 -39.63 48.61 1.76
N GLY G 27 -38.71 48.20 2.63
CA GLY G 27 -37.81 47.09 2.41
C GLY G 27 -36.82 46.99 3.55
N SER G 28 -36.04 45.91 3.59
CA SER G 28 -35.07 45.73 4.66
C SER G 28 -33.66 46.12 4.32
N ILE G 29 -33.01 46.69 5.31
CA ILE G 29 -31.62 47.10 5.28
C ILE G 29 -30.71 45.89 5.12
N SER G 30 -31.21 44.75 5.57
CA SER G 30 -30.51 43.49 5.61
C SER G 30 -30.58 42.72 4.31
N GLY G 31 -31.26 43.26 3.29
CA GLY G 31 -31.37 42.52 2.07
C GLY G 31 -30.08 42.56 1.26
N GLY G 32 -30.05 41.83 0.16
CA GLY G 32 -28.86 41.70 -0.68
C GLY G 32 -28.66 42.84 -1.66
N TYR G 33 -28.61 44.05 -1.11
CA TYR G 33 -28.48 45.28 -1.89
C TYR G 33 -27.30 46.11 -1.49
N GLY G 34 -26.79 46.87 -2.44
CA GLY G 34 -25.67 47.76 -2.19
C GLY G 34 -26.15 49.11 -1.70
N TRP G 35 -25.91 49.41 -0.45
CA TRP G 35 -26.36 50.67 0.05
C TRP G 35 -25.28 51.62 -0.33
N THR G 36 -25.62 52.65 -1.07
CA THR G 36 -24.59 53.47 -1.65
C THR G 36 -24.68 54.96 -1.39
N TRP G 37 -23.54 55.54 -1.11
CA TRP G 37 -23.45 56.98 -0.97
C TRP G 37 -22.87 57.57 -2.23
N ILE G 38 -23.52 58.61 -2.72
CA ILE G 38 -23.11 59.31 -3.91
C ILE G 38 -23.24 60.80 -3.62
N ARG G 39 -22.33 61.63 -4.10
CA ARG G 39 -22.52 63.07 -3.87
C ARG G 39 -22.38 63.88 -5.12
N GLN G 40 -23.12 64.97 -5.21
CA GLN G 40 -22.99 65.85 -6.35
C GLN G 40 -22.56 67.22 -5.91
N ALA G 41 -21.32 67.57 -6.19
CA ALA G 41 -20.81 68.87 -5.76
C ALA G 41 -21.63 69.89 -6.54
N PRO G 42 -21.88 71.09 -6.00
CA PRO G 42 -22.65 72.06 -6.71
C PRO G 42 -21.96 72.43 -7.98
N GLY G 43 -22.70 72.45 -9.08
CA GLY G 43 -22.15 72.80 -10.37
C GLY G 43 -21.40 71.65 -11.02
N LYS G 44 -21.39 70.49 -10.38
CA LYS G 44 -20.65 69.34 -10.87
C LYS G 44 -21.49 68.12 -11.15
N ALA G 45 -20.88 67.20 -11.89
CA ALA G 45 -21.47 65.91 -12.15
C ALA G 45 -21.40 65.09 -10.87
N LEU G 46 -22.28 64.13 -10.80
CA LEU G 46 -22.43 63.20 -9.68
C LEU G 46 -21.19 62.31 -9.49
N GLU G 47 -20.74 62.14 -8.25
CA GLU G 47 -19.58 61.32 -7.88
C GLU G 47 -19.85 60.19 -6.88
N TRP G 48 -19.39 58.98 -7.19
CA TRP G 48 -19.56 57.84 -6.30
C TRP G 48 -18.66 57.91 -5.08
N ILE G 49 -19.20 57.64 -3.90
CA ILE G 49 -18.40 57.65 -2.67
C ILE G 49 -18.03 56.26 -2.23
N GLY G 50 -19.05 55.42 -2.12
CA GLY G 50 -18.82 54.07 -1.64
C GLY G 50 -20.11 53.34 -1.27
N ASN G 51 -19.97 52.06 -0.94
CA ASN G 51 -21.13 51.29 -0.57
C ASN G 51 -20.88 50.19 0.44
N ILE G 52 -21.98 49.60 0.90
CA ILE G 52 -21.97 48.49 1.85
C ILE G 52 -23.12 47.54 1.58
N TYR G 53 -22.94 46.24 1.79
CA TYR G 53 -24.05 45.35 1.56
C TYR G 53 -24.85 45.01 2.77
N GLY G 54 -26.15 45.00 2.58
CA GLY G 54 -27.08 44.72 3.66
C GLY G 54 -26.85 43.39 4.36
N HIS G 55 -26.42 42.37 3.63
CA HIS G 55 -26.24 41.09 4.26
C HIS G 55 -24.78 40.74 4.49
N SER G 56 -23.85 41.65 4.17
CA SER G 56 -22.46 41.23 4.26
C SER G 56 -21.39 42.28 4.48
N GLY G 57 -21.73 43.56 4.66
CA GLY G 57 -20.61 44.47 4.80
C GLY G 57 -19.92 44.41 3.46
N SER G 58 -18.68 43.97 3.45
CA SER G 58 -17.97 43.82 2.19
C SER G 58 -18.03 45.06 1.34
N THR G 59 -17.62 46.16 1.93
CA THR G 59 -17.69 47.48 1.34
C THR G 59 -16.74 47.78 0.22
N ASN G 60 -17.08 48.87 -0.45
CA ASN G 60 -16.32 49.43 -1.55
C ASN G 60 -16.21 50.93 -1.36
N TYR G 61 -14.99 51.45 -1.34
CA TYR G 61 -14.84 52.88 -1.13
C TYR G 61 -14.05 53.50 -2.24
N LYS G 62 -14.32 54.77 -2.55
CA LYS G 62 -13.43 55.46 -3.47
C LYS G 62 -12.11 55.45 -2.73
N SER G 63 -11.04 55.06 -3.39
CA SER G 63 -9.78 54.93 -2.66
C SER G 63 -9.27 56.21 -2.06
N SER G 64 -9.55 57.35 -2.67
CA SER G 64 -9.04 58.60 -2.16
C SER G 64 -9.66 59.00 -0.83
N LEU G 65 -10.78 58.40 -0.50
CA LEU G 65 -11.46 58.71 0.72
C LEU G 65 -11.27 57.64 1.78
N LYS G 66 -10.55 56.56 1.48
CA LYS G 66 -10.53 55.43 2.40
C LYS G 66 -9.93 55.75 3.77
N ARG G 67 -9.08 56.74 3.85
CA ARG G 67 -8.47 57.09 5.12
C ARG G 67 -9.37 58.00 5.96
N ARG G 68 -10.45 58.50 5.38
CA ARG G 68 -11.35 59.41 6.07
C ARG G 68 -12.77 58.88 6.17
N LEU G 69 -13.12 57.99 5.25
CA LEU G 69 -14.47 57.48 5.08
C LEU G 69 -14.80 56.11 5.65
N THR G 70 -15.87 56.07 6.43
CA THR G 70 -16.43 54.83 6.95
C THR G 70 -17.90 54.72 6.58
N ILE G 71 -18.27 53.55 6.07
CA ILE G 71 -19.67 53.28 5.78
C ILE G 71 -20.08 52.10 6.63
N SER G 72 -21.22 52.24 7.28
CA SER G 72 -21.72 51.19 8.17
C SER G 72 -23.23 51.16 8.22
N THR G 73 -23.78 50.10 8.82
CA THR G 73 -25.22 49.99 8.99
C THR G 73 -25.62 49.74 10.43
N ASP G 74 -26.90 49.98 10.71
CA ASP G 74 -27.51 49.72 11.99
C ASP G 74 -28.86 49.09 11.74
N THR G 75 -28.91 47.79 11.97
CA THR G 75 -30.06 47.02 11.62
C THR G 75 -31.22 47.20 12.55
N SER G 76 -30.99 47.81 13.71
CA SER G 76 -32.07 47.98 14.67
C SER G 76 -32.96 49.15 14.27
N LYS G 77 -32.46 50.01 13.38
CA LYS G 77 -33.19 51.18 12.93
C LYS G 77 -33.45 51.10 11.44
N ASN G 78 -33.06 49.97 10.86
CA ASN G 78 -33.19 49.69 9.44
C ASN G 78 -32.54 50.84 8.65
N GLN G 79 -31.31 51.23 9.04
CA GLN G 79 -30.66 52.37 8.40
C GLN G 79 -29.20 52.16 8.08
N PHE G 80 -28.69 52.95 7.14
CA PHE G 80 -27.25 52.95 6.86
C PHE G 80 -26.70 54.35 6.98
N SER G 81 -25.40 54.47 7.21
CA SER G 81 -24.84 55.80 7.32
C SER G 81 -23.42 56.00 6.79
N LEU G 82 -23.19 57.25 6.45
CA LEU G 82 -21.95 57.79 5.94
C LEU G 82 -21.18 58.62 6.94
N LYS G 83 -19.99 58.19 7.29
CA LYS G 83 -19.17 58.95 8.22
C LYS G 83 -17.87 59.43 7.56
N LEU G 84 -17.72 60.75 7.40
CA LEU G 84 -16.52 61.26 6.74
C LEU G 84 -15.76 62.22 7.65
N THR G 85 -14.55 61.85 8.02
CA THR G 85 -13.76 62.67 8.93
C THR G 85 -13.00 63.75 8.21
N SER G 86 -12.49 64.71 8.97
CA SER G 86 -11.62 65.76 8.47
C SER G 86 -12.17 66.44 7.23
N VAL G 87 -13.41 66.87 7.27
CA VAL G 87 -14.00 67.48 6.09
C VAL G 87 -13.36 68.79 5.68
N THR G 88 -13.36 69.00 4.38
CA THR G 88 -12.85 70.23 3.83
C THR G 88 -13.80 70.90 2.88
N ALA G 89 -13.42 72.06 2.38
CA ALA G 89 -14.29 72.84 1.49
C ALA G 89 -14.70 72.05 0.25
N ALA G 90 -13.80 71.20 -0.22
CA ALA G 90 -13.98 70.38 -1.40
C ALA G 90 -15.05 69.31 -1.20
N ASP G 91 -15.47 69.09 0.05
CA ASP G 91 -16.46 68.08 0.34
C ASP G 91 -17.87 68.67 0.31
N THR G 92 -17.99 69.96 -0.03
CA THR G 92 -19.34 70.52 -0.14
C THR G 92 -20.02 69.84 -1.32
N ALA G 93 -21.19 69.30 -1.06
CA ALA G 93 -21.95 68.57 -2.08
C ALA G 93 -23.32 68.23 -1.60
N VAL G 94 -24.18 67.84 -2.50
CA VAL G 94 -25.40 67.25 -2.00
C VAL G 94 -25.21 65.78 -1.98
N TYR G 95 -25.39 65.21 -0.82
CA TYR G 95 -25.17 63.82 -0.61
C TYR G 95 -26.46 63.09 -0.73
N TYR G 96 -26.44 62.03 -1.48
CA TYR G 96 -27.60 61.21 -1.66
C TYR G 96 -27.30 59.81 -1.27
N CYS G 97 -28.32 59.15 -0.78
CA CYS G 97 -28.18 57.75 -0.58
C CYS G 97 -28.96 57.07 -1.70
N ALA G 98 -28.50 55.89 -2.08
CA ALA G 98 -29.16 55.12 -3.13
C ALA G 98 -29.01 53.62 -2.92
N ARG G 99 -29.92 52.89 -3.53
CA ARG G 99 -29.94 51.45 -3.47
C ARG G 99 -29.59 50.83 -4.79
N TRP G 100 -28.40 50.22 -4.81
CA TRP G 100 -27.79 49.60 -5.96
C TRP G 100 -28.22 48.17 -6.11
N SER G 101 -28.67 47.86 -7.30
CA SER G 101 -29.06 46.52 -7.61
C SER G 101 -28.65 46.11 -9.01
N THR G 102 -27.71 45.18 -9.05
CA THR G 102 -27.18 44.55 -10.24
C THR G 102 -26.49 45.45 -11.25
N ALA G 103 -27.24 46.36 -11.85
CA ALA G 103 -26.69 47.23 -12.87
C ALA G 103 -27.08 48.69 -12.70
N ASP G 104 -27.92 49.00 -11.73
CA ASP G 104 -28.35 50.38 -11.60
C ASP G 104 -28.80 50.71 -10.18
N PHE G 105 -29.21 51.93 -9.95
CA PHE G 105 -29.70 52.36 -8.66
C PHE G 105 -31.20 52.48 -8.78
N ASP G 106 -31.88 51.53 -8.16
CA ASP G 106 -33.32 51.41 -8.30
C ASP G 106 -33.99 52.46 -7.47
N TYR G 107 -33.41 52.74 -6.32
CA TYR G 107 -34.02 53.71 -5.43
C TYR G 107 -33.05 54.76 -5.00
N TRP G 108 -33.59 55.97 -4.85
CA TRP G 108 -32.84 57.14 -4.42
C TRP G 108 -33.58 57.85 -3.32
N GLY G 109 -32.82 58.55 -2.49
CA GLY G 109 -33.41 59.39 -1.46
C GLY G 109 -33.61 60.81 -2.01
N GLN G 110 -33.63 61.79 -1.11
CA GLN G 110 -33.89 63.18 -1.51
C GLN G 110 -32.61 63.99 -1.52
N GLY G 111 -31.69 63.59 -0.66
CA GLY G 111 -30.39 64.20 -0.51
C GLY G 111 -30.30 65.26 0.57
N VAL G 112 -29.09 65.46 1.07
CA VAL G 112 -28.81 66.49 2.06
C VAL G 112 -27.76 67.41 1.50
N LEU G 113 -28.05 68.68 1.43
CA LEU G 113 -27.02 69.55 0.92
C LEU G 113 -26.14 69.91 2.06
N VAL G 114 -24.87 69.55 1.94
CA VAL G 114 -23.93 69.78 3.00
C VAL G 114 -22.87 70.77 2.60
N THR G 115 -22.74 71.78 3.43
CA THR G 115 -21.76 72.83 3.27
C THR G 115 -20.69 72.69 4.32
N VAL G 116 -19.43 72.80 3.92
CA VAL G 116 -18.40 72.73 4.92
C VAL G 116 -17.98 74.17 5.20
N SER G 117 -18.23 74.63 6.40
CA SER G 117 -17.99 76.04 6.76
C SER G 117 -17.91 76.28 8.26
N SER G 118 -16.94 77.09 8.66
CA SER G 118 -16.76 77.44 10.05
C SER G 118 -18.08 77.87 10.68
N ASP H 1 -8.50 54.33 -13.11
CA ASP H 1 -9.92 54.51 -13.17
C ASP H 1 -10.45 54.50 -14.59
N ILE H 2 -11.71 54.17 -14.74
CA ILE H 2 -12.35 54.17 -16.03
C ILE H 2 -13.03 55.50 -16.12
N VAL H 3 -12.69 56.29 -17.11
CA VAL H 3 -13.25 57.61 -17.19
C VAL H 3 -14.34 57.72 -18.22
N MET H 4 -15.46 58.28 -17.81
CA MET H 4 -16.58 58.42 -18.72
C MET H 4 -16.75 59.85 -19.19
N THR H 5 -17.04 60.01 -20.46
CA THR H 5 -17.35 61.33 -20.97
C THR H 5 -18.61 61.31 -21.79
N GLN H 6 -19.14 62.48 -22.10
CA GLN H 6 -20.35 62.57 -22.89
C GLN H 6 -20.27 63.65 -23.96
N SER H 7 -20.97 63.42 -25.05
CA SER H 7 -21.05 64.37 -26.13
C SER H 7 -22.41 64.33 -26.80
N PRO H 8 -23.05 65.48 -26.99
CA PRO H 8 -22.64 66.84 -26.69
C PRO H 8 -22.76 67.12 -25.21
N SER H 9 -22.20 68.24 -24.76
CA SER H 9 -22.41 68.66 -23.38
C SER H 9 -23.83 69.20 -23.20
N SER H 10 -24.43 69.66 -24.29
CA SER H 10 -25.80 70.13 -24.28
C SER H 10 -26.43 69.89 -25.64
N LEU H 11 -27.74 69.78 -25.64
CA LEU H 11 -28.49 69.56 -26.86
C LEU H 11 -29.76 70.40 -26.87
N SER H 12 -30.08 71.02 -27.99
CA SER H 12 -31.34 71.76 -28.07
C SER H 12 -32.35 70.97 -28.89
N ALA H 13 -33.59 70.91 -28.42
CA ALA H 13 -34.60 70.15 -29.14
C ALA H 13 -36.03 70.64 -28.95
N SER H 14 -36.90 70.20 -29.86
CA SER H 14 -38.33 70.48 -29.74
C SER H 14 -39.06 69.22 -29.32
N VAL H 15 -40.30 69.40 -28.91
CA VAL H 15 -41.12 68.27 -28.55
C VAL H 15 -41.49 67.53 -29.82
N GLY H 16 -41.30 66.23 -29.78
CA GLY H 16 -41.56 65.34 -30.88
C GLY H 16 -40.28 64.97 -31.61
N ASP H 17 -39.20 65.69 -31.34
CA ASP H 17 -37.93 65.38 -31.98
C ASP H 17 -37.34 64.10 -31.48
N THR H 18 -36.53 63.47 -32.32
CA THR H 18 -35.77 62.32 -31.85
C THR H 18 -34.40 62.82 -31.59
N VAL H 19 -33.91 62.59 -30.39
CA VAL H 19 -32.60 63.07 -30.07
C VAL H 19 -31.73 61.97 -29.55
N THR H 20 -30.44 62.09 -29.75
CA THR H 20 -29.53 61.12 -29.20
C THR H 20 -28.35 61.78 -28.56
N ILE H 21 -27.79 61.13 -27.54
CA ILE H 21 -26.54 61.61 -26.98
C ILE H 21 -25.55 60.43 -26.89
N THR H 22 -24.25 60.73 -26.91
CA THR H 22 -23.27 59.66 -26.85
C THR H 22 -22.41 59.68 -25.60
N CYS H 23 -22.28 58.51 -25.01
CA CYS H 23 -21.45 58.24 -23.84
C CYS H 23 -20.21 57.46 -24.23
N ARG H 24 -19.06 57.94 -23.79
CA ARG H 24 -17.83 57.26 -24.16
C ARG H 24 -16.94 56.88 -23.00
N ALA H 25 -16.46 55.64 -23.05
CA ALA H 25 -15.56 55.16 -22.02
C ALA H 25 -14.11 55.23 -22.44
N SER H 26 -13.25 55.53 -21.49
CA SER H 26 -11.81 55.51 -21.70
C SER H 26 -11.27 54.08 -21.76
N GLN H 27 -12.08 53.13 -21.33
CA GLN H 27 -11.73 51.73 -21.31
C GLN H 27 -12.87 50.93 -21.86
N ASP H 28 -12.58 49.78 -22.44
CA ASP H 28 -13.68 48.93 -22.88
C ASP H 28 -14.42 48.41 -21.67
N ILE H 29 -15.72 48.64 -21.62
CA ILE H 29 -16.55 48.20 -20.52
C ILE H 29 -17.64 47.29 -21.01
N THR H 30 -17.36 46.53 -22.08
CA THR H 30 -18.32 45.63 -22.71
C THR H 30 -19.72 46.27 -22.70
N ASN H 31 -20.62 45.83 -21.85
CA ASN H 31 -21.95 46.44 -21.82
C ASN H 31 -22.35 46.94 -20.43
N ASP H 32 -21.41 47.20 -19.56
CA ASP H 32 -21.73 47.61 -18.19
C ASP H 32 -21.95 49.10 -18.05
N LEU H 33 -22.93 49.59 -18.79
CA LEU H 33 -23.27 51.01 -18.79
C LEU H 33 -24.71 51.24 -18.36
N ALA H 34 -24.94 52.28 -17.56
CA ALA H 34 -26.32 52.64 -17.22
C ALA H 34 -26.57 54.11 -17.54
N TRP H 35 -27.81 54.41 -17.93
CA TRP H 35 -28.24 55.78 -18.23
C TRP H 35 -29.29 56.28 -17.25
N TYR H 36 -29.22 57.58 -16.94
CA TYR H 36 -30.12 58.26 -16.01
C TYR H 36 -30.71 59.56 -16.48
N GLN H 37 -31.90 59.89 -15.97
CA GLN H 37 -32.54 61.18 -16.24
C GLN H 37 -32.62 62.05 -14.97
N GLN H 38 -31.92 63.17 -14.97
CA GLN H 38 -31.91 64.04 -13.81
C GLN H 38 -32.64 65.33 -14.05
N LYS H 39 -33.54 65.64 -13.16
CA LYS H 39 -34.27 66.88 -13.30
C LYS H 39 -33.78 67.76 -12.20
N PRO H 40 -33.78 69.08 -12.36
CA PRO H 40 -33.32 69.99 -11.37
C PRO H 40 -34.04 69.75 -10.06
N GLY H 41 -33.28 69.72 -8.98
CA GLY H 41 -33.81 69.53 -7.65
C GLY H 41 -33.91 68.08 -7.21
N LYS H 42 -33.68 67.10 -8.10
CA LYS H 42 -33.82 65.70 -7.68
C LYS H 42 -32.73 64.74 -8.09
N ALA H 43 -32.66 63.64 -7.33
CA ALA H 43 -31.80 62.54 -7.65
C ALA H 43 -32.28 62.00 -8.99
N PRO H 44 -31.40 61.46 -9.84
CA PRO H 44 -31.72 60.92 -11.14
C PRO H 44 -32.56 59.65 -11.16
N LYS H 45 -33.38 59.51 -12.19
CA LYS H 45 -34.16 58.32 -12.42
C LYS H 45 -33.42 57.37 -13.35
N ALA H 46 -33.34 56.11 -12.97
CA ALA H 46 -32.68 55.16 -13.86
C ALA H 46 -33.50 55.00 -15.12
N LEU H 47 -32.83 54.92 -16.26
CA LEU H 47 -33.52 54.71 -17.51
C LEU H 47 -33.22 53.40 -18.18
N ILE H 48 -31.94 53.19 -18.41
CA ILE H 48 -31.42 52.04 -19.16
C ILE H 48 -30.26 51.37 -18.48
N TYR H 49 -30.24 50.04 -18.50
CA TYR H 49 -29.14 49.29 -17.90
C TYR H 49 -28.56 48.24 -18.86
N TYR H 50 -27.31 47.89 -18.64
CA TYR H 50 -26.56 46.99 -19.52
C TYR H 50 -26.56 47.52 -20.93
N ALA H 51 -26.34 48.82 -21.07
CA ALA H 51 -26.29 49.56 -22.32
C ALA H 51 -27.66 49.73 -22.99
N SER H 52 -28.43 48.66 -23.14
CA SER H 52 -29.70 48.76 -23.86
C SER H 52 -31.03 48.35 -23.17
N ASN H 53 -31.03 47.77 -21.97
CA ASN H 53 -32.31 47.32 -21.39
C ASN H 53 -33.06 48.41 -20.66
N LEU H 54 -34.34 48.56 -20.95
CA LEU H 54 -35.19 49.55 -20.32
C LEU H 54 -35.51 49.18 -18.89
N GLU H 55 -35.46 50.17 -18.00
CA GLU H 55 -35.81 49.96 -16.61
C GLU H 55 -37.31 50.12 -16.37
N SER H 56 -37.82 49.47 -15.37
CA SER H 56 -39.23 49.59 -15.09
C SER H 56 -39.66 51.00 -14.80
N GLY H 57 -40.81 51.36 -15.35
CA GLY H 57 -41.37 52.68 -15.14
C GLY H 57 -40.92 53.68 -16.20
N VAL H 58 -40.05 53.23 -17.08
CA VAL H 58 -39.53 54.04 -18.16
C VAL H 58 -40.39 53.86 -19.41
N PRO H 59 -40.88 54.94 -20.01
CA PRO H 59 -41.65 54.92 -21.23
C PRO H 59 -40.87 54.29 -22.38
N SER H 60 -41.59 53.65 -23.28
CA SER H 60 -41.05 52.94 -24.43
C SER H 60 -40.29 53.79 -25.43
N ARG H 61 -40.42 55.10 -25.33
CA ARG H 61 -39.70 56.01 -26.21
C ARG H 61 -38.19 56.00 -25.92
N PHE H 62 -37.80 55.48 -24.75
CA PHE H 62 -36.40 55.40 -24.37
C PHE H 62 -35.77 54.10 -24.83
N SER H 63 -34.69 54.22 -25.55
CA SER H 63 -33.97 53.06 -26.06
C SER H 63 -32.52 53.43 -26.18
N GLY H 64 -31.68 52.46 -26.48
CA GLY H 64 -30.28 52.77 -26.64
C GLY H 64 -29.52 51.51 -26.96
N SER H 65 -28.27 51.69 -27.29
CA SER H 65 -27.40 50.57 -27.64
C SER H 65 -25.96 50.96 -27.57
N GLY H 66 -25.08 49.96 -27.61
CA GLY H 66 -23.68 50.26 -27.66
C GLY H 66 -22.86 49.14 -27.12
N ALA H 67 -21.55 49.29 -27.27
CA ALA H 67 -20.65 48.28 -26.78
C ALA H 67 -19.23 48.81 -26.64
N GLY H 68 -18.51 48.21 -25.71
CA GLY H 68 -17.10 48.51 -25.56
C GLY H 68 -16.96 49.90 -25.02
N THR H 69 -16.59 50.84 -25.86
CA THR H 69 -16.44 52.20 -25.41
C THR H 69 -17.50 53.14 -25.90
N ASP H 70 -18.25 52.77 -26.93
CA ASP H 70 -19.18 53.74 -27.54
C ASP H 70 -20.66 53.41 -27.35
N PHE H 71 -21.37 54.25 -26.58
CA PHE H 71 -22.77 53.99 -26.30
C PHE H 71 -23.71 55.15 -26.60
N THR H 72 -24.90 54.83 -27.10
CA THR H 72 -25.87 55.88 -27.42
C THR H 72 -27.22 55.75 -26.74
N LEU H 73 -27.67 56.87 -26.19
CA LEU H 73 -29.00 56.98 -25.59
C LEU H 73 -29.91 57.64 -26.58
N THR H 74 -31.00 56.99 -26.91
CA THR H 74 -31.95 57.54 -27.88
C THR H 74 -33.31 57.82 -27.27
N ILE H 75 -33.81 59.02 -27.47
CA ILE H 75 -35.14 59.32 -27.00
C ILE H 75 -36.01 59.72 -28.17
N SER H 76 -36.95 58.86 -28.55
CA SER H 76 -37.78 59.20 -29.68
C SER H 76 -38.92 60.03 -29.17
N SER H 77 -39.58 60.77 -30.06
CA SER H 77 -40.75 61.53 -29.65
C SER H 77 -40.49 62.26 -28.34
N LEU H 78 -39.44 63.06 -28.28
CA LEU H 78 -39.07 63.74 -27.05
C LEU H 78 -40.24 64.51 -26.50
N GLN H 79 -40.53 64.32 -25.21
CA GLN H 79 -41.66 64.97 -24.55
C GLN H 79 -41.22 66.17 -23.75
N PRO H 80 -42.09 67.14 -23.40
CA PRO H 80 -41.70 68.28 -22.59
C PRO H 80 -41.16 67.87 -21.22
N GLU H 81 -41.61 66.72 -20.73
CA GLU H 81 -41.13 66.24 -19.44
C GLU H 81 -39.74 65.66 -19.51
N ASP H 82 -39.18 65.52 -20.72
CA ASP H 82 -37.87 64.95 -20.90
C ASP H 82 -36.77 65.99 -21.00
N PHE H 83 -37.09 67.26 -20.79
CA PHE H 83 -35.99 68.20 -20.87
C PHE H 83 -35.32 68.18 -19.51
N ALA H 84 -34.30 67.34 -19.50
CA ALA H 84 -33.55 66.90 -18.34
C ALA H 84 -32.10 66.69 -18.68
N LEU H 85 -31.30 66.46 -17.66
CA LEU H 85 -29.90 66.18 -17.87
C LEU H 85 -29.74 64.70 -17.93
N TYR H 86 -28.95 64.23 -18.86
CA TYR H 86 -28.79 62.81 -18.92
C TYR H 86 -27.39 62.41 -18.62
N TYR H 87 -27.27 61.35 -17.86
CA TYR H 87 -25.97 60.87 -17.46
C TYR H 87 -25.77 59.45 -17.79
N CYS H 88 -24.53 59.11 -18.05
CA CYS H 88 -24.20 57.71 -18.18
C CYS H 88 -23.17 57.34 -17.14
N GLN H 89 -23.18 56.09 -16.71
CA GLN H 89 -22.14 55.62 -15.80
C GLN H 89 -21.69 54.22 -16.06
N GLN H 90 -20.44 53.95 -15.72
CA GLN H 90 -19.91 52.62 -15.86
C GLN H 90 -19.86 51.97 -14.52
N HIS H 91 -20.18 50.70 -14.52
CA HIS H 91 -20.09 49.90 -13.32
C HIS H 91 -19.35 48.62 -13.61
N ASN H 92 -18.37 48.74 -14.50
CA ASN H 92 -17.50 47.64 -14.89
C ASN H 92 -16.49 47.43 -13.80
N ASN H 93 -16.03 48.54 -13.21
CA ASN H 93 -15.09 48.42 -12.12
C ASN H 93 -15.18 49.61 -11.18
N TYR H 94 -14.39 49.60 -10.13
CA TYR H 94 -14.44 50.72 -9.21
C TYR H 94 -13.37 51.76 -9.49
N PRO H 95 -13.65 53.02 -9.16
CA PRO H 95 -14.87 53.60 -8.59
C PRO H 95 -15.97 53.62 -9.63
N LEU H 96 -17.21 53.57 -9.19
CA LEU H 96 -18.29 53.66 -10.14
C LEU H 96 -18.14 55.05 -10.68
N THR H 97 -18.24 55.18 -11.98
CA THR H 97 -17.96 56.47 -12.56
C THR H 97 -19.03 57.02 -13.45
N PHE H 98 -19.35 58.28 -13.21
CA PHE H 98 -20.37 58.98 -13.96
C PHE H 98 -19.73 59.92 -14.95
N GLY H 99 -20.37 60.10 -16.08
CA GLY H 99 -19.92 61.07 -17.07
C GLY H 99 -20.35 62.45 -16.59
N PRO H 100 -19.99 63.51 -17.30
CA PRO H 100 -20.29 64.89 -16.97
C PRO H 100 -21.76 65.26 -17.11
N GLY H 101 -22.49 64.49 -17.89
CA GLY H 101 -23.89 64.73 -18.15
C GLY H 101 -24.11 65.58 -19.41
N THR H 102 -25.25 65.38 -20.07
CA THR H 102 -25.63 66.18 -21.23
C THR H 102 -26.90 66.90 -20.89
N LYS H 103 -26.90 68.21 -21.02
CA LYS H 103 -28.12 68.95 -20.70
C LYS H 103 -29.00 69.14 -21.92
N VAL H 104 -30.24 68.66 -21.87
CA VAL H 104 -31.08 68.84 -23.02
C VAL H 104 -32.07 69.98 -22.76
N ASP H 105 -31.96 71.01 -23.58
CA ASP H 105 -32.75 72.22 -23.50
C ASP H 105 -33.83 72.25 -24.55
N ILE H 106 -34.86 73.01 -24.27
CA ILE H 106 -35.93 73.13 -25.24
C ILE H 106 -35.72 74.36 -26.08
N LYS H 107 -35.80 74.20 -27.37
CA LYS H 107 -35.62 75.32 -28.26
C LYS H 107 -36.58 76.44 -27.91
N ASN I 3 51.67 4.47 0.54
CA ASN I 3 51.65 5.06 -0.80
C ASN I 3 50.26 5.30 -1.30
N LEU I 4 49.40 4.33 -1.06
CA LEU I 4 48.03 4.43 -1.49
C LEU I 4 47.13 4.33 -0.29
N TRP I 5 46.01 5.03 -0.35
CA TRP I 5 44.99 5.08 0.68
C TRP I 5 43.66 4.75 0.07
N VAL I 6 42.75 4.30 0.88
CA VAL I 6 41.45 3.98 0.38
C VAL I 6 40.81 5.24 -0.13
N THR I 7 40.28 5.15 -1.33
CA THR I 7 39.55 6.23 -1.94
C THR I 7 38.21 5.66 -2.36
N VAL I 8 37.16 6.38 -2.03
CA VAL I 8 35.82 5.89 -2.31
C VAL I 8 35.31 6.50 -3.58
N TYR I 9 34.80 5.64 -4.46
CA TYR I 9 34.28 6.05 -5.74
C TYR I 9 32.77 5.74 -5.81
N TYR I 10 31.97 6.76 -6.11
CA TYR I 10 30.54 6.50 -6.17
C TYR I 10 30.00 6.71 -7.56
N GLY I 11 29.28 5.72 -8.06
CA GLY I 11 28.74 5.74 -9.41
C GLY I 11 29.52 4.73 -10.22
N VAL I 12 30.06 3.74 -9.55
CA VAL I 12 30.85 2.70 -10.16
C VAL I 12 29.97 1.77 -11.01
N PRO I 13 30.29 1.51 -12.30
CA PRO I 13 29.49 0.72 -13.23
C PRO I 13 29.58 -0.78 -13.04
N VAL I 14 29.09 -1.25 -11.89
CA VAL I 14 29.08 -2.68 -11.57
C VAL I 14 27.71 -3.16 -11.11
N TRP I 15 27.52 -4.48 -11.12
CA TRP I 15 26.25 -5.07 -10.71
C TRP I 15 26.31 -6.49 -10.18
N LYS I 16 25.18 -6.91 -9.61
CA LYS I 16 24.95 -8.25 -9.08
C LYS I 16 23.63 -8.84 -9.56
N ASP I 17 23.50 -10.16 -9.56
CA ASP I 17 22.25 -10.79 -10.00
C ASP I 17 21.08 -10.28 -9.17
N ALA I 18 19.94 -10.01 -9.81
CA ALA I 18 18.79 -9.51 -9.10
C ALA I 18 17.56 -10.39 -9.15
N GLU I 19 16.76 -10.26 -8.10
CA GLU I 19 15.44 -10.86 -8.00
C GLU I 19 14.44 -9.76 -7.75
N THR I 20 13.91 -9.18 -8.81
CA THR I 20 13.04 -8.03 -8.64
C THR I 20 11.79 -8.13 -9.46
N THR I 21 10.96 -7.11 -9.34
CA THR I 21 9.69 -7.05 -10.04
C THR I 21 9.74 -6.07 -11.18
N LEU I 22 9.38 -6.52 -12.38
CA LEU I 22 9.38 -5.66 -13.55
C LEU I 22 8.01 -5.01 -13.72
N PHE I 23 7.99 -3.84 -14.36
CA PHE I 23 6.79 -3.01 -14.54
C PHE I 23 5.65 -3.42 -15.45
N CYS I 24 5.98 -3.95 -16.62
CA CYS I 24 5.10 -4.22 -17.76
C CYS I 24 4.87 -2.91 -18.50
N ALA I 25 4.83 -2.95 -19.81
CA ALA I 25 4.53 -1.76 -20.59
C ALA I 25 3.87 -2.12 -21.91
N SER I 26 3.07 -1.18 -22.42
CA SER I 26 2.38 -1.33 -23.70
C SER I 26 2.88 -0.38 -24.78
N LYS I 34 -7.53 -0.34 -26.74
CA LYS I 34 -8.15 -1.62 -27.09
C LYS I 34 -9.41 -1.78 -26.29
N LYS I 35 -9.52 -0.97 -25.25
CA LYS I 35 -10.66 -0.84 -24.32
C LYS I 35 -10.93 -2.04 -23.42
N HIS I 36 -11.10 -3.19 -24.03
CA HIS I 36 -11.44 -4.40 -23.33
C HIS I 36 -10.29 -5.34 -23.07
N ASN I 37 -9.17 -5.14 -23.75
CA ASN I 37 -8.04 -6.04 -23.58
C ASN I 37 -7.45 -5.92 -22.19
N VAL I 38 -7.27 -7.07 -21.55
CA VAL I 38 -6.77 -7.07 -20.19
C VAL I 38 -5.34 -6.58 -20.07
N TRP I 39 -4.50 -6.80 -21.06
CA TRP I 39 -3.14 -6.34 -20.92
C TRP I 39 -3.08 -4.88 -21.23
N ALA I 40 -3.98 -4.45 -22.12
CA ALA I 40 -4.01 -3.06 -22.48
C ALA I 40 -4.40 -2.22 -21.29
N THR I 41 -5.32 -2.74 -20.48
CA THR I 41 -5.74 -1.98 -19.33
C THR I 41 -4.86 -2.26 -18.14
N HIS I 42 -4.19 -3.42 -18.12
CA HIS I 42 -3.31 -3.75 -17.03
C HIS I 42 -2.09 -2.87 -16.96
N CYS I 43 -1.38 -2.70 -18.06
CA CYS I 43 -0.24 -1.83 -17.94
C CYS I 43 -0.31 -0.79 -19.02
N CYS I 44 -0.46 0.43 -18.54
CA CYS I 44 -0.64 1.62 -19.36
C CYS I 44 0.69 2.27 -19.62
N VAL I 45 1.69 1.78 -18.96
CA VAL I 45 2.98 2.39 -19.04
C VAL I 45 3.32 2.28 -20.49
N PRO I 46 3.57 3.38 -21.17
CA PRO I 46 3.83 3.38 -22.57
C PRO I 46 5.18 2.88 -22.88
N THR I 47 5.29 2.26 -24.02
CA THR I 47 6.60 1.98 -24.57
C THR I 47 6.49 1.88 -26.07
N ASP I 48 7.54 2.32 -26.72
CA ASP I 48 7.74 2.34 -28.17
C ASP I 48 9.10 2.99 -28.48
N PRO I 49 9.37 4.24 -28.01
CA PRO I 49 10.61 4.95 -28.25
C PRO I 49 11.67 4.37 -27.36
N ASN I 50 12.12 3.19 -27.73
CA ASN I 50 13.09 2.47 -26.94
C ASN I 50 14.43 2.18 -27.62
N PRO I 51 15.10 3.15 -28.29
CA PRO I 51 16.45 3.01 -28.80
C PRO I 51 17.34 3.29 -27.60
N GLN I 52 17.18 2.47 -26.58
CA GLN I 52 17.83 2.68 -25.32
C GLN I 52 18.78 1.57 -25.05
N GLU I 53 19.10 0.85 -26.11
CA GLU I 53 19.99 -0.27 -26.02
C GLU I 53 21.41 0.17 -26.06
N ILE I 54 22.13 -0.13 -25.01
CA ILE I 54 23.50 0.27 -24.90
C ILE I 54 24.43 -0.90 -25.02
N HIS I 55 25.19 -0.94 -26.09
CA HIS I 55 26.09 -2.04 -26.28
C HIS I 55 27.15 -2.05 -25.24
N LEU I 56 27.44 -3.19 -24.66
CA LEU I 56 28.52 -3.21 -23.70
C LEU I 56 29.68 -3.93 -24.31
N GLU I 57 30.82 -3.28 -24.38
CA GLU I 57 31.94 -3.99 -24.92
C GLU I 57 32.36 -4.98 -23.89
N ASN I 58 32.85 -6.12 -24.33
CA ASN I 58 33.35 -7.15 -23.45
C ASN I 58 32.26 -7.64 -22.49
N VAL I 59 32.49 -7.56 -21.18
CA VAL I 59 31.57 -8.02 -20.13
C VAL I 59 31.41 -9.55 -20.07
N THR I 60 30.95 -10.16 -21.16
CA THR I 60 30.73 -11.60 -21.25
C THR I 60 29.91 -12.13 -20.08
N GLU I 61 28.67 -11.69 -20.01
CA GLU I 61 27.83 -12.05 -18.88
C GLU I 61 27.34 -13.49 -18.93
N GLU I 62 27.22 -14.09 -17.75
CA GLU I 62 26.72 -15.44 -17.65
C GLU I 62 25.21 -15.50 -17.46
N PHE I 63 24.56 -16.22 -18.35
CA PHE I 63 23.12 -16.39 -18.35
C PHE I 63 22.72 -17.82 -18.04
N ASN I 64 21.51 -17.97 -17.51
CA ASN I 64 20.95 -19.30 -17.35
C ASN I 64 19.46 -19.23 -17.45
N MET I 65 18.94 -19.52 -18.62
CA MET I 65 17.52 -19.37 -18.87
C MET I 65 16.64 -20.30 -18.07
N TRP I 66 17.20 -21.37 -17.56
CA TRP I 66 16.39 -22.36 -16.91
C TRP I 66 16.11 -21.93 -15.49
N LYS I 67 16.75 -20.85 -15.06
CA LYS I 67 16.64 -20.31 -13.73
C LYS I 67 16.13 -18.88 -13.82
N ASN I 68 15.57 -18.50 -14.96
CA ASN I 68 15.21 -17.12 -15.17
C ASN I 68 13.94 -16.71 -14.43
N ASN I 69 14.12 -15.81 -13.47
CA ASN I 69 13.04 -15.40 -12.60
C ASN I 69 12.07 -14.43 -13.26
N MET I 70 12.32 -14.08 -14.50
CA MET I 70 11.39 -13.23 -15.20
C MET I 70 10.27 -14.10 -15.70
N VAL I 71 10.58 -15.38 -15.89
CA VAL I 71 9.62 -16.33 -16.39
C VAL I 71 8.70 -16.60 -15.25
N GLU I 72 9.31 -16.73 -14.08
CA GLU I 72 8.53 -16.99 -12.92
C GLU I 72 7.62 -15.80 -12.64
N GLN I 73 8.13 -14.57 -12.82
CA GLN I 73 7.25 -13.45 -12.62
C GLN I 73 6.09 -13.49 -13.58
N MET I 74 6.34 -13.79 -14.86
CA MET I 74 5.21 -13.79 -15.78
C MET I 74 4.18 -14.79 -15.37
N HIS I 75 4.60 -15.94 -14.91
CA HIS I 75 3.63 -16.94 -14.55
C HIS I 75 2.72 -16.40 -13.48
N THR I 76 3.31 -15.85 -12.44
CA THR I 76 2.51 -15.37 -11.35
C THR I 76 1.60 -14.21 -11.76
N ASP I 77 2.13 -13.25 -12.51
CA ASP I 77 1.33 -12.10 -12.85
C ASP I 77 0.27 -12.36 -13.89
N ILE I 78 0.54 -13.23 -14.85
CA ILE I 78 -0.46 -13.52 -15.84
C ILE I 78 -1.60 -14.23 -15.21
N ILE I 79 -1.33 -15.19 -14.34
CA ILE I 79 -2.44 -15.86 -13.72
C ILE I 79 -3.22 -14.89 -12.90
N SER I 80 -2.55 -14.03 -12.13
CA SER I 80 -3.29 -13.09 -11.34
C SER I 80 -4.15 -12.19 -12.21
N LEU I 81 -3.59 -11.66 -13.29
CA LEU I 81 -4.38 -10.76 -14.11
C LEU I 81 -5.60 -11.44 -14.63
N TRP I 82 -5.43 -12.67 -15.11
CA TRP I 82 -6.53 -13.44 -15.64
C TRP I 82 -7.64 -13.57 -14.62
N ASP I 83 -7.28 -14.03 -13.42
CA ASP I 83 -8.29 -14.25 -12.40
C ASP I 83 -8.94 -12.97 -11.97
N GLN I 84 -8.16 -11.91 -11.86
CA GLN I 84 -8.73 -10.66 -11.42
C GLN I 84 -9.71 -10.11 -12.41
N SER I 85 -9.39 -10.28 -13.68
CA SER I 85 -10.20 -9.78 -14.75
C SER I 85 -11.51 -10.51 -14.80
N LEU I 86 -11.48 -11.81 -14.57
CA LEU I 86 -12.72 -12.55 -14.63
C LEU I 86 -13.38 -12.81 -13.31
N LYS I 87 -12.76 -12.44 -12.19
CA LYS I 87 -13.43 -12.62 -10.94
C LYS I 87 -14.80 -11.94 -10.91
N PRO I 88 -14.97 -10.63 -11.21
CA PRO I 88 -16.22 -9.93 -11.12
C PRO I 88 -17.14 -10.16 -12.31
N CYS I 89 -17.49 -11.40 -12.57
CA CYS I 89 -18.38 -11.70 -13.69
C CYS I 89 -19.67 -12.36 -13.19
N VAL I 90 -20.10 -13.48 -13.77
CA VAL I 90 -21.43 -13.96 -13.36
C VAL I 90 -21.52 -14.98 -12.23
N LYS I 91 -20.57 -15.91 -12.11
CA LYS I 91 -20.65 -16.95 -11.08
C LYS I 91 -21.87 -17.85 -11.23
N LEU I 92 -21.91 -18.63 -12.30
CA LEU I 92 -23.01 -19.50 -12.68
C LEU I 92 -23.16 -20.75 -11.82
N THR I 93 -23.23 -20.58 -10.52
CA THR I 93 -23.39 -21.70 -9.63
C THR I 93 -24.70 -22.41 -9.94
N PRO I 94 -25.83 -21.68 -10.10
CA PRO I 94 -27.15 -22.21 -10.35
C PRO I 94 -27.28 -22.99 -11.64
N LEU I 95 -26.28 -22.98 -12.51
CA LEU I 95 -26.39 -23.76 -13.73
C LEU I 95 -26.13 -25.24 -13.45
N CYS I 96 -25.59 -25.53 -12.27
CA CYS I 96 -25.26 -26.91 -11.96
C CYS I 96 -26.46 -27.70 -11.45
N VAL I 97 -27.27 -28.14 -12.41
CA VAL I 97 -28.50 -28.91 -12.19
C VAL I 97 -28.57 -30.11 -13.08
N THR I 98 -29.49 -31.01 -12.79
CA THR I 98 -29.70 -32.13 -13.67
C THR I 98 -30.25 -31.63 -14.99
N LEU I 99 -29.64 -32.07 -16.06
CA LEU I 99 -30.02 -31.71 -17.41
C LEU I 99 -30.74 -32.86 -18.09
N GLN I 100 -31.71 -32.52 -18.92
CA GLN I 100 -32.41 -33.51 -19.72
C GLN I 100 -31.86 -33.42 -21.12
N CYS I 101 -31.15 -34.43 -21.60
CA CYS I 101 -30.51 -34.23 -22.88
C CYS I 101 -30.77 -35.32 -23.89
N THR I 102 -30.71 -34.89 -25.14
CA THR I 102 -30.72 -35.73 -26.32
C THR I 102 -29.54 -35.30 -27.18
N ASN I 103 -29.25 -36.02 -28.25
CA ASN I 103 -28.18 -35.55 -29.12
C ASN I 103 -28.70 -34.64 -30.20
N VAL I 104 -27.82 -33.79 -30.70
CA VAL I 104 -28.24 -32.99 -31.82
C VAL I 104 -28.11 -33.86 -33.05
N THR I 105 -29.22 -34.06 -33.74
CA THR I 105 -29.21 -34.91 -34.91
C THR I 105 -29.97 -34.29 -36.05
N ASN I 106 -29.37 -33.35 -36.73
CA ASN I 106 -30.07 -32.69 -37.81
C ASN I 106 -29.15 -32.51 -39.01
N ASN I 107 -28.69 -31.30 -39.28
CA ASN I 107 -27.84 -31.08 -40.42
C ASN I 107 -26.43 -31.36 -40.02
N ILE I 108 -26.10 -32.62 -39.84
CA ILE I 108 -24.81 -32.96 -39.28
C ILE I 108 -24.00 -33.88 -40.15
N THR I 109 -22.70 -33.85 -39.91
CA THR I 109 -21.83 -34.83 -40.52
C THR I 109 -21.59 -35.99 -39.60
N ASP I 110 -20.86 -36.96 -40.08
CA ASP I 110 -20.71 -38.19 -39.31
C ASP I 110 -19.71 -38.03 -38.19
N ASP I 111 -18.78 -37.15 -38.36
CA ASP I 111 -17.74 -36.95 -37.38
C ASP I 111 -18.26 -36.14 -36.22
N MET I 112 -19.49 -35.64 -36.31
CA MET I 112 -20.08 -34.87 -35.26
C MET I 112 -21.15 -35.66 -34.55
N ARG I 113 -21.27 -36.95 -34.85
CA ARG I 113 -22.32 -37.67 -34.20
C ARG I 113 -21.95 -37.87 -32.76
N GLY I 114 -22.84 -37.43 -31.90
CA GLY I 114 -22.65 -37.54 -30.47
C GLY I 114 -21.78 -36.42 -29.92
N GLU I 115 -21.30 -35.52 -30.78
CA GLU I 115 -20.43 -34.45 -30.33
C GLU I 115 -21.22 -33.38 -29.61
N LEU I 116 -22.43 -33.13 -30.09
CA LEU I 116 -23.25 -32.11 -29.49
C LEU I 116 -24.46 -32.65 -28.84
N LYS I 117 -24.73 -32.11 -27.67
CA LYS I 117 -25.89 -32.45 -26.89
C LYS I 117 -26.84 -31.30 -26.90
N ASN I 118 -28.10 -31.63 -26.80
CA ASN I 118 -29.16 -30.66 -26.67
C ASN I 118 -29.86 -30.84 -25.34
N CYS I 119 -29.57 -29.94 -24.40
CA CYS I 119 -30.07 -30.14 -23.06
C CYS I 119 -31.04 -29.10 -22.58
N SER I 120 -32.10 -29.55 -21.93
CA SER I 120 -33.05 -28.64 -21.35
C SER I 120 -33.00 -28.75 -19.84
N PHE I 121 -33.32 -27.66 -19.19
CA PHE I 121 -33.28 -27.61 -17.73
C PHE I 121 -34.15 -26.52 -17.13
N ASN I 122 -34.37 -26.65 -15.82
CA ASN I 122 -35.12 -25.64 -15.07
C ASN I 122 -34.19 -24.62 -14.46
N MET I 123 -34.17 -23.47 -15.06
CA MET I 123 -33.28 -22.43 -14.66
C MET I 123 -34.04 -21.45 -13.81
N THR I 124 -33.36 -20.74 -12.93
CA THR I 124 -34.05 -19.74 -12.15
C THR I 124 -34.34 -18.55 -13.01
N THR I 125 -35.23 -17.72 -12.53
CA THR I 125 -35.55 -16.44 -13.14
C THR I 125 -35.10 -15.41 -12.16
N GLU I 126 -35.28 -14.14 -12.50
CA GLU I 126 -34.92 -13.06 -11.60
C GLU I 126 -35.73 -13.05 -10.32
N LEU I 127 -36.89 -13.71 -10.28
CA LEU I 127 -37.65 -13.68 -9.04
C LEU I 127 -37.38 -14.95 -8.29
N ARG I 128 -37.21 -14.85 -6.97
CA ARG I 128 -36.95 -16.05 -6.17
C ARG I 128 -38.24 -16.78 -5.85
N ASP I 129 -38.93 -17.22 -6.89
CA ASP I 129 -40.15 -17.96 -6.77
C ASP I 129 -40.54 -18.52 -8.12
N LYS I 130 -39.76 -18.15 -9.13
CA LYS I 130 -40.07 -18.63 -10.49
C LYS I 130 -38.89 -19.23 -11.17
N LYS I 131 -39.20 -20.23 -11.98
CA LYS I 131 -38.28 -20.97 -12.81
C LYS I 131 -38.69 -20.84 -14.25
N GLN I 132 -37.76 -21.10 -15.14
CA GLN I 132 -38.02 -21.07 -16.56
C GLN I 132 -37.40 -22.28 -17.23
N LYS I 133 -38.05 -22.75 -18.29
CA LYS I 133 -37.48 -23.86 -19.01
C LYS I 133 -36.66 -23.33 -20.15
N VAL I 134 -35.40 -23.66 -20.10
CA VAL I 134 -34.45 -23.18 -21.08
C VAL I 134 -33.66 -24.33 -21.60
N TYR I 135 -32.95 -24.10 -22.69
CA TYR I 135 -32.09 -25.13 -23.19
C TYR I 135 -30.87 -24.51 -23.80
N SER I 136 -29.85 -25.32 -23.94
CA SER I 136 -28.60 -24.93 -24.56
C SER I 136 -27.97 -26.09 -25.21
N LEU I 137 -27.27 -25.82 -26.27
CA LEU I 137 -26.52 -26.89 -26.85
C LEU I 137 -25.20 -26.93 -26.11
N PHE I 138 -24.64 -28.12 -26.01
CA PHE I 138 -23.35 -28.33 -25.36
C PHE I 138 -22.42 -29.26 -26.09
N TYR I 139 -21.14 -29.08 -25.87
CA TYR I 139 -20.19 -30.04 -26.37
C TYR I 139 -20.09 -31.16 -25.37
N ARG I 140 -19.96 -32.38 -25.86
CA ARG I 140 -19.92 -33.52 -24.96
C ARG I 140 -18.77 -33.48 -23.99
N LEU I 141 -17.70 -32.78 -24.30
CA LEU I 141 -16.57 -32.75 -23.41
C LEU I 141 -16.83 -32.00 -22.11
N ASP I 142 -17.89 -31.19 -22.06
CA ASP I 142 -18.26 -30.44 -20.88
C ASP I 142 -19.42 -31.08 -20.09
N VAL I 143 -19.99 -32.17 -20.61
CA VAL I 143 -21.18 -32.73 -20.00
C VAL I 143 -21.00 -34.20 -19.65
N VAL I 144 -21.37 -34.56 -18.43
CA VAL I 144 -21.19 -35.94 -18.02
C VAL I 144 -22.51 -36.61 -17.67
N GLN I 145 -22.68 -37.82 -18.17
CA GLN I 145 -23.89 -38.59 -17.93
C GLN I 145 -24.00 -39.09 -16.52
N ILE I 146 -25.20 -39.01 -16.00
CA ILE I 146 -25.52 -39.50 -14.68
C ILE I 146 -25.87 -40.97 -14.75
N ASN I 147 -25.23 -41.78 -13.94
CA ASN I 147 -25.49 -43.21 -13.93
C ASN I 147 -25.50 -43.75 -15.36
N GLU I 160 -30.13 -38.67 -18.24
CA GLU I 160 -29.84 -37.45 -17.51
C GLU I 160 -28.36 -37.18 -17.40
N TYR I 161 -28.02 -35.90 -17.40
CA TYR I 161 -26.67 -35.38 -17.41
C TYR I 161 -26.44 -34.24 -16.42
N ARG I 162 -25.19 -34.01 -16.07
CA ARG I 162 -24.83 -32.84 -15.26
C ARG I 162 -23.62 -32.19 -15.89
N LEU I 163 -23.34 -30.96 -15.52
CA LEU I 163 -22.13 -30.36 -16.05
C LEU I 163 -20.95 -31.00 -15.34
N ILE I 164 -19.89 -31.25 -16.06
CA ILE I 164 -18.76 -31.94 -15.47
C ILE I 164 -18.07 -31.26 -14.30
N ASN I 165 -18.06 -29.96 -14.25
CA ASN I 165 -17.38 -29.24 -13.20
C ASN I 165 -17.98 -29.39 -11.84
N CYS I 166 -19.22 -29.85 -11.76
CA CYS I 166 -19.93 -29.92 -10.50
C CYS I 166 -19.27 -30.84 -9.50
N ASN I 167 -18.36 -31.66 -9.98
CA ASN I 167 -17.62 -32.59 -9.14
C ASN I 167 -16.69 -31.84 -8.18
N THR I 168 -16.13 -30.70 -8.63
CA THR I 168 -15.19 -29.97 -7.79
C THR I 168 -15.45 -28.49 -7.63
N SER I 169 -16.23 -27.89 -8.52
CA SER I 169 -16.28 -26.45 -8.51
C SER I 169 -17.49 -25.75 -9.02
N ALA I 170 -17.82 -24.66 -8.35
CA ALA I 170 -18.79 -23.75 -8.88
C ALA I 170 -18.01 -23.02 -9.94
N ILE I 171 -18.60 -22.71 -11.06
CA ILE I 171 -17.83 -22.08 -12.11
C ILE I 171 -18.35 -20.74 -12.45
N THR I 172 -17.55 -19.96 -13.16
CA THR I 172 -18.05 -18.67 -13.54
C THR I 172 -18.25 -18.59 -15.00
N GLN I 173 -18.70 -17.45 -15.44
CA GLN I 173 -18.88 -17.17 -16.84
C GLN I 173 -17.99 -16.04 -17.17
N ALA I 174 -17.07 -16.28 -18.07
CA ALA I 174 -16.16 -15.23 -18.40
C ALA I 174 -16.95 -14.10 -19.00
N CYS I 175 -16.62 -12.90 -18.60
CA CYS I 175 -17.25 -11.72 -19.11
C CYS I 175 -17.02 -11.54 -20.61
N PRO I 176 -18.06 -11.28 -21.41
CA PRO I 176 -18.02 -11.10 -22.85
C PRO I 176 -17.31 -9.81 -23.23
N LYS I 177 -17.11 -8.96 -22.25
CA LYS I 177 -16.47 -7.67 -22.43
C LYS I 177 -15.03 -7.69 -21.99
N VAL I 178 -14.48 -8.87 -21.72
CA VAL I 178 -13.08 -8.94 -21.35
C VAL I 178 -12.31 -9.62 -22.46
N SER I 179 -11.33 -8.92 -23.00
CA SER I 179 -10.56 -9.47 -24.11
C SER I 179 -9.20 -9.99 -23.73
N PHE I 180 -8.94 -11.19 -24.20
CA PHE I 180 -7.67 -11.84 -23.97
C PHE I 180 -6.83 -11.93 -25.20
N GLU I 181 -7.09 -11.06 -26.16
CA GLU I 181 -6.23 -11.08 -27.31
C GLU I 181 -4.81 -10.89 -26.77
N PRO I 182 -3.84 -11.72 -27.13
CA PRO I 182 -2.48 -11.68 -26.64
C PRO I 182 -1.66 -10.60 -27.28
N ILE I 183 -1.99 -9.38 -27.00
CA ILE I 183 -1.26 -8.24 -27.50
C ILE I 183 0.07 -8.34 -26.79
N PRO I 184 1.20 -7.99 -27.40
CA PRO I 184 2.48 -8.07 -26.78
C PRO I 184 2.67 -7.06 -25.71
N ILE I 185 3.41 -7.42 -24.69
CA ILE I 185 3.80 -6.49 -23.66
C ILE I 185 5.29 -6.54 -23.45
N HIS I 186 5.82 -5.46 -22.94
CA HIS I 186 7.23 -5.34 -22.68
C HIS I 186 7.46 -5.29 -21.20
N TYR I 187 8.59 -5.80 -20.72
CA TYR I 187 8.87 -5.60 -19.31
C TYR I 187 10.00 -4.65 -19.11
N CYS I 188 9.87 -3.82 -18.10
CA CYS I 188 10.88 -2.82 -17.82
C CYS I 188 11.38 -2.88 -16.38
N ALA I 189 12.66 -2.72 -16.19
CA ALA I 189 13.21 -2.73 -14.85
C ALA I 189 12.97 -1.41 -14.12
N PRO I 190 12.78 -1.44 -12.79
CA PRO I 190 12.69 -0.31 -11.88
C PRO I 190 14.03 0.34 -11.67
N ALA I 191 14.03 1.56 -11.18
CA ALA I 191 15.29 2.23 -10.92
C ALA I 191 16.13 1.41 -9.99
N GLY I 192 17.43 1.36 -10.29
CA GLY I 192 18.38 0.61 -9.50
C GLY I 192 18.68 -0.73 -10.15
N PHE I 193 17.89 -1.07 -11.17
CA PHE I 193 18.05 -2.30 -11.90
C PHE I 193 18.16 -2.09 -13.39
N ALA I 194 18.78 -3.05 -14.05
CA ALA I 194 18.91 -2.99 -15.49
C ALA I 194 18.80 -4.37 -16.08
N ILE I 195 18.39 -4.43 -17.35
CA ILE I 195 18.28 -5.72 -17.99
C ILE I 195 19.35 -5.93 -19.01
N LEU I 196 20.03 -7.05 -18.86
CA LEU I 196 21.07 -7.39 -19.77
C LEU I 196 20.53 -8.36 -20.80
N LYS I 197 20.65 -7.97 -22.05
CA LYS I 197 20.17 -8.75 -23.16
C LYS I 197 21.33 -9.49 -23.79
N CYS I 198 21.16 -10.78 -24.05
CA CYS I 198 22.19 -11.54 -24.73
C CYS I 198 21.94 -11.53 -26.23
N LYS I 199 22.93 -11.05 -26.98
CA LYS I 199 22.84 -10.93 -28.43
C LYS I 199 23.62 -12.00 -29.14
N ASP I 200 24.11 -12.97 -28.41
CA ASP I 200 24.93 -13.99 -29.01
C ASP I 200 24.01 -14.83 -29.87
N LYS I 201 24.25 -14.78 -31.17
CA LYS I 201 23.38 -15.47 -32.09
C LYS I 201 23.57 -16.94 -31.81
N LYS I 202 22.47 -17.65 -31.78
CA LYS I 202 22.42 -19.06 -31.44
C LYS I 202 22.82 -19.35 -30.01
N PHE I 203 22.63 -18.41 -29.10
CA PHE I 203 22.92 -18.72 -27.72
C PHE I 203 21.97 -19.82 -27.34
N ASN I 204 22.49 -20.90 -26.76
CA ASN I 204 21.68 -22.06 -26.42
C ASN I 204 20.82 -21.80 -25.20
N GLY I 205 21.30 -20.94 -24.33
CA GLY I 205 20.56 -20.57 -23.15
C GLY I 205 21.37 -20.48 -21.88
N THR I 206 22.60 -20.97 -21.88
CA THR I 206 23.38 -20.84 -20.66
C THR I 206 24.80 -20.40 -20.95
N GLY I 207 25.47 -19.91 -19.91
CA GLY I 207 26.87 -19.63 -20.03
C GLY I 207 27.24 -18.20 -20.40
N PRO I 208 28.52 -17.97 -20.72
CA PRO I 208 29.21 -16.71 -20.89
C PRO I 208 28.92 -16.01 -22.20
N CYS I 209 27.75 -15.41 -22.31
CA CYS I 209 27.35 -14.74 -23.54
C CYS I 209 28.30 -13.58 -23.81
N PRO I 210 29.11 -13.62 -24.88
CA PRO I 210 30.15 -12.66 -25.24
C PRO I 210 29.67 -11.32 -25.73
N SER I 211 28.41 -11.22 -26.11
CA SER I 211 27.92 -9.98 -26.66
C SER I 211 26.61 -9.63 -26.05
N VAL I 212 26.64 -8.60 -25.23
CA VAL I 212 25.47 -8.21 -24.50
C VAL I 212 25.25 -6.73 -24.63
N SER I 213 24.05 -6.33 -24.31
CA SER I 213 23.70 -4.92 -24.27
C SER I 213 22.74 -4.67 -23.14
N THR I 214 22.67 -3.44 -22.71
CA THR I 214 21.75 -3.08 -21.64
C THR I 214 20.53 -2.38 -22.15
N VAL I 215 19.38 -2.83 -21.68
CA VAL I 215 18.14 -2.19 -22.03
C VAL I 215 17.41 -1.91 -20.74
N GLN I 216 16.47 -1.00 -20.78
CA GLN I 216 15.68 -0.81 -19.58
C GLN I 216 14.44 -1.67 -19.75
N CYS I 217 14.03 -1.78 -21.01
CA CYS I 217 12.85 -2.53 -21.39
C CYS I 217 13.16 -3.59 -22.44
N THR I 218 12.52 -4.75 -22.28
CA THR I 218 12.62 -5.89 -23.18
C THR I 218 11.75 -5.61 -24.37
N HIS I 219 11.87 -6.45 -25.38
CA HIS I 219 11.01 -6.33 -26.53
C HIS I 219 9.66 -6.84 -26.13
N GLY I 220 8.67 -6.69 -27.00
CA GLY I 220 7.35 -7.15 -26.63
C GLY I 220 7.18 -8.63 -26.84
N ILE I 221 6.53 -9.27 -25.90
CA ILE I 221 6.21 -10.68 -25.94
C ILE I 221 4.73 -10.90 -25.84
N LYS I 222 4.19 -11.69 -26.76
CA LYS I 222 2.78 -12.01 -26.75
C LYS I 222 2.51 -13.13 -25.78
N PRO I 223 1.64 -12.96 -24.78
CA PRO I 223 1.33 -13.94 -23.76
C PRO I 223 0.37 -14.99 -24.31
N VAL I 224 0.84 -15.76 -25.26
CA VAL I 224 0.05 -16.78 -25.91
C VAL I 224 0.11 -18.06 -25.11
N VAL I 225 -1.05 -18.66 -24.88
CA VAL I 225 -1.15 -19.91 -24.13
C VAL I 225 -1.31 -21.11 -25.04
N SER I 226 -0.44 -22.10 -24.92
CA SER I 226 -0.57 -23.30 -25.72
C SER I 226 0.21 -24.49 -25.17
N THR I 227 -0.11 -25.67 -25.72
CA THR I 227 0.66 -26.88 -25.46
C THR I 227 1.26 -27.33 -26.75
N GLN I 228 2.30 -28.17 -26.71
CA GLN I 228 2.91 -28.78 -27.88
C GLN I 228 3.56 -27.82 -28.89
N LEU I 229 2.75 -26.97 -29.49
CA LEU I 229 3.22 -26.01 -30.46
C LEU I 229 3.06 -24.59 -29.97
N LEU I 230 4.19 -23.90 -30.05
CA LEU I 230 4.34 -22.53 -29.63
C LEU I 230 3.93 -21.67 -30.78
N LEU I 231 3.00 -20.78 -30.54
CA LEU I 231 2.51 -19.95 -31.61
C LEU I 231 2.88 -18.50 -31.43
N ASN I 232 3.12 -17.85 -32.54
CA ASN I 232 3.34 -16.42 -32.65
C ASN I 232 4.46 -15.90 -31.76
N GLY I 233 5.54 -16.64 -31.60
CA GLY I 233 6.67 -16.15 -30.83
C GLY I 233 7.70 -15.64 -31.81
N SER I 234 8.94 -15.49 -31.37
CA SER I 234 9.96 -15.02 -32.26
C SER I 234 10.60 -16.18 -33.00
N LEU I 235 11.26 -15.89 -34.10
CA LEU I 235 11.99 -16.90 -34.86
C LEU I 235 13.47 -16.75 -34.69
N ALA I 236 14.17 -17.85 -34.85
CA ALA I 236 15.61 -17.83 -34.74
C ALA I 236 16.19 -16.98 -35.84
N GLU I 237 17.21 -16.22 -35.47
CA GLU I 237 17.91 -15.32 -36.37
C GLU I 237 18.68 -16.00 -37.48
N GLU I 238 19.12 -17.22 -37.28
CA GLU I 238 19.88 -17.88 -38.33
C GLU I 238 19.36 -19.26 -38.60
N GLU I 239 19.52 -20.14 -37.63
CA GLU I 239 19.16 -21.53 -37.80
C GLU I 239 18.36 -22.05 -36.64
N VAL I 240 17.69 -23.16 -36.88
CA VAL I 240 16.86 -23.77 -35.87
C VAL I 240 17.67 -24.08 -34.65
N MET I 241 17.13 -23.71 -33.49
CA MET I 241 17.82 -23.90 -32.24
C MET I 241 17.15 -24.91 -31.37
N ILE I 242 17.88 -25.90 -30.95
CA ILE I 242 17.33 -26.88 -30.06
C ILE I 242 18.01 -26.71 -28.74
N ARG I 243 17.24 -26.45 -27.71
CA ARG I 243 17.83 -26.25 -26.40
C ARG I 243 17.09 -26.98 -25.29
N SER I 244 17.83 -27.37 -24.27
CA SER I 244 17.23 -28.00 -23.11
C SER I 244 18.11 -27.77 -21.91
N GLU I 245 17.55 -27.92 -20.72
CA GLU I 245 18.33 -27.79 -19.50
C GLU I 245 19.42 -28.85 -19.44
N ASN I 246 19.05 -30.06 -19.85
CA ASN I 246 19.92 -31.21 -19.86
C ASN I 246 19.50 -32.16 -20.98
N ILE I 247 20.25 -32.15 -22.07
CA ILE I 247 19.91 -32.90 -23.27
C ILE I 247 19.96 -34.41 -23.12
N THR I 248 20.59 -34.89 -22.07
CA THR I 248 20.73 -36.31 -21.86
C THR I 248 19.76 -36.79 -20.81
N ASN I 249 18.92 -35.91 -20.32
CA ASN I 249 17.96 -36.24 -19.28
C ASN I 249 16.57 -36.32 -19.91
N ASN I 250 15.98 -37.50 -19.93
CA ASN I 250 14.70 -37.65 -20.61
C ASN I 250 13.56 -37.06 -19.79
N ALA I 251 13.87 -36.59 -18.61
CA ALA I 251 12.91 -35.96 -17.74
C ALA I 251 12.79 -34.48 -18.04
N LYS I 252 13.62 -33.98 -18.95
CA LYS I 252 13.59 -32.57 -19.30
C LYS I 252 12.92 -32.32 -20.62
N ASN I 253 12.32 -31.15 -20.74
CA ASN I 253 11.73 -30.77 -22.00
C ASN I 253 12.76 -30.17 -22.92
N ILE I 254 12.54 -30.37 -24.21
CA ILE I 254 13.35 -29.80 -25.24
C ILE I 254 12.57 -28.73 -25.95
N LEU I 255 13.13 -27.53 -25.99
CA LEU I 255 12.44 -26.45 -26.65
C LEU I 255 13.05 -26.24 -28.00
N VAL I 256 12.22 -26.16 -29.01
CA VAL I 256 12.75 -25.97 -30.33
C VAL I 256 12.26 -24.68 -30.93
N GLN I 257 13.20 -23.83 -31.32
CA GLN I 257 12.87 -22.57 -31.97
C GLN I 257 13.15 -22.67 -33.44
N PHE I 258 12.16 -22.34 -34.23
CA PHE I 258 12.30 -22.46 -35.67
C PHE I 258 12.87 -21.19 -36.24
N ASN I 259 13.56 -21.26 -37.38
CA ASN I 259 14.04 -20.03 -37.99
C ASN I 259 13.08 -19.54 -39.08
N THR I 260 12.04 -20.30 -39.32
CA THR I 260 11.01 -19.97 -40.28
C THR I 260 9.70 -20.35 -39.62
N PRO I 261 8.59 -19.67 -39.87
CA PRO I 261 7.30 -20.00 -39.33
C PRO I 261 6.69 -21.12 -40.12
N VAL I 262 5.75 -21.83 -39.51
CA VAL I 262 4.94 -22.77 -40.28
C VAL I 262 3.53 -22.23 -40.25
N GLN I 263 2.89 -22.11 -41.40
CA GLN I 263 1.54 -21.57 -41.37
C GLN I 263 0.52 -22.60 -41.03
N ILE I 264 -0.28 -22.26 -40.03
CA ILE I 264 -1.39 -23.08 -39.58
C ILE I 264 -2.69 -22.30 -39.63
N ASN I 265 -3.65 -22.86 -40.33
CA ASN I 265 -4.96 -22.23 -40.50
C ASN I 265 -6.04 -23.00 -39.76
N CYS I 266 -6.55 -22.43 -38.70
CA CYS I 266 -7.54 -23.13 -37.90
C CYS I 266 -8.92 -22.53 -38.06
N THR I 267 -9.91 -23.38 -37.99
CA THR I 267 -11.25 -22.87 -38.08
C THR I 267 -12.26 -23.61 -37.28
N ARG I 268 -13.30 -22.88 -36.95
CA ARG I 268 -14.45 -23.45 -36.35
C ARG I 268 -15.61 -23.12 -37.30
N PRO I 269 -16.14 -24.11 -38.03
CA PRO I 269 -17.21 -24.01 -38.98
C PRO I 269 -18.43 -23.93 -38.13
N ASN I 270 -19.61 -23.82 -38.72
CA ASN I 270 -20.89 -23.82 -38.01
C ASN I 270 -21.20 -22.42 -37.56
N ASN I 271 -22.21 -21.80 -38.17
CA ASN I 271 -22.52 -20.43 -37.83
C ASN I 271 -23.39 -20.45 -36.60
N ASN I 272 -22.79 -20.13 -35.47
CA ASN I 272 -23.49 -20.27 -34.21
C ASN I 272 -24.19 -19.02 -33.79
N THR I 273 -25.18 -19.18 -32.92
CA THR I 273 -25.85 -18.02 -32.39
C THR I 273 -25.78 -18.05 -30.88
N ARG I 274 -26.11 -16.95 -30.26
CA ARG I 274 -26.06 -16.92 -28.83
C ARG I 274 -27.31 -16.37 -28.19
N LYS I 275 -27.74 -17.06 -27.16
CA LYS I 275 -28.90 -16.64 -26.39
C LYS I 275 -28.44 -15.86 -25.21
N SER I 276 -29.34 -15.11 -24.61
CA SER I 276 -29.00 -14.39 -23.40
C SER I 276 -30.13 -14.61 -22.43
N ILE I 277 -29.82 -15.32 -21.36
CA ILE I 277 -30.83 -15.70 -20.39
C ILE I 277 -30.66 -15.01 -19.08
N ARG I 278 -31.69 -14.35 -18.61
CA ARG I 278 -31.54 -13.71 -17.33
C ARG I 278 -31.81 -14.77 -16.29
N ILE I 279 -30.79 -15.06 -15.49
CA ILE I 279 -30.88 -16.10 -14.48
C ILE I 279 -31.10 -15.47 -13.13
N GLY I 280 -30.78 -14.18 -13.04
CA GLY I 280 -30.99 -13.48 -11.81
C GLY I 280 -31.05 -11.97 -12.03
N PRO I 281 -31.22 -11.17 -10.98
CA PRO I 281 -31.34 -9.73 -11.03
C PRO I 281 -30.04 -9.07 -11.44
N GLY I 282 -29.81 -9.04 -12.75
CA GLY I 282 -28.59 -8.52 -13.36
C GLY I 282 -27.60 -9.60 -13.77
N GLN I 283 -28.01 -10.84 -13.65
CA GLN I 283 -27.14 -11.96 -14.00
C GLN I 283 -27.58 -12.64 -15.26
N TRP I 284 -26.75 -12.50 -16.28
CA TRP I 284 -27.09 -13.09 -17.56
C TRP I 284 -26.18 -14.25 -17.90
N PHE I 285 -26.77 -15.29 -18.42
CA PHE I 285 -26.09 -16.48 -18.87
C PHE I 285 -26.12 -16.60 -20.35
N TYR I 286 -25.00 -16.96 -20.94
CA TYR I 286 -25.01 -17.12 -22.37
C TYR I 286 -25.00 -18.57 -22.80
N ALA I 287 -26.11 -18.95 -23.44
CA ALA I 287 -26.37 -20.28 -23.94
C ALA I 287 -26.05 -20.37 -25.41
N THR I 288 -25.78 -21.59 -25.88
CA THR I 288 -25.55 -21.79 -27.30
C THR I 288 -26.87 -22.11 -27.96
N GLY I 289 -27.24 -21.34 -28.97
CA GLY I 289 -28.51 -21.58 -29.62
C GLY I 289 -28.33 -22.45 -30.84
N ASP I 290 -29.39 -22.59 -31.61
CA ASP I 290 -29.32 -23.45 -32.77
C ASP I 290 -28.30 -23.02 -33.78
N ILE I 291 -27.68 -24.01 -34.39
CA ILE I 291 -26.66 -23.81 -35.38
C ILE I 291 -27.21 -23.60 -36.76
N ILE I 292 -26.67 -22.61 -37.44
CA ILE I 292 -27.04 -22.26 -38.77
C ILE I 292 -26.15 -23.00 -39.76
N GLY I 293 -26.79 -23.73 -40.65
CA GLY I 293 -26.09 -24.51 -41.65
C GLY I 293 -25.68 -25.85 -41.08
N ASP I 294 -24.78 -26.51 -41.78
CA ASP I 294 -24.35 -27.83 -41.38
C ASP I 294 -23.47 -27.77 -40.16
N ILE I 295 -23.46 -28.85 -39.41
CA ILE I 295 -22.61 -29.00 -38.27
C ILE I 295 -21.43 -29.87 -38.65
N ARG I 296 -20.27 -29.26 -38.61
CA ARG I 296 -19.02 -29.85 -39.04
C ARG I 296 -17.96 -29.76 -37.96
N GLN I 297 -16.93 -30.58 -38.09
CA GLN I 297 -15.86 -30.65 -37.13
C GLN I 297 -14.83 -29.53 -37.30
N ALA I 298 -14.38 -28.97 -36.17
CA ALA I 298 -13.34 -27.95 -36.16
C ALA I 298 -12.05 -28.59 -36.57
N HIS I 299 -11.17 -27.82 -37.19
CA HIS I 299 -9.91 -28.39 -37.64
C HIS I 299 -8.83 -27.36 -37.94
N CYS I 300 -7.60 -27.86 -38.04
CA CYS I 300 -6.48 -27.04 -38.46
C CYS I 300 -5.70 -27.60 -39.64
N ASN I 301 -5.33 -26.71 -40.55
CA ASN I 301 -4.57 -27.02 -41.75
C ASN I 301 -3.13 -26.58 -41.68
N VAL I 302 -2.22 -27.53 -41.74
CA VAL I 302 -0.80 -27.21 -41.67
C VAL I 302 -0.13 -27.52 -43.00
N SER I 303 0.57 -26.56 -43.58
CA SER I 303 1.19 -26.86 -44.89
C SER I 303 2.03 -28.12 -44.84
N LYS I 304 1.78 -29.06 -45.77
CA LYS I 304 2.51 -30.33 -45.71
C LYS I 304 3.97 -30.19 -45.97
N ALA I 305 4.30 -29.44 -47.00
CA ALA I 305 5.69 -29.32 -47.36
C ALA I 305 6.42 -28.52 -46.34
N THR I 306 5.75 -27.51 -45.81
CA THR I 306 6.42 -26.64 -44.88
C THR I 306 6.77 -27.43 -43.65
N TRP I 307 5.81 -28.21 -43.17
CA TRP I 307 6.02 -29.01 -42.00
C TRP I 307 7.17 -29.98 -42.21
N ASN I 308 7.18 -30.62 -43.38
CA ASN I 308 8.23 -31.57 -43.69
C ASN I 308 9.60 -30.93 -43.64
N GLU I 309 9.73 -29.77 -44.27
CA GLU I 309 11.00 -29.09 -44.31
C GLU I 309 11.42 -28.71 -42.91
N THR I 310 10.45 -28.25 -42.14
CA THR I 310 10.70 -27.79 -40.82
C THR I 310 11.21 -28.91 -39.95
N LEU I 311 10.58 -30.08 -39.99
CA LEU I 311 11.09 -31.13 -39.15
C LEU I 311 12.39 -31.63 -39.66
N GLY I 312 12.61 -31.59 -40.96
CA GLY I 312 13.87 -32.03 -41.49
C GLY I 312 14.97 -31.19 -40.87
N LYS I 313 14.77 -29.88 -40.79
CA LYS I 313 15.75 -29.02 -40.17
C LYS I 313 15.91 -29.36 -38.69
N VAL I 314 14.81 -29.66 -38.01
CA VAL I 314 14.90 -29.97 -36.60
C VAL I 314 15.70 -31.23 -36.38
N VAL I 315 15.46 -32.27 -37.16
CA VAL I 315 16.21 -33.47 -36.92
C VAL I 315 17.67 -33.28 -37.29
N LYS I 316 17.96 -32.52 -38.34
CA LYS I 316 19.36 -32.36 -38.69
C LYS I 316 20.10 -31.73 -37.52
N GLN I 317 19.47 -30.77 -36.85
CA GLN I 317 20.05 -30.17 -35.66
C GLN I 317 20.05 -31.12 -34.47
N LEU I 318 18.99 -31.92 -34.34
CA LEU I 318 18.82 -32.79 -33.18
C LEU I 318 19.94 -33.79 -33.10
N ARG I 319 20.39 -34.26 -34.26
CA ARG I 319 21.42 -35.27 -34.40
C ARG I 319 22.73 -34.89 -33.76
N LYS I 320 22.93 -33.64 -33.45
CA LYS I 320 24.16 -33.22 -32.80
C LYS I 320 24.39 -33.98 -31.52
N HIS I 321 23.31 -34.37 -30.85
CA HIS I 321 23.41 -35.03 -29.57
C HIS I 321 23.10 -36.53 -29.62
N PHE I 322 23.08 -37.10 -30.82
CA PHE I 322 22.76 -38.52 -30.95
C PHE I 322 23.78 -39.31 -31.74
N GLY I 323 23.77 -40.62 -31.54
CA GLY I 323 24.75 -41.49 -32.17
C GLY I 323 24.70 -41.50 -33.66
N ASN I 324 25.84 -41.86 -34.23
CA ASN I 324 25.98 -41.84 -35.68
C ASN I 324 24.96 -42.69 -36.38
N ASN I 325 24.27 -42.04 -37.29
CA ASN I 325 23.31 -42.67 -38.14
C ASN I 325 22.29 -43.39 -37.33
N THR I 326 21.93 -42.84 -36.20
CA THR I 326 20.92 -43.49 -35.46
C THR I 326 19.63 -43.17 -36.15
N ILE I 327 18.58 -43.87 -35.79
CA ILE I 327 17.30 -43.60 -36.40
C ILE I 327 16.38 -42.91 -35.45
N ILE I 328 15.93 -41.76 -35.89
CA ILE I 328 15.07 -40.85 -35.18
C ILE I 328 13.69 -40.84 -35.77
N ARG I 329 12.70 -40.89 -34.89
CA ARG I 329 11.32 -40.88 -35.29
C ARG I 329 10.53 -39.82 -34.54
N PHE I 330 9.38 -39.46 -35.09
CA PHE I 330 8.43 -38.62 -34.34
C PHE I 330 7.19 -39.46 -34.09
N ALA I 331 6.54 -39.26 -32.93
CA ALA I 331 5.41 -40.08 -32.55
C ALA I 331 4.27 -39.36 -31.84
N ASN I 332 3.13 -40.06 -31.82
CA ASN I 332 1.91 -39.65 -31.16
C ASN I 332 2.10 -39.37 -29.70
N SER I 333 1.53 -38.27 -29.28
CA SER I 333 1.58 -37.74 -27.93
C SER I 333 0.75 -38.48 -26.91
N SER I 334 1.06 -39.74 -26.67
CA SER I 334 0.32 -40.51 -25.70
C SER I 334 0.44 -39.88 -24.33
N GLY I 335 -0.65 -39.91 -23.56
CA GLY I 335 -0.70 -39.34 -22.22
C GLY I 335 -2.14 -39.43 -21.69
N GLY I 336 -2.36 -38.95 -20.46
CA GLY I 336 -3.68 -39.05 -19.83
C GLY I 336 -4.72 -37.93 -19.94
N ASP I 337 -4.47 -36.81 -20.63
CA ASP I 337 -5.51 -35.77 -20.66
C ASP I 337 -5.44 -34.84 -21.87
N LEU I 338 -6.40 -33.93 -21.99
CA LEU I 338 -6.41 -33.04 -23.15
C LEU I 338 -5.27 -32.06 -23.17
N GLU I 339 -4.84 -31.63 -22.00
CA GLU I 339 -3.76 -30.65 -21.91
C GLU I 339 -2.42 -31.34 -21.97
N VAL I 340 -2.45 -32.65 -22.10
CA VAL I 340 -1.28 -33.46 -22.16
C VAL I 340 -1.07 -33.96 -23.58
N THR I 341 -2.15 -34.44 -24.20
CA THR I 341 -2.04 -35.08 -25.49
C THR I 341 -2.41 -34.22 -26.68
N THR I 342 -3.19 -33.15 -26.48
CA THR I 342 -3.61 -32.36 -27.63
C THR I 342 -2.96 -31.00 -27.65
N HIS I 343 -3.14 -30.31 -28.77
CA HIS I 343 -2.65 -28.98 -28.95
C HIS I 343 -3.69 -28.02 -28.49
N SER I 344 -3.50 -27.46 -27.31
CA SER I 344 -4.53 -26.58 -26.87
C SER I 344 -4.11 -25.19 -27.23
N PHE I 345 -5.11 -24.37 -27.53
CA PHE I 345 -4.92 -22.95 -27.77
C PHE I 345 -6.24 -22.22 -27.71
N ASN I 346 -6.20 -20.90 -27.66
CA ASN I 346 -7.42 -20.12 -27.72
C ASN I 346 -7.37 -19.14 -28.85
N CYS I 347 -8.37 -19.22 -29.72
CA CYS I 347 -8.41 -18.29 -30.83
C CYS I 347 -9.84 -17.95 -31.17
N GLY I 348 -10.11 -16.66 -31.36
CA GLY I 348 -11.44 -16.23 -31.72
C GLY I 348 -12.30 -16.20 -30.47
N GLY I 349 -11.66 -16.44 -29.34
CA GLY I 349 -12.28 -16.51 -28.04
C GLY I 349 -12.57 -17.96 -27.62
N GLU I 350 -12.47 -18.92 -28.54
CA GLU I 350 -12.76 -20.30 -28.17
C GLU I 350 -11.55 -21.16 -27.91
N PHE I 351 -11.74 -22.15 -27.07
CA PHE I 351 -10.70 -23.07 -26.72
C PHE I 351 -10.72 -24.33 -27.53
N PHE I 352 -9.61 -24.54 -28.23
CA PHE I 352 -9.42 -25.66 -29.12
C PHE I 352 -8.49 -26.67 -28.54
N TYR I 353 -8.79 -27.93 -28.81
CA TYR I 353 -8.00 -29.10 -28.45
C TYR I 353 -7.79 -29.95 -29.67
N CYS I 354 -6.71 -29.69 -30.42
CA CYS I 354 -6.55 -30.35 -31.70
C CYS I 354 -5.64 -31.57 -31.63
N ASN I 355 -5.95 -32.57 -32.46
CA ASN I 355 -5.20 -33.82 -32.54
C ASN I 355 -4.02 -33.72 -33.47
N THR I 356 -2.82 -33.70 -32.90
CA THR I 356 -1.57 -33.50 -33.60
C THR I 356 -0.86 -34.77 -33.97
N SER I 357 -1.53 -35.90 -33.81
CA SER I 357 -0.88 -37.15 -34.15
C SER I 357 -0.55 -37.20 -35.62
N GLY I 358 -1.27 -36.45 -36.45
CA GLY I 358 -1.00 -36.40 -37.88
C GLY I 358 0.28 -35.63 -38.19
N LEU I 359 0.81 -34.87 -37.22
CA LEU I 359 2.03 -34.14 -37.48
C LEU I 359 3.22 -34.93 -37.01
N PHE I 360 3.09 -35.54 -35.84
CA PHE I 360 4.22 -36.24 -35.25
C PHE I 360 4.23 -37.70 -35.58
N ASN I 361 4.49 -37.96 -36.84
CA ASN I 361 4.48 -39.32 -37.37
C ASN I 361 5.51 -39.48 -38.48
N SER I 362 6.74 -39.82 -38.12
CA SER I 362 7.75 -39.94 -39.18
C SER I 362 8.98 -40.74 -38.79
N THR I 363 9.71 -41.17 -39.82
CA THR I 363 11.02 -41.79 -39.65
C THR I 363 11.99 -41.08 -40.56
N TRP I 364 13.15 -40.68 -40.04
CA TRP I 364 14.09 -39.93 -40.86
C TRP I 364 15.18 -40.71 -41.58
N ILE I 365 15.27 -42.01 -41.30
CA ILE I 365 16.23 -42.93 -41.94
C ILE I 365 17.72 -42.60 -41.79
N SER I 366 18.08 -41.33 -41.63
CA SER I 366 19.43 -40.80 -41.60
C SER I 366 20.09 -40.97 -42.93
N ASN I 367 19.23 -41.02 -43.96
CA ASN I 367 19.63 -41.12 -45.37
C ASN I 367 18.41 -41.02 -46.30
N THR I 368 17.85 -39.82 -46.47
CA THR I 368 16.69 -39.65 -47.33
C THR I 368 16.98 -38.64 -48.42
N SER I 369 16.19 -38.67 -49.49
CA SER I 369 16.36 -37.68 -50.55
C SER I 369 16.16 -36.27 -50.02
N ASP I 380 -1.59 -31.70 -50.15
CA ASP I 380 -0.52 -30.77 -49.72
C ASP I 380 -0.96 -30.04 -48.45
N SER I 381 -1.90 -30.60 -47.70
CA SER I 381 -2.29 -29.98 -46.42
C SER I 381 -2.61 -31.06 -45.39
N ILE I 382 -1.89 -31.07 -44.28
CA ILE I 382 -2.24 -32.02 -43.19
C ILE I 382 -3.44 -31.39 -42.49
N THR I 383 -4.51 -32.15 -42.33
CA THR I 383 -5.68 -31.68 -41.60
C THR I 383 -5.72 -32.36 -40.26
N LEU I 384 -5.76 -31.55 -39.24
CA LEU I 384 -5.82 -32.01 -37.88
C LEU I 384 -7.24 -31.81 -37.39
N PRO I 385 -7.97 -32.86 -37.02
CA PRO I 385 -9.32 -32.73 -36.56
C PRO I 385 -9.19 -32.05 -35.25
N CYS I 386 -10.18 -31.27 -34.86
CA CYS I 386 -10.08 -30.57 -33.62
C CYS I 386 -11.42 -30.41 -32.90
N ARG I 387 -11.40 -30.48 -31.57
CA ARG I 387 -12.60 -30.31 -30.77
C ARG I 387 -12.51 -29.07 -29.92
N ILE I 388 -13.64 -28.56 -29.45
CA ILE I 388 -13.58 -27.39 -28.58
C ILE I 388 -14.33 -27.61 -27.30
N LYS I 389 -14.00 -26.79 -26.30
CA LYS I 389 -14.65 -26.83 -24.99
C LYS I 389 -14.97 -25.47 -24.43
N GLN I 390 -15.96 -25.40 -23.56
CA GLN I 390 -16.23 -24.16 -22.84
C GLN I 390 -15.76 -24.18 -21.38
N ILE I 391 -15.76 -25.34 -20.70
CA ILE I 391 -15.43 -25.23 -19.30
C ILE I 391 -13.96 -25.47 -19.10
N ILE I 392 -13.23 -24.38 -19.03
CA ILE I 392 -11.79 -24.41 -19.00
C ILE I 392 -11.17 -24.02 -17.68
N ASN I 393 -10.34 -24.90 -17.13
CA ASN I 393 -9.64 -24.70 -15.87
C ASN I 393 -8.39 -23.81 -15.96
N MET I 394 -7.92 -23.62 -17.17
CA MET I 394 -6.75 -22.81 -17.52
C MET I 394 -5.39 -23.28 -17.03
N TRP I 395 -5.19 -23.33 -15.72
CA TRP I 395 -3.88 -23.70 -15.20
C TRP I 395 -3.88 -24.81 -14.23
N GLN I 396 -4.05 -26.02 -14.72
CA GLN I 396 -4.14 -27.14 -13.83
C GLN I 396 -5.25 -26.83 -12.83
N ARG I 397 -4.94 -26.73 -11.53
CA ARG I 397 -5.95 -26.47 -10.53
C ARG I 397 -6.97 -27.58 -10.41
N ILE I 398 -7.72 -27.53 -9.32
CA ILE I 398 -8.73 -28.52 -9.05
C ILE I 398 -10.11 -27.99 -9.36
N GLY I 399 -10.34 -26.76 -8.91
CA GLY I 399 -11.62 -26.12 -9.04
C GLY I 399 -11.59 -24.98 -10.05
N GLN I 400 -12.27 -23.90 -9.70
CA GLN I 400 -12.44 -22.72 -10.53
C GLN I 400 -13.05 -23.12 -11.88
N ALA I 401 -12.51 -22.61 -12.99
CA ALA I 401 -12.96 -22.79 -14.39
C ALA I 401 -13.87 -21.64 -14.84
N MET I 402 -13.60 -21.15 -16.05
CA MET I 402 -14.25 -19.96 -16.60
C MET I 402 -15.43 -20.00 -17.58
N TYR I 403 -15.99 -21.16 -17.92
CA TYR I 403 -17.09 -21.24 -18.92
C TYR I 403 -17.03 -20.18 -19.99
N ALA I 404 -16.24 -20.41 -21.01
CA ALA I 404 -16.23 -19.40 -22.04
C ALA I 404 -17.62 -19.34 -22.64
N PRO I 405 -18.17 -18.15 -22.90
CA PRO I 405 -19.46 -17.96 -23.51
C PRO I 405 -19.29 -18.32 -24.95
N PRO I 406 -20.36 -18.61 -25.68
CA PRO I 406 -20.38 -18.85 -27.10
C PRO I 406 -19.98 -17.63 -27.91
N ILE I 407 -19.41 -17.89 -29.07
CA ILE I 407 -19.04 -16.89 -30.06
C ILE I 407 -19.94 -17.06 -31.27
N GLN I 408 -20.55 -15.98 -31.72
CA GLN I 408 -21.48 -16.08 -32.82
C GLN I 408 -20.78 -16.07 -34.16
N GLY I 409 -21.42 -16.64 -35.16
CA GLY I 409 -20.82 -16.69 -36.48
C GLY I 409 -19.79 -17.78 -36.49
N VAL I 410 -18.71 -17.58 -37.24
CA VAL I 410 -17.69 -18.60 -37.41
C VAL I 410 -16.32 -18.06 -37.06
N ILE I 411 -15.37 -18.96 -36.85
CA ILE I 411 -14.02 -18.54 -36.51
C ILE I 411 -12.96 -18.93 -37.51
N ARG I 412 -12.17 -17.95 -37.91
CA ARG I 412 -11.06 -18.15 -38.81
C ARG I 412 -9.77 -17.61 -38.18
N CYS I 413 -8.78 -18.47 -37.98
CA CYS I 413 -7.52 -18.06 -37.38
C CYS I 413 -6.31 -18.49 -38.16
N VAL I 414 -5.36 -17.60 -38.36
CA VAL I 414 -4.12 -18.01 -38.99
C VAL I 414 -2.98 -17.65 -38.08
N SER I 415 -2.20 -18.65 -37.71
CA SER I 415 -1.09 -18.44 -36.79
C SER I 415 0.24 -18.89 -37.34
N ASN I 416 1.29 -18.41 -36.70
CA ASN I 416 2.65 -18.78 -37.02
C ASN I 416 3.20 -19.82 -36.06
N ILE I 417 3.45 -21.03 -36.51
CA ILE I 417 4.02 -21.93 -35.52
C ILE I 417 5.45 -21.48 -35.46
N THR I 418 5.94 -21.15 -34.28
CA THR I 418 7.29 -20.67 -34.12
C THR I 418 8.16 -21.64 -33.37
N GLY I 419 7.55 -22.64 -32.74
CA GLY I 419 8.35 -23.60 -32.01
C GLY I 419 7.59 -24.77 -31.43
N LEU I 420 8.35 -25.69 -30.87
CA LEU I 420 7.83 -26.92 -30.31
C LEU I 420 8.32 -27.27 -28.92
N ILE I 421 7.51 -28.00 -28.15
CA ILE I 421 8.03 -28.57 -26.91
C ILE I 421 7.98 -30.09 -26.97
N LEU I 422 9.15 -30.74 -26.88
CA LEU I 422 9.25 -32.19 -27.00
C LEU I 422 9.97 -32.92 -25.87
N THR I 423 9.65 -34.20 -25.70
CA THR I 423 10.39 -35.03 -24.77
C THR I 423 10.92 -36.33 -25.38
N ARG I 424 11.97 -36.83 -24.74
CA ARG I 424 12.62 -38.10 -25.03
C ARG I 424 11.97 -39.25 -24.30
N ASP I 425 12.15 -40.46 -24.81
CA ASP I 425 11.68 -41.62 -24.10
C ASP I 425 12.70 -42.03 -23.03
N GLY I 426 14.02 -41.96 -23.34
CA GLY I 426 15.05 -42.34 -22.37
C GLY I 426 15.18 -43.83 -22.07
N GLY I 427 14.86 -44.70 -23.03
CA GLY I 427 14.95 -46.13 -22.75
C GLY I 427 16.36 -46.63 -22.97
N SER I 428 16.54 -47.94 -22.87
CA SER I 428 17.86 -48.54 -23.08
C SER I 428 18.22 -48.27 -24.51
N THR I 429 19.51 -48.05 -24.77
CA THR I 429 19.92 -47.79 -26.13
C THR I 429 20.55 -49.02 -26.78
N ASN I 430 19.97 -49.36 -27.92
CA ASN I 430 20.32 -50.45 -28.81
C ASN I 430 20.05 -49.83 -30.15
N SER I 431 20.86 -48.84 -30.49
CA SER I 431 20.47 -47.91 -31.53
C SER I 431 19.08 -47.53 -31.15
N THR I 432 18.23 -47.31 -32.14
CA THR I 432 16.82 -47.03 -31.90
C THR I 432 16.65 -45.79 -31.05
N THR I 433 16.73 -44.64 -31.67
CA THR I 433 16.66 -43.42 -30.91
C THR I 433 15.23 -43.13 -30.62
N GLU I 434 15.04 -42.25 -29.67
CA GLU I 434 13.75 -41.80 -29.27
C GLU I 434 12.86 -41.47 -30.43
N THR I 435 11.59 -41.75 -30.19
CA THR I 435 10.60 -41.54 -31.20
C THR I 435 9.93 -40.22 -31.00
N PHE I 436 10.37 -39.51 -29.97
CA PHE I 436 10.00 -38.17 -29.58
C PHE I 436 8.54 -37.81 -29.56
N ARG I 437 8.14 -37.14 -28.52
CA ARG I 437 6.75 -36.75 -28.49
C ARG I 437 6.61 -35.30 -28.09
N PRO I 438 5.68 -34.58 -28.67
CA PRO I 438 5.37 -33.23 -28.32
C PRO I 438 4.64 -33.36 -27.03
N GLY I 439 4.61 -32.33 -26.24
CA GLY I 439 3.79 -32.43 -25.04
C GLY I 439 3.45 -31.11 -24.38
N GLY I 440 2.81 -31.23 -23.23
CA GLY I 440 2.37 -30.08 -22.47
C GLY I 440 3.38 -29.77 -21.37
N GLY I 441 2.91 -29.04 -20.38
CA GLY I 441 3.73 -28.58 -19.28
C GLY I 441 3.06 -27.32 -18.81
N ASP I 442 3.66 -26.61 -17.88
CA ASP I 442 2.99 -25.42 -17.45
C ASP I 442 3.44 -24.31 -18.39
N MET I 443 2.93 -23.13 -18.16
CA MET I 443 3.24 -22.00 -19.02
C MET I 443 4.63 -21.48 -18.97
N ARG I 444 5.41 -21.88 -17.99
CA ARG I 444 6.72 -21.33 -17.88
C ARG I 444 7.53 -21.69 -19.10
N ASP I 445 7.28 -22.85 -19.68
CA ASP I 445 8.10 -23.25 -20.81
C ASP I 445 7.74 -22.51 -22.08
N ASN I 446 6.61 -21.82 -22.10
CA ASN I 446 6.23 -21.12 -23.30
C ASN I 446 6.71 -19.70 -23.25
N TRP I 447 7.37 -19.34 -22.16
CA TRP I 447 7.87 -18.00 -22.00
C TRP I 447 9.34 -17.98 -21.95
N ARG I 448 9.94 -19.00 -21.33
CA ARG I 448 11.39 -19.00 -21.22
C ARG I 448 12.01 -19.06 -22.60
N SER I 449 11.23 -19.52 -23.57
CA SER I 449 11.61 -19.63 -24.95
C SER I 449 11.91 -18.26 -25.57
N GLU I 450 11.41 -17.20 -24.94
CA GLU I 450 11.65 -15.82 -25.35
C GLU I 450 12.56 -15.15 -24.33
N LEU I 451 12.31 -15.45 -23.05
CA LEU I 451 12.99 -14.78 -21.96
C LEU I 451 14.41 -15.19 -21.78
N TYR I 452 14.84 -16.23 -22.45
CA TYR I 452 16.20 -16.69 -22.36
C TYR I 452 17.19 -15.59 -22.71
N LYS I 453 16.75 -14.59 -23.46
CA LYS I 453 17.67 -13.54 -23.82
C LYS I 453 17.91 -12.54 -22.69
N TYR I 454 17.10 -12.55 -21.64
CA TYR I 454 17.25 -11.50 -20.65
C TYR I 454 17.57 -11.91 -19.22
N LYS I 455 18.40 -11.09 -18.60
CA LYS I 455 18.76 -11.22 -17.20
C LYS I 455 18.63 -9.89 -16.49
N VAL I 456 18.21 -9.87 -15.24
CA VAL I 456 18.14 -8.60 -14.55
C VAL I 456 19.14 -8.56 -13.44
N VAL I 457 19.82 -7.42 -13.38
CA VAL I 457 20.84 -7.20 -12.38
C VAL I 457 20.61 -5.92 -11.61
N LYS I 458 21.13 -5.92 -10.40
CA LYS I 458 21.10 -4.83 -9.46
C LYS I 458 22.33 -3.99 -9.62
N ILE I 459 22.15 -2.70 -9.69
CA ILE I 459 23.29 -1.82 -9.84
C ILE I 459 23.87 -1.54 -8.47
N GLU I 460 25.19 -1.66 -8.37
CA GLU I 460 25.91 -1.44 -7.11
C GLU I 460 26.96 -0.34 -7.25
N PRO I 461 26.59 0.94 -7.22
CA PRO I 461 27.41 2.09 -7.53
C PRO I 461 28.50 2.43 -6.51
N LEU I 462 28.47 1.86 -5.32
CA LEU I 462 29.46 2.28 -4.34
C LEU I 462 30.60 1.29 -4.20
N GLY I 463 31.83 1.77 -4.32
CA GLY I 463 32.97 0.87 -4.12
C GLY I 463 34.28 1.62 -3.88
N VAL I 464 35.34 0.88 -3.60
CA VAL I 464 36.63 1.49 -3.29
C VAL I 464 37.77 0.92 -4.09
N ALA I 465 38.86 1.67 -4.10
CA ALA I 465 40.12 1.27 -4.72
C ALA I 465 41.22 2.11 -4.07
N PRO I 466 42.48 1.66 -4.04
CA PRO I 466 43.58 2.45 -3.54
C PRO I 466 43.90 3.59 -4.48
N THR I 467 44.22 4.75 -3.93
CA THR I 467 44.64 5.90 -4.73
C THR I 467 45.74 6.68 -4.01
N ARG I 468 46.62 7.31 -4.76
CA ARG I 468 47.69 8.07 -4.13
C ARG I 468 47.25 9.47 -3.70
N CYS I 469 46.41 9.53 -2.68
CA CYS I 469 45.91 10.80 -2.17
C CYS I 469 45.48 10.73 -0.70
N LYS I 470 45.48 11.90 -0.06
CA LYS I 470 44.99 12.08 1.29
C LYS I 470 44.24 13.40 1.41
N ARG I 471 43.34 13.48 2.37
CA ARG I 471 42.60 14.72 2.57
C ARG I 471 43.57 15.85 2.91
N GLY J 10 25.54 5.45 -22.49
CA GLY J 10 24.88 6.56 -21.82
C GLY J 10 24.54 6.17 -20.40
N PHE J 11 24.76 4.90 -20.11
CA PHE J 11 24.53 4.37 -18.78
C PHE J 11 25.57 3.36 -18.36
N LEU J 12 25.51 2.12 -18.82
CA LEU J 12 26.50 1.15 -18.33
C LEU J 12 27.62 0.83 -19.30
N GLY J 13 27.79 1.63 -20.33
CA GLY J 13 28.81 1.36 -21.34
C GLY J 13 30.24 1.36 -20.79
N ALA J 14 30.43 1.90 -19.60
CA ALA J 14 31.71 1.95 -18.94
C ALA J 14 32.05 0.65 -18.22
N ALA J 15 31.12 -0.27 -18.17
CA ALA J 15 31.33 -1.49 -17.41
C ALA J 15 32.17 -2.49 -18.19
N GLY J 16 33.42 -2.15 -18.40
CA GLY J 16 34.30 -2.96 -19.21
C GLY J 16 35.49 -2.09 -19.53
N SER J 17 35.33 -0.82 -19.23
CA SER J 17 36.42 0.13 -19.41
C SER J 17 37.31 -0.10 -18.24
N THR J 18 38.53 0.38 -18.30
CA THR J 18 39.36 0.15 -17.15
C THR J 18 38.83 1.02 -16.05
N MET J 19 39.21 0.72 -14.83
CA MET J 19 38.68 1.48 -13.73
C MET J 19 39.01 2.93 -13.86
N GLY J 20 40.22 3.20 -14.34
CA GLY J 20 40.68 4.56 -14.53
C GLY J 20 39.80 5.28 -15.51
N ALA J 21 39.63 4.71 -16.69
CA ALA J 21 38.82 5.35 -17.71
C ALA J 21 37.39 5.55 -17.25
N ALA J 22 36.89 4.60 -16.51
CA ALA J 22 35.53 4.59 -16.04
C ALA J 22 35.32 5.58 -14.92
N SER J 23 36.38 6.16 -14.39
CA SER J 23 36.23 7.09 -13.29
C SER J 23 35.58 8.36 -13.81
N MET J 24 35.56 8.52 -15.12
CA MET J 24 35.00 9.71 -15.71
C MET J 24 33.53 9.53 -16.01
N THR J 25 32.98 8.36 -15.71
CA THR J 25 31.58 8.12 -16.00
C THR J 25 30.81 7.94 -14.73
N LEU J 26 31.42 8.22 -13.59
CA LEU J 26 30.72 7.94 -12.35
C LEU J 26 29.43 8.73 -12.31
N THR J 27 29.46 9.94 -12.85
CA THR J 27 28.31 10.79 -12.94
C THR J 27 27.23 10.13 -13.78
N VAL J 28 27.65 9.48 -14.86
CA VAL J 28 26.75 8.85 -15.80
C VAL J 28 25.90 7.79 -15.16
N GLN J 29 26.51 7.00 -14.27
CA GLN J 29 25.75 5.96 -13.62
C GLN J 29 25.01 6.47 -12.38
N ALA J 30 25.65 7.35 -11.62
CA ALA J 30 25.05 7.84 -10.38
C ALA J 30 23.77 8.62 -10.63
N ARG J 31 23.73 9.34 -11.73
CA ARG J 31 22.59 10.18 -12.06
C ARG J 31 21.34 9.40 -12.40
N ASN J 32 21.44 8.10 -12.64
CA ASN J 32 20.27 7.32 -13.01
C ASN J 32 19.62 6.63 -11.82
N LEU J 33 20.16 6.81 -10.63
CA LEU J 33 19.64 6.06 -9.49
C LEU J 33 18.23 6.41 -9.05
N LEU J 34 17.81 7.65 -9.25
CA LEU J 34 16.47 8.03 -8.83
C LEU J 34 15.50 8.06 -10.00
N SER J 35 15.95 7.57 -11.16
CA SER J 35 15.11 7.58 -12.35
C SER J 35 13.76 6.95 -12.09
N PRO J 48 -2.50 8.72 -15.36
CA PRO J 48 -3.77 8.33 -15.93
C PRO J 48 -3.77 6.87 -16.28
N GLU J 49 -4.95 6.25 -16.25
CA GLU J 49 -5.15 4.85 -16.63
C GLU J 49 -4.56 3.91 -15.59
N CYS J 50 -3.23 3.91 -15.41
CA CYS J 50 -2.60 3.11 -14.34
C CYS J 50 -3.00 3.71 -13.03
N GLN J 51 -3.28 5.00 -13.12
CA GLN J 51 -3.71 5.80 -12.02
C GLN J 51 -5.01 5.24 -11.44
N GLN J 52 -5.87 4.66 -12.30
CA GLN J 52 -7.10 4.12 -11.82
C GLN J 52 -6.95 2.62 -11.61
N HIS J 53 -6.15 1.97 -12.45
CA HIS J 53 -5.96 0.53 -12.38
C HIS J 53 -5.35 0.12 -11.06
N LEU J 54 -4.37 0.87 -10.57
CA LEU J 54 -3.69 0.48 -9.34
C LEU J 54 -4.52 0.76 -8.09
N LEU J 55 -5.66 1.42 -8.23
CA LEU J 55 -6.51 1.72 -7.08
C LEU J 55 -7.61 0.68 -6.98
N LYS J 56 -7.55 -0.30 -7.86
CA LYS J 56 -8.45 -1.41 -7.90
C LYS J 56 -7.54 -2.57 -7.95
N LEU J 57 -7.92 -3.74 -7.47
CA LEU J 57 -6.98 -4.85 -7.60
C LEU J 57 -5.64 -4.33 -7.07
N THR J 58 -5.72 -3.78 -5.86
CA THR J 58 -4.68 -3.03 -5.22
C THR J 58 -3.42 -3.80 -4.89
N VAL J 59 -3.42 -5.10 -5.11
CA VAL J 59 -2.18 -5.83 -4.92
C VAL J 59 -1.15 -5.25 -5.90
N TRP J 60 -1.62 -4.75 -7.05
CA TRP J 60 -0.67 -4.19 -7.98
C TRP J 60 -0.12 -2.91 -7.40
N GLY J 61 -0.95 -2.19 -6.65
CA GLY J 61 -0.56 -0.95 -6.02
C GLY J 61 0.50 -1.24 -4.97
N ILE J 62 0.34 -2.37 -4.29
CA ILE J 62 1.30 -2.77 -3.28
C ILE J 62 2.61 -3.04 -3.93
N LYS J 63 2.62 -3.76 -5.04
CA LYS J 63 3.89 -4.03 -5.68
C LYS J 63 4.58 -2.76 -6.11
N GLN J 64 3.82 -1.79 -6.65
CA GLN J 64 4.47 -0.58 -7.08
C GLN J 64 4.98 0.23 -5.92
N LEU J 65 4.24 0.26 -4.82
CA LEU J 65 4.71 1.01 -3.69
C LEU J 65 5.93 0.34 -3.11
N GLN J 66 5.97 -0.99 -3.09
CA GLN J 66 7.13 -1.62 -2.53
C GLN J 66 8.34 -1.29 -3.37
N ALA J 67 8.19 -1.30 -4.69
CA ALA J 67 9.33 -1.01 -5.53
C ALA J 67 9.85 0.40 -5.32
N ARG J 68 8.94 1.36 -5.17
CA ARG J 68 9.36 2.73 -5.00
C ARG J 68 10.06 2.92 -3.68
N VAL J 69 9.53 2.28 -2.65
CA VAL J 69 10.12 2.42 -1.34
C VAL J 69 11.48 1.82 -1.30
N LEU J 70 11.65 0.64 -1.88
CA LEU J 70 12.94 0.02 -1.83
C LEU J 70 13.97 0.82 -2.58
N ALA J 71 13.60 1.44 -3.70
CA ALA J 71 14.59 2.24 -4.40
C ALA J 71 15.05 3.38 -3.50
N VAL J 72 14.12 3.96 -2.77
CA VAL J 72 14.48 5.03 -1.87
C VAL J 72 15.37 4.55 -0.76
N GLU J 73 15.05 3.40 -0.18
CA GLU J 73 15.87 2.94 0.92
C GLU J 73 17.29 2.67 0.48
N ARG J 74 17.47 2.10 -0.71
CA ARG J 74 18.82 1.82 -1.14
C ARG J 74 19.58 3.10 -1.35
N TYR J 75 18.91 4.08 -1.93
CA TYR J 75 19.54 5.36 -2.18
C TYR J 75 20.01 5.96 -0.88
N LEU J 76 19.13 5.97 0.11
CA LEU J 76 19.50 6.58 1.36
C LEU J 76 20.60 5.83 2.05
N ARG J 77 20.64 4.51 1.97
CA ARG J 77 21.75 3.83 2.62
C ARG J 77 23.07 4.21 1.98
N ASP J 78 23.10 4.38 0.65
CA ASP J 78 24.37 4.79 0.07
C ASP J 78 24.76 6.16 0.56
N GLN J 79 23.79 7.05 0.71
CA GLN J 79 24.11 8.37 1.16
C GLN J 79 24.55 8.36 2.60
N GLN J 80 23.97 7.48 3.39
CA GLN J 80 24.35 7.38 4.78
C GLN J 80 25.77 6.88 4.91
N LEU J 81 26.18 5.96 4.04
CA LEU J 81 27.55 5.48 4.10
C LEU J 81 28.52 6.57 3.71
N LEU J 82 28.16 7.35 2.71
CA LEU J 82 29.06 8.42 2.34
C LEU J 82 29.10 9.45 3.45
N GLY J 83 27.98 9.68 4.10
CA GLY J 83 27.92 10.63 5.19
C GLY J 83 28.85 10.23 6.32
N ILE J 84 28.70 9.00 6.80
CA ILE J 84 29.50 8.49 7.90
C ILE J 84 30.99 8.45 7.60
N TRP J 85 31.38 8.29 6.34
CA TRP J 85 32.79 8.27 5.98
C TRP J 85 33.35 9.65 5.66
N GLY J 86 32.51 10.69 5.68
CA GLY J 86 32.96 12.03 5.33
C GLY J 86 33.07 12.25 3.84
N CYS J 87 32.36 11.46 3.06
CA CYS J 87 32.40 11.53 1.62
C CYS J 87 31.06 11.93 1.02
N SER J 88 30.25 12.62 1.81
CA SER J 88 28.99 13.09 1.30
C SER J 88 29.23 14.36 0.56
N GLY J 89 29.00 14.29 -0.72
CA GLY J 89 29.30 15.37 -1.63
C GLY J 89 30.47 14.87 -2.42
N LYS J 90 30.40 15.06 -3.72
CA LYS J 90 31.39 14.62 -4.69
C LYS J 90 31.29 13.13 -4.90
N LEU J 91 31.87 12.67 -6.00
CA LEU J 91 31.84 11.26 -6.28
C LEU J 91 33.13 10.57 -5.88
N ILE J 92 34.20 11.33 -5.69
CA ILE J 92 35.47 10.72 -5.32
C ILE J 92 36.03 11.36 -4.05
N CYS J 93 36.38 10.56 -3.05
CA CYS J 93 36.98 11.13 -1.84
C CYS J 93 38.13 10.29 -1.31
N CYS J 94 39.17 10.96 -0.82
CA CYS J 94 40.30 10.28 -0.21
C CYS J 94 39.98 10.24 1.26
N THR J 95 40.17 9.10 1.93
CA THR J 95 39.77 8.96 3.34
C THR J 95 40.86 8.78 4.39
N ASN J 96 42.11 8.79 3.92
CA ASN J 96 43.32 8.64 4.72
C ASN J 96 43.52 7.30 5.41
N VAL J 97 42.82 6.28 4.96
CA VAL J 97 43.03 4.95 5.50
C VAL J 97 44.05 4.26 4.61
N PRO J 98 45.21 3.85 5.09
CA PRO J 98 46.25 3.25 4.28
C PRO J 98 45.70 2.04 3.60
N TRP J 99 46.10 1.82 2.37
CA TRP J 99 45.63 0.64 1.71
C TRP J 99 46.48 -0.48 2.23
N ASN J 100 45.85 -1.56 2.65
CA ASN J 100 46.57 -2.70 3.13
C ASN J 100 46.80 -3.66 1.98
N SER J 101 48.06 -3.83 1.57
CA SER J 101 48.42 -4.66 0.44
C SER J 101 48.38 -6.14 0.82
N SER J 102 47.20 -6.56 1.24
CA SER J 102 46.83 -7.87 1.67
C SER J 102 45.43 -7.98 1.16
N TRP J 103 44.76 -6.81 1.11
CA TRP J 103 43.41 -6.74 0.60
C TRP J 103 43.59 -6.95 -0.87
N SER J 104 44.63 -6.29 -1.36
CA SER J 104 45.04 -6.40 -2.73
C SER J 104 46.47 -5.93 -2.88
N ASN J 105 47.37 -6.87 -3.06
CA ASN J 105 48.78 -6.61 -3.17
C ASN J 105 49.13 -6.34 -4.62
N ARG J 106 48.59 -5.26 -5.14
CA ARG J 106 48.70 -4.93 -6.54
C ARG J 106 49.16 -3.52 -6.78
N ASN J 107 49.78 -3.30 -7.93
CA ASN J 107 50.21 -1.97 -8.31
C ASN J 107 49.05 -1.19 -8.90
N LEU J 108 49.10 0.13 -8.84
CA LEU J 108 48.04 0.90 -9.44
C LEU J 108 48.02 0.74 -10.97
N SER J 109 49.19 0.49 -11.56
CA SER J 109 49.27 0.29 -13.00
C SER J 109 48.72 -1.06 -13.39
N GLU J 110 48.54 -1.94 -12.41
CA GLU J 110 48.03 -3.28 -12.63
C GLU J 110 46.54 -3.28 -12.47
N ILE J 111 46.01 -2.35 -11.66
CA ILE J 111 44.58 -2.35 -11.45
C ILE J 111 43.86 -1.17 -12.12
N TRP J 112 44.35 0.06 -12.00
CA TRP J 112 43.59 1.18 -12.55
C TRP J 112 43.67 1.23 -14.05
N ASP J 113 44.83 0.82 -14.54
CA ASP J 113 45.06 0.84 -15.98
C ASP J 113 44.67 -0.45 -16.67
N ASN J 114 44.70 -1.57 -15.96
CA ASN J 114 44.39 -2.84 -16.61
C ASN J 114 43.09 -3.55 -16.21
N MET J 115 42.51 -3.24 -15.06
CA MET J 115 41.29 -3.93 -14.63
C MET J 115 40.10 -3.05 -14.81
N THR J 116 38.96 -3.69 -14.98
CA THR J 116 37.68 -3.00 -15.05
C THR J 116 37.09 -2.98 -13.66
N TRP J 117 36.04 -2.19 -13.46
CA TRP J 117 35.44 -2.19 -12.13
C TRP J 117 34.76 -3.50 -11.80
N LEU J 118 34.26 -4.21 -12.80
CA LEU J 118 33.61 -5.48 -12.49
C LEU J 118 34.64 -6.45 -11.94
N GLN J 119 35.82 -6.45 -12.56
CA GLN J 119 36.86 -7.37 -12.13
C GLN J 119 37.37 -7.00 -10.76
N TRP J 120 37.53 -5.72 -10.55
CA TRP J 120 38.02 -5.21 -9.29
C TRP J 120 37.07 -5.51 -8.17
N ASP J 121 35.78 -5.31 -8.41
CA ASP J 121 34.83 -5.55 -7.36
C ASP J 121 34.95 -6.99 -6.92
N LYS J 122 35.15 -7.91 -7.85
CA LYS J 122 35.32 -9.28 -7.45
C LYS J 122 36.63 -9.47 -6.69
N GLU J 123 37.69 -8.84 -7.15
CA GLU J 123 39.03 -9.00 -6.58
C GLU J 123 39.07 -8.71 -5.09
N ILE J 124 38.36 -7.68 -4.65
CA ILE J 124 38.37 -7.32 -3.25
C ILE J 124 37.00 -7.41 -2.59
N SER J 125 36.12 -8.25 -3.10
CA SER J 125 34.77 -8.27 -2.55
C SER J 125 34.72 -8.63 -1.08
N ASN J 126 35.67 -9.43 -0.62
CA ASN J 126 35.63 -9.87 0.74
C ASN J 126 36.30 -8.97 1.74
N TYR J 127 36.69 -7.78 1.30
CA TYR J 127 37.25 -6.82 2.21
C TYR J 127 36.31 -5.65 2.36
N THR J 128 35.13 -5.74 1.76
CA THR J 128 34.24 -4.59 1.75
C THR J 128 33.97 -4.06 3.15
N GLN J 129 33.67 -4.97 4.04
CA GLN J 129 33.32 -4.69 5.41
C GLN J 129 34.50 -4.27 6.27
N ILE J 130 35.70 -4.55 5.80
CA ILE J 130 36.88 -4.25 6.56
C ILE J 130 37.15 -2.82 6.32
N ILE J 131 37.09 -2.47 5.06
CA ILE J 131 37.37 -1.14 4.67
C ILE J 131 36.32 -0.23 5.21
N TYR J 132 35.05 -0.61 5.10
CA TYR J 132 34.04 0.29 5.58
C TYR J 132 34.20 0.56 7.07
N GLY J 133 34.52 -0.44 7.89
CA GLY J 133 34.68 -0.14 9.31
C GLY J 133 35.83 0.85 9.53
N LEU J 134 36.92 0.68 8.78
CA LEU J 134 38.05 1.57 8.92
C LEU J 134 37.70 2.98 8.49
N LEU J 135 36.89 3.10 7.45
CA LEU J 135 36.50 4.40 6.97
C LEU J 135 35.68 5.13 8.00
N GLU J 136 34.80 4.40 8.71
CA GLU J 136 33.98 5.05 9.71
C GLU J 136 34.87 5.60 10.81
N GLU J 137 35.88 4.83 11.20
CA GLU J 137 36.73 5.31 12.27
C GLU J 137 37.59 6.47 11.82
N SER J 138 38.07 6.45 10.58
CA SER J 138 38.89 7.57 10.15
C SER J 138 38.08 8.82 10.31
N GLN J 139 36.82 8.78 9.92
CA GLN J 139 36.00 9.97 10.07
C GLN J 139 35.77 10.30 11.53
N ASN J 140 35.57 9.29 12.38
CA ASN J 140 35.33 9.59 13.78
C ASN J 140 36.51 10.33 14.38
N GLN J 141 37.72 9.93 14.00
CA GLN J 141 38.89 10.58 14.51
C GLN J 141 39.02 11.98 13.97
N GLN J 142 38.69 12.16 12.71
CA GLN J 142 38.82 13.48 12.13
C GLN J 142 37.86 14.46 12.77
N GLU J 143 36.62 14.03 13.04
CA GLU J 143 35.67 14.96 13.64
C GLU J 143 36.07 15.26 15.06
N LYS J 144 36.58 14.24 15.76
CA LYS J 144 37.01 14.46 17.12
C LYS J 144 38.11 15.48 17.13
N ASN J 145 39.07 15.34 16.23
CA ASN J 145 40.19 16.24 16.23
C ASN J 145 39.72 17.66 15.99
N GLU J 146 38.76 17.86 15.10
CA GLU J 146 38.34 19.22 14.87
C GLU J 146 37.62 19.79 16.06
N GLN J 147 36.82 18.98 16.73
CA GLN J 147 36.11 19.49 17.88
C GLN J 147 37.08 19.78 19.02
N ASP J 148 38.13 18.97 19.14
CA ASP J 148 39.11 19.19 20.19
C ASP J 148 39.91 20.45 19.91
N LEU J 149 40.20 20.72 18.65
CA LEU J 149 40.92 21.95 18.32
C LEU J 149 40.04 23.14 18.67
N LEU J 150 38.75 22.99 18.42
CA LEU J 150 37.76 23.98 18.74
C LEU J 150 36.38 23.37 18.51
N GLN K 1 17.57 -31.58 -56.08
CA GLN K 1 16.55 -30.63 -55.66
C GLN K 1 17.02 -29.21 -55.92
N VAL K 2 17.78 -28.66 -54.99
CA VAL K 2 18.30 -27.31 -55.11
C VAL K 2 19.52 -27.26 -55.97
N GLN K 3 19.54 -26.33 -56.89
CA GLN K 3 20.68 -26.14 -57.76
C GLN K 3 21.18 -24.72 -57.68
N LEU K 4 22.46 -24.57 -57.39
CA LEU K 4 23.04 -23.25 -57.32
C LEU K 4 23.85 -22.97 -58.56
N GLN K 5 23.85 -21.73 -59.05
CA GLN K 5 24.70 -21.43 -60.20
C GLN K 5 25.31 -20.03 -60.22
N GLU K 6 26.63 -20.00 -60.17
CA GLU K 6 27.39 -18.78 -60.18
C GLU K 6 27.57 -18.16 -61.55
N SER K 7 27.63 -16.83 -61.59
CA SER K 7 28.00 -16.11 -62.79
C SER K 7 28.66 -14.78 -62.45
N GLY K 8 29.45 -14.27 -63.38
CA GLY K 8 30.08 -12.97 -63.19
C GLY K 8 31.42 -12.97 -63.91
N PRO K 9 32.19 -11.88 -63.82
CA PRO K 9 33.45 -11.69 -64.51
C PRO K 9 34.47 -12.75 -64.18
N ALA K 10 35.15 -13.25 -65.21
CA ALA K 10 36.22 -14.20 -64.99
C ALA K 10 37.48 -13.44 -64.66
N VAL K 11 37.58 -12.23 -65.19
CA VAL K 11 38.74 -11.42 -64.94
C VAL K 11 38.30 -10.06 -64.45
N VAL K 12 38.92 -9.65 -63.38
CA VAL K 12 38.71 -8.37 -62.74
C VAL K 12 40.09 -7.75 -62.67
N GLN K 13 40.22 -6.44 -62.84
CA GLN K 13 41.57 -5.89 -62.77
C GLN K 13 41.85 -5.54 -61.32
N PRO K 14 43.11 -5.42 -60.91
CA PRO K 14 43.47 -5.02 -59.58
C PRO K 14 42.81 -3.70 -59.30
N SER K 15 42.37 -3.54 -58.06
CA SER K 15 41.69 -2.38 -57.50
C SER K 15 40.19 -2.32 -57.83
N GLU K 16 39.73 -3.11 -58.79
CA GLU K 16 38.33 -3.08 -59.16
C GLU K 16 37.46 -3.90 -58.23
N THR K 17 36.16 -3.87 -58.47
CA THR K 17 35.25 -4.64 -57.65
C THR K 17 34.81 -5.89 -58.37
N LEU K 18 34.89 -7.00 -57.68
CA LEU K 18 34.46 -8.27 -58.20
C LEU K 18 33.03 -8.52 -57.78
N SER K 19 32.18 -8.87 -58.73
CA SER K 19 30.79 -9.13 -58.39
C SER K 19 30.30 -10.45 -58.97
N LEU K 20 30.03 -11.40 -58.07
CA LEU K 20 29.55 -12.72 -58.50
C LEU K 20 28.15 -13.00 -57.98
N THR K 21 27.30 -13.46 -58.87
CA THR K 21 25.93 -13.77 -58.53
C THR K 21 25.66 -15.25 -58.57
N CYS K 22 25.04 -15.76 -57.53
CA CYS K 22 24.68 -17.16 -57.46
C CYS K 22 23.17 -17.36 -57.51
N ALA K 23 22.70 -17.79 -58.66
CA ALA K 23 21.28 -17.95 -58.85
C ALA K 23 20.83 -19.18 -58.09
N VAL K 24 19.62 -19.13 -57.55
CA VAL K 24 19.09 -20.28 -56.87
C VAL K 24 17.85 -20.82 -57.55
N SER K 25 17.84 -22.11 -57.81
CA SER K 25 16.66 -22.73 -58.37
C SER K 25 16.43 -24.00 -57.60
N GLY K 26 15.21 -24.51 -57.62
CA GLY K 26 14.93 -25.75 -56.90
C GLY K 26 14.63 -25.50 -55.43
N GLY K 27 14.48 -24.23 -55.07
CA GLY K 27 14.21 -23.79 -53.70
C GLY K 27 14.22 -22.28 -53.65
N SER K 28 13.81 -21.72 -52.52
CA SER K 28 13.77 -20.27 -52.37
C SER K 28 14.94 -19.66 -51.66
N ILE K 29 15.33 -18.50 -52.16
CA ILE K 29 16.38 -17.67 -51.62
C ILE K 29 16.03 -17.17 -50.23
N SER K 30 14.73 -17.10 -49.98
CA SER K 30 14.14 -16.57 -48.77
C SER K 30 14.04 -17.60 -47.67
N GLY K 31 14.48 -18.83 -47.91
CA GLY K 31 14.35 -19.82 -46.87
C GLY K 31 15.38 -19.64 -45.77
N GLY K 32 15.29 -20.45 -44.73
CA GLY K 32 16.15 -20.34 -43.57
C GLY K 32 17.50 -21.02 -43.72
N TYR K 33 18.21 -20.61 -44.75
CA TYR K 33 19.51 -21.19 -45.12
C TYR K 33 20.60 -20.16 -45.19
N GLY K 34 21.83 -20.62 -44.93
CA GLY K 34 22.99 -19.75 -45.01
C GLY K 34 23.55 -19.73 -46.42
N TRP K 35 23.41 -18.62 -47.09
CA TRP K 35 23.91 -18.56 -48.43
C TRP K 35 25.35 -18.21 -48.26
N THR K 36 26.24 -19.05 -48.77
CA THR K 36 27.63 -18.88 -48.45
C THR K 36 28.60 -18.80 -49.61
N TRP K 37 29.53 -17.89 -49.49
CA TRP K 37 30.60 -17.78 -50.45
C TRP K 37 31.84 -18.41 -49.89
N ILE K 38 32.47 -19.24 -50.71
CA ILE K 38 33.68 -19.94 -50.35
C ILE K 38 34.62 -19.85 -51.56
N ARG K 39 35.92 -19.69 -51.36
CA ARG K 39 36.80 -19.69 -52.52
C ARG K 39 37.98 -20.59 -52.36
N GLN K 40 38.43 -21.17 -53.45
CA GLN K 40 39.60 -22.01 -53.40
C GLN K 40 40.69 -21.45 -54.29
N ALA K 41 41.72 -20.90 -53.68
CA ALA K 41 42.80 -20.31 -54.45
C ALA K 41 43.44 -21.46 -55.22
N PRO K 42 43.99 -21.26 -56.40
CA PRO K 42 44.58 -22.32 -57.15
C PRO K 42 45.73 -22.89 -56.36
N GLY K 43 45.78 -24.21 -56.25
CA GLY K 43 46.85 -24.88 -55.54
C GLY K 43 46.64 -24.87 -54.03
N LYS K 44 45.52 -24.32 -53.57
CA LYS K 44 45.25 -24.18 -52.16
C LYS K 44 43.99 -24.88 -51.69
N ALA K 45 43.92 -25.03 -50.38
CA ALA K 45 42.75 -25.56 -49.71
C ALA K 45 41.67 -24.49 -49.78
N LEU K 46 40.44 -24.94 -49.67
CA LEU K 46 39.23 -24.14 -49.69
C LEU K 46 39.15 -23.17 -48.49
N GLU K 47 38.77 -21.92 -48.74
CA GLU K 47 38.63 -20.87 -47.73
C GLU K 47 37.25 -20.22 -47.63
N TRP K 48 36.71 -20.13 -46.41
CA TRP K 48 35.41 -19.50 -46.19
C TRP K 48 35.46 -17.98 -46.33
N ILE K 49 34.51 -17.39 -47.05
CA ILE K 49 34.46 -15.95 -47.20
C ILE K 49 33.44 -15.32 -46.29
N GLY K 50 32.23 -15.84 -46.35
CA GLY K 50 31.14 -15.26 -45.58
C GLY K 50 29.77 -15.75 -46.01
N ASN K 51 28.76 -15.37 -45.24
CA ASN K 51 27.41 -15.78 -45.58
C ASN K 51 26.33 -14.80 -45.19
N ILE K 52 25.11 -15.11 -45.66
CA ILE K 52 23.91 -14.32 -45.39
C ILE K 52 22.69 -15.21 -45.29
N TYR K 53 21.74 -14.89 -44.43
CA TYR K 53 20.57 -15.73 -44.35
C TYR K 53 19.41 -15.27 -45.18
N GLY K 54 18.78 -16.24 -45.80
CA GLY K 54 17.66 -15.98 -46.68
C GLY K 54 16.51 -15.24 -46.02
N HIS K 55 16.26 -15.49 -44.75
CA HIS K 55 15.15 -14.84 -44.10
C HIS K 55 15.57 -13.73 -43.16
N SER K 56 16.87 -13.43 -43.07
CA SER K 56 17.26 -12.47 -42.06
C SER K 56 18.54 -11.66 -42.26
N GLY K 57 19.24 -11.78 -43.38
CA GLY K 57 20.47 -11.02 -43.42
C GLY K 57 21.31 -11.62 -42.33
N SER K 58 21.65 -10.82 -41.33
CA SER K 58 22.41 -11.34 -40.21
C SER K 58 23.64 -12.09 -40.65
N THR K 59 24.46 -11.42 -41.43
CA THR K 59 25.64 -11.97 -42.05
C THR K 59 26.80 -12.26 -41.16
N ASN K 60 27.71 -13.04 -41.74
CA ASN K 60 28.97 -13.43 -41.14
C ASN K 60 30.07 -13.27 -42.17
N TYR K 61 31.10 -12.52 -41.84
CA TYR K 61 32.17 -12.31 -42.79
C TYR K 61 33.50 -12.70 -42.21
N LYS K 62 34.43 -13.17 -43.04
CA LYS K 62 35.78 -13.34 -42.55
C LYS K 62 36.19 -11.95 -42.16
N SER K 63 36.72 -11.76 -40.97
CA SER K 63 37.01 -10.40 -40.54
C SER K 63 38.01 -9.66 -41.39
N SER K 64 38.95 -10.36 -41.99
CA SER K 64 39.96 -9.70 -42.79
C SER K 64 39.40 -9.07 -44.05
N LEU K 65 38.22 -9.49 -44.45
CA LEU K 65 37.61 -8.99 -45.64
C LEU K 65 36.50 -8.01 -45.35
N LYS K 66 36.19 -7.74 -44.08
CA LYS K 66 34.99 -6.96 -43.77
C LYS K 66 35.01 -5.54 -44.32
N ARG K 67 36.18 -4.98 -44.54
CA ARG K 67 36.26 -3.63 -45.05
C ARG K 67 36.13 -3.57 -46.57
N ARG K 68 36.17 -4.73 -47.23
CA ARG K 68 36.10 -4.79 -48.67
C ARG K 68 34.90 -5.58 -49.18
N LEU K 69 34.40 -6.48 -48.34
CA LEU K 69 33.38 -7.45 -48.67
C LEU K 69 31.95 -7.16 -48.24
N THR K 70 31.04 -7.22 -49.21
CA THR K 70 29.61 -7.12 -48.96
C THR K 70 28.89 -8.32 -49.53
N ILE K 71 28.02 -8.91 -48.73
CA ILE K 71 27.18 -10.00 -49.19
C ILE K 71 25.74 -9.56 -49.07
N SER K 72 24.99 -9.78 -50.12
CA SER K 72 23.59 -9.36 -50.16
C SER K 72 22.74 -10.27 -51.01
N THR K 73 21.42 -10.10 -50.92
CA THR K 73 20.50 -10.88 -51.75
C THR K 73 19.53 -10.00 -52.52
N ASP K 74 18.92 -10.61 -53.53
CA ASP K 74 17.89 -9.98 -54.34
C ASP K 74 16.80 -11.00 -54.56
N THR K 75 15.72 -10.81 -53.85
CA THR K 75 14.66 -11.76 -53.81
C THR K 75 13.81 -11.78 -55.06
N SER K 76 13.94 -10.76 -55.89
CA SER K 76 13.12 -10.71 -57.09
C SER K 76 13.67 -11.62 -58.16
N LYS K 77 14.93 -12.02 -58.02
CA LYS K 77 15.60 -12.88 -58.98
C LYS K 77 15.98 -14.19 -58.34
N ASN K 78 15.58 -14.36 -57.09
CA ASN K 78 15.85 -15.52 -56.28
C ASN K 78 17.37 -15.78 -56.27
N GLN K 79 18.17 -14.73 -56.03
CA GLN K 79 19.62 -14.85 -56.11
C GLN K 79 20.37 -14.18 -54.98
N PHE K 80 21.61 -14.62 -54.75
CA PHE K 80 22.48 -13.93 -53.81
C PHE K 80 23.77 -13.55 -54.47
N SER K 81 24.46 -12.55 -53.92
CA SER K 81 25.71 -12.16 -54.54
C SER K 81 26.82 -11.69 -53.62
N LEU K 82 28.02 -11.86 -54.15
CA LEU K 82 29.28 -11.50 -53.54
C LEU K 82 29.93 -10.27 -54.15
N LYS K 83 30.11 -9.23 -53.37
CA LYS K 83 30.74 -8.03 -53.86
C LYS K 83 32.05 -7.74 -53.12
N LEU K 84 33.18 -7.82 -53.82
CA LEU K 84 34.46 -7.59 -53.16
C LEU K 84 35.23 -6.45 -53.81
N THR K 85 35.45 -5.39 -53.06
CA THR K 85 36.13 -4.22 -53.60
C THR K 85 37.63 -4.34 -53.53
N SER K 86 38.32 -3.46 -54.26
CA SER K 86 39.76 -3.35 -54.21
C SER K 86 40.47 -4.68 -54.35
N VAL K 87 40.11 -5.45 -55.37
CA VAL K 87 40.72 -6.76 -55.52
C VAL K 87 42.21 -6.74 -55.82
N THR K 88 42.87 -7.75 -55.32
CA THR K 88 44.29 -7.90 -55.57
C THR K 88 44.66 -9.27 -56.08
N ALA K 89 45.92 -9.46 -56.40
CA ALA K 89 46.39 -10.72 -56.95
C ALA K 89 46.08 -11.91 -56.05
N ALA K 90 46.10 -11.68 -54.76
CA ALA K 90 45.86 -12.68 -53.73
C ALA K 90 44.41 -13.15 -53.73
N ASP K 91 43.53 -12.45 -54.43
CA ASP K 91 42.12 -12.79 -54.48
C ASP K 91 41.84 -13.74 -55.64
N THR K 92 42.87 -14.13 -56.40
CA THR K 92 42.61 -15.09 -57.48
C THR K 92 42.20 -16.40 -56.83
N ALA K 93 41.07 -16.92 -57.27
CA ALA K 93 40.52 -18.15 -56.71
C ALA K 93 39.35 -18.62 -57.51
N VAL K 94 38.94 -19.85 -57.29
CA VAL K 94 37.67 -20.21 -57.84
C VAL K 94 36.65 -20.02 -56.76
N TYR K 95 35.68 -19.21 -57.07
CA TYR K 95 34.67 -18.85 -56.13
C TYR K 95 33.49 -19.72 -56.32
N TYR K 96 32.99 -20.25 -55.22
CA TYR K 96 31.82 -21.08 -55.26
C TYR K 96 30.78 -20.54 -54.36
N CYS K 97 29.56 -20.77 -54.73
CA CYS K 97 28.51 -20.48 -53.83
C CYS K 97 28.02 -21.81 -53.26
N ALA K 98 27.52 -21.76 -52.04
CA ALA K 98 27.02 -22.96 -51.39
C ALA K 98 25.89 -22.65 -50.43
N ARG K 99 25.10 -23.68 -50.15
CA ARG K 99 23.98 -23.57 -49.24
C ARG K 99 24.23 -24.36 -47.98
N TRP K 100 24.41 -23.60 -46.90
CA TRP K 100 24.72 -24.08 -45.57
C TRP K 100 23.48 -24.41 -44.80
N SER K 101 23.47 -25.61 -44.26
CA SER K 101 22.38 -26.04 -43.45
C SER K 101 22.85 -26.85 -42.26
N THR K 102 22.67 -26.26 -41.09
CA THR K 102 22.95 -26.82 -39.78
C THR K 102 24.38 -27.21 -39.48
N ALA K 103 24.90 -28.18 -40.22
CA ALA K 103 26.25 -28.66 -39.98
C ALA K 103 27.06 -28.84 -41.25
N ASP K 104 26.48 -28.62 -42.41
CA ASP K 104 27.22 -28.85 -43.62
C ASP K 104 26.67 -28.03 -44.80
N PHE K 105 27.28 -28.17 -45.96
CA PHE K 105 26.83 -27.50 -47.15
C PHE K 105 26.17 -28.53 -48.02
N ASP K 106 24.85 -28.44 -48.07
CA ASP K 106 24.05 -29.45 -48.75
C ASP K 106 24.16 -29.28 -50.22
N TYR K 107 24.22 -28.02 -50.65
CA TYR K 107 24.27 -27.76 -52.07
C TYR K 107 25.41 -26.86 -52.44
N TRP K 108 25.97 -27.13 -53.61
CA TRP K 108 27.07 -26.36 -54.17
C TRP K 108 26.78 -26.00 -55.61
N GLY K 109 27.39 -24.92 -56.05
CA GLY K 109 27.30 -24.52 -57.44
C GLY K 109 28.47 -25.13 -58.22
N GLN K 110 28.84 -24.49 -59.32
CA GLN K 110 29.90 -25.01 -60.19
C GLN K 110 31.19 -24.24 -59.99
N GLY K 111 31.04 -22.98 -59.63
CA GLY K 111 32.13 -22.07 -59.39
C GLY K 111 32.56 -21.23 -60.57
N VAL K 112 33.15 -20.07 -60.26
CA VAL K 112 33.68 -19.17 -61.27
C VAL K 112 35.15 -18.99 -61.00
N LEU K 113 35.98 -19.28 -61.97
CA LEU K 113 37.37 -19.05 -61.71
C LEU K 113 37.66 -17.63 -62.01
N VAL K 114 38.12 -16.90 -61.00
CA VAL K 114 38.38 -15.50 -61.14
C VAL K 114 39.84 -15.18 -60.99
N THR K 115 40.33 -14.50 -62.00
CA THR K 115 41.71 -14.05 -62.06
C THR K 115 41.76 -12.55 -61.87
N VAL K 116 42.67 -12.08 -61.04
CA VAL K 116 42.78 -10.65 -60.90
C VAL K 116 43.97 -10.23 -61.75
N SER K 117 43.71 -9.47 -62.80
CA SER K 117 44.75 -9.10 -63.76
C SER K 117 44.39 -7.90 -64.61
N SER K 118 45.35 -7.00 -64.79
CA SER K 118 45.16 -5.83 -65.62
C SER K 118 44.53 -6.17 -66.96
N ASP L 1 41.35 -17.68 -34.25
CA ASP L 1 40.75 -18.63 -35.15
C ASP L 1 41.02 -20.06 -34.74
N ILE L 2 40.16 -20.95 -35.16
CA ILE L 2 40.33 -22.37 -34.89
C ILE L 2 41.00 -22.91 -36.12
N VAL L 3 42.16 -23.50 -35.95
CA VAL L 3 42.89 -23.97 -37.11
C VAL L 3 42.79 -25.46 -37.28
N MET L 4 42.45 -25.87 -38.49
CA MET L 4 42.32 -27.28 -38.77
C MET L 4 43.49 -27.81 -39.58
N THR L 5 43.95 -28.98 -39.22
CA THR L 5 44.98 -29.63 -40.02
C THR L 5 44.61 -31.06 -40.31
N GLN L 6 45.33 -31.68 -41.24
CA GLN L 6 45.07 -33.06 -41.59
C GLN L 6 46.33 -33.88 -41.74
N SER L 7 46.21 -35.16 -41.44
CA SER L 7 47.31 -36.08 -41.59
C SER L 7 46.82 -37.46 -42.00
N PRO L 8 47.42 -38.05 -43.02
CA PRO L 8 48.54 -37.62 -43.83
C PRO L 8 48.10 -36.56 -44.81
N SER L 9 49.06 -35.91 -45.46
CA SER L 9 48.73 -34.98 -46.54
C SER L 9 48.30 -35.75 -47.79
N SER L 10 48.75 -36.99 -47.89
CA SER L 10 48.37 -37.87 -48.99
C SER L 10 48.39 -39.31 -48.52
N LEU L 11 47.61 -40.12 -49.19
CA LEU L 11 47.52 -41.54 -48.86
C LEU L 11 47.48 -42.38 -50.12
N SER L 12 48.22 -43.48 -50.16
CA SER L 12 48.13 -44.36 -51.33
C SER L 12 47.33 -45.60 -50.98
N ALA L 13 46.44 -46.01 -51.88
CA ALA L 13 45.62 -47.18 -51.59
C ALA L 13 45.14 -47.94 -52.81
N SER L 14 44.71 -49.18 -52.57
CA SER L 14 44.11 -50.00 -53.61
C SER L 14 42.60 -50.08 -53.41
N VAL L 15 41.92 -50.55 -54.44
CA VAL L 15 40.50 -50.75 -54.32
C VAL L 15 40.25 -51.93 -53.42
N GLY L 16 39.36 -51.73 -52.47
CA GLY L 16 38.98 -52.71 -51.49
C GLY L 16 39.68 -52.46 -50.16
N ASP L 17 40.68 -51.60 -50.16
CA ASP L 17 41.39 -51.30 -48.92
C ASP L 17 40.55 -50.48 -47.98
N THR L 18 40.83 -50.59 -46.69
CA THR L 18 40.19 -49.72 -45.74
C THR L 18 41.19 -48.66 -45.42
N VAL L 19 40.80 -47.41 -45.57
CA VAL L 19 41.74 -46.36 -45.31
C VAL L 19 41.17 -45.36 -44.36
N THR L 20 42.03 -44.71 -43.60
CA THR L 20 41.57 -43.68 -42.72
C THR L 20 42.44 -42.46 -42.80
N ILE L 21 41.86 -41.29 -42.55
CA ILE L 21 42.65 -40.08 -42.44
C ILE L 21 42.27 -39.36 -41.16
N THR L 22 43.19 -38.57 -40.60
CA THR L 22 42.89 -37.86 -39.36
C THR L 22 42.86 -36.34 -39.50
N CYS L 23 41.82 -35.76 -38.96
CA CYS L 23 41.61 -34.32 -38.88
C CYS L 23 41.83 -33.81 -37.47
N ARG L 24 42.63 -32.76 -37.35
CA ARG L 24 42.92 -32.25 -36.03
C ARG L 24 42.66 -30.77 -35.84
N ALA L 25 42.01 -30.46 -34.73
CA ALA L 25 41.71 -29.07 -34.41
C ALA L 25 42.71 -28.49 -33.43
N SER L 26 43.02 -27.22 -33.61
CA SER L 26 43.85 -26.48 -32.68
C SER L 26 43.09 -26.12 -31.40
N GLN L 27 41.78 -26.27 -31.44
CA GLN L 27 40.91 -25.98 -30.32
C GLN L 27 39.91 -27.08 -30.17
N ASP L 28 39.44 -27.32 -28.96
CA ASP L 28 38.39 -28.32 -28.80
C ASP L 28 37.13 -27.82 -29.48
N ILE L 29 36.59 -28.61 -30.38
CA ILE L 29 35.39 -28.25 -31.11
C ILE L 29 34.31 -29.29 -30.89
N THR L 30 34.31 -29.91 -29.70
CA THR L 30 33.38 -30.97 -29.34
C THR L 30 33.11 -31.87 -30.55
N ASN L 31 31.96 -31.76 -31.20
CA ASN L 31 31.70 -32.59 -32.37
C ASN L 31 31.31 -31.79 -33.60
N ASP L 32 31.67 -30.53 -33.67
CA ASP L 32 31.27 -29.69 -34.80
C ASP L 32 32.21 -29.77 -35.97
N LEU L 33 32.35 -30.99 -36.49
CA LEU L 33 33.23 -31.25 -37.61
C LEU L 33 32.46 -31.83 -38.80
N ALA L 34 32.81 -31.40 -40.01
CA ALA L 34 32.21 -32.02 -41.20
C ALA L 34 33.30 -32.49 -42.15
N TRP L 35 33.02 -33.58 -42.87
CA TRP L 35 33.94 -34.13 -43.87
C TRP L 35 33.37 -34.06 -45.27
N TYR L 36 34.26 -33.82 -46.25
CA TYR L 36 33.92 -33.69 -47.66
C TYR L 36 34.77 -34.49 -48.63
N GLN L 37 34.18 -34.85 -49.77
CA GLN L 37 34.91 -35.51 -50.85
C GLN L 37 35.02 -34.62 -52.08
N GLN L 38 36.23 -34.22 -52.44
CA GLN L 38 36.43 -33.34 -53.58
C GLN L 38 37.12 -34.04 -54.73
N LYS L 39 36.52 -33.94 -55.89
CA LYS L 39 37.10 -34.55 -57.03
C LYS L 39 37.59 -33.42 -57.89
N PRO L 40 38.65 -33.60 -58.68
CA PRO L 40 39.18 -32.57 -59.52
C PRO L 40 38.11 -32.00 -60.40
N GLY L 41 38.07 -30.69 -60.48
CA GLY L 41 37.11 -29.98 -61.32
C GLY L 41 35.80 -29.64 -60.63
N LYS L 42 35.54 -30.15 -59.42
CA LYS L 42 34.25 -29.86 -58.79
C LYS L 42 34.27 -29.44 -57.33
N ALA L 43 33.19 -28.77 -56.94
CA ALA L 43 32.94 -28.43 -55.56
C ALA L 43 32.81 -29.75 -54.81
N PRO L 44 33.21 -29.83 -53.55
CA PRO L 44 33.15 -31.03 -52.73
C PRO L 44 31.76 -31.52 -52.35
N LYS L 45 31.63 -32.83 -52.23
CA LYS L 45 30.40 -33.45 -51.75
C LYS L 45 30.45 -33.66 -50.26
N ALA L 46 29.40 -33.28 -49.56
CA ALA L 46 29.39 -33.51 -48.12
C ALA L 46 29.34 -35.00 -47.86
N LEU L 47 30.08 -35.46 -46.86
CA LEU L 47 30.05 -36.87 -46.52
C LEU L 47 29.48 -37.13 -45.13
N ILE L 48 30.10 -36.50 -44.16
CA ILE L 48 29.81 -36.72 -42.74
C ILE L 48 29.65 -35.42 -41.96
N TYR L 49 28.68 -35.37 -41.07
CA TYR L 49 28.47 -34.19 -40.25
C TYR L 49 28.37 -34.54 -38.76
N TYR L 50 28.68 -33.55 -37.91
CA TYR L 50 28.75 -33.73 -36.47
C TYR L 50 29.71 -34.85 -36.13
N ALA L 51 30.86 -34.87 -36.80
CA ALA L 51 31.92 -35.84 -36.63
C ALA L 51 31.59 -37.22 -37.19
N SER L 52 30.43 -37.79 -36.85
CA SER L 52 30.11 -39.15 -37.27
C SER L 52 28.82 -39.43 -38.10
N ASN L 53 27.92 -38.48 -38.30
CA ASN L 53 26.67 -38.82 -39.02
C ASN L 53 26.81 -38.76 -40.53
N LEU L 54 26.34 -39.80 -41.20
CA LEU L 54 26.39 -39.89 -42.65
C LEU L 54 25.38 -38.96 -43.30
N GLU L 55 25.79 -38.28 -44.36
CA GLU L 55 24.90 -37.41 -45.10
C GLU L 55 24.14 -38.18 -46.17
N SER L 56 22.98 -37.69 -46.52
CA SER L 56 22.22 -38.37 -47.54
C SER L 56 22.93 -38.47 -48.86
N GLY L 57 22.80 -39.64 -49.48
CA GLY L 57 23.41 -39.87 -50.78
C GLY L 57 24.81 -40.46 -50.65
N VAL L 58 25.28 -40.57 -49.43
CA VAL L 58 26.59 -41.12 -49.14
C VAL L 58 26.49 -42.62 -48.89
N PRO L 59 27.28 -43.44 -49.58
CA PRO L 59 27.34 -44.87 -49.41
C PRO L 59 27.73 -45.25 -47.99
N SER L 60 27.22 -46.37 -47.53
CA SER L 60 27.42 -46.90 -46.18
C SER L 60 28.86 -47.22 -45.83
N ARG L 61 29.74 -47.29 -46.82
CA ARG L 61 31.15 -47.55 -46.57
C ARG L 61 31.83 -46.38 -45.85
N PHE L 62 31.19 -45.21 -45.86
CA PHE L 62 31.73 -44.03 -45.21
C PHE L 62 31.27 -43.93 -43.78
N SER L 63 32.21 -43.82 -42.88
CA SER L 63 31.93 -43.71 -41.46
C SER L 63 33.03 -42.91 -40.81
N GLY L 64 32.87 -42.58 -39.56
CA GLY L 64 33.90 -41.83 -38.88
C GLY L 64 33.49 -41.55 -37.47
N SER L 65 34.42 -41.02 -36.71
CA SER L 65 34.18 -40.71 -35.31
C SER L 65 35.21 -39.76 -34.78
N GLY L 66 34.95 -39.20 -33.61
CA GLY L 66 35.94 -38.36 -32.99
C GLY L 66 35.33 -37.38 -32.05
N ALA L 67 36.19 -36.69 -31.34
CA ALA L 67 35.72 -35.69 -30.40
C ALA L 67 36.82 -34.71 -30.01
N GLY L 68 36.39 -33.52 -29.68
CA GLY L 68 37.31 -32.54 -29.14
C GLY L 68 38.20 -32.07 -30.25
N THR L 69 39.44 -32.54 -30.24
CA THR L 69 40.36 -32.14 -31.27
C THR L 69 40.70 -33.23 -32.26
N ASP L 70 40.43 -34.49 -31.94
CA ASP L 70 40.89 -35.58 -32.80
C ASP L 70 39.79 -36.35 -33.51
N PHE L 71 39.74 -36.23 -34.84
CA PHE L 71 38.68 -36.89 -35.61
C PHE L 71 39.17 -37.76 -36.76
N THR L 72 38.50 -38.88 -36.97
CA THR L 72 38.89 -39.78 -38.06
C THR L 72 37.80 -40.10 -39.07
N LEU L 73 38.19 -40.00 -40.34
CA LEU L 73 37.33 -40.38 -41.46
C LEU L 73 37.73 -41.75 -41.92
N THR L 74 36.79 -42.67 -41.95
CA THR L 74 37.08 -44.03 -42.38
C THR L 74 36.32 -44.43 -43.63
N ILE L 75 37.04 -44.94 -44.60
CA ILE L 75 36.37 -45.43 -45.79
C ILE L 75 36.66 -46.90 -45.98
N SER L 76 35.67 -47.75 -45.74
CA SER L 76 35.93 -49.16 -45.88
C SER L 76 35.75 -49.53 -47.33
N SER L 77 36.29 -50.65 -47.76
CA SER L 77 36.08 -51.10 -49.11
C SER L 77 36.25 -49.96 -50.10
N LEU L 78 37.39 -49.28 -50.06
CA LEU L 78 37.61 -48.11 -50.90
C LEU L 78 37.34 -48.46 -52.35
N GLN L 79 36.54 -47.63 -53.03
CA GLN L 79 36.17 -47.86 -54.41
C GLN L 79 36.98 -46.99 -55.36
N PRO L 80 37.11 -47.32 -56.66
CA PRO L 80 37.85 -46.49 -57.59
C PRO L 80 37.29 -45.07 -57.70
N GLU L 81 35.99 -44.91 -57.42
CA GLU L 81 35.39 -43.60 -57.48
C GLU L 81 35.72 -42.76 -56.28
N ASP L 82 36.39 -43.34 -55.28
CA ASP L 82 36.74 -42.64 -54.06
C ASP L 82 38.14 -42.06 -54.08
N PHE L 83 38.83 -42.15 -55.20
CA PHE L 83 40.16 -41.55 -55.17
C PHE L 83 39.97 -40.08 -55.43
N ALA L 84 39.87 -39.39 -54.31
CA ALA L 84 39.48 -38.00 -54.16
C ALA L 84 40.24 -37.35 -53.04
N LEU L 85 40.09 -36.05 -52.94
CA LEU L 85 40.70 -35.31 -51.86
C LEU L 85 39.70 -35.20 -50.76
N TYR L 86 40.14 -35.41 -49.54
CA TYR L 86 39.18 -35.30 -48.48
C TYR L 86 39.51 -34.17 -47.57
N TYR L 87 38.48 -33.46 -47.19
CA TYR L 87 38.66 -32.32 -46.33
C TYR L 87 37.83 -32.39 -45.11
N CYS L 88 38.34 -31.79 -44.06
CA CYS L 88 37.52 -31.64 -42.88
C CYS L 88 37.38 -30.16 -42.57
N GLN L 89 36.27 -29.79 -41.95
CA GLN L 89 36.12 -28.41 -41.50
C GLN L 89 35.40 -28.27 -40.19
N GLN L 90 35.74 -27.21 -39.47
CA GLN L 90 35.07 -26.93 -38.24
C GLN L 90 34.09 -25.83 -38.43
N HIS L 91 32.97 -25.98 -37.77
CA HIS L 91 31.94 -24.97 -37.79
C HIS L 91 31.49 -24.67 -36.38
N ASN L 92 32.45 -24.76 -35.46
CA ASN L 92 32.25 -24.47 -34.06
C ASN L 92 32.20 -22.98 -33.88
N ASN L 93 33.03 -22.27 -34.64
CA ASN L 93 33.02 -20.83 -34.56
C ASN L 93 33.50 -20.21 -35.87
N TYR L 94 33.50 -18.89 -35.93
CA TYR L 94 33.95 -18.25 -37.15
C TYR L 94 35.40 -17.83 -37.10
N PRO L 95 36.07 -17.80 -38.26
CA PRO L 95 35.63 -18.16 -39.61
C PRO L 95 35.48 -19.65 -39.73
N LEU L 96 34.60 -20.09 -40.62
CA LEU L 96 34.47 -21.51 -40.82
C LEU L 96 35.80 -21.89 -41.39
N THR L 97 36.35 -22.97 -40.89
CA THR L 97 37.70 -23.30 -41.30
C THR L 97 37.89 -24.68 -41.82
N PHE L 98 38.57 -24.74 -42.96
CA PHE L 98 38.85 -26.00 -43.63
C PHE L 98 40.29 -26.40 -43.39
N GLY L 99 40.53 -27.69 -43.32
CA GLY L 99 41.87 -28.20 -43.22
C GLY L 99 42.49 -28.16 -44.61
N PRO L 100 43.76 -28.52 -44.76
CA PRO L 100 44.50 -28.52 -46.01
C PRO L 100 44.05 -29.57 -47.01
N GLY L 101 43.39 -30.60 -46.53
CA GLY L 101 42.94 -31.70 -47.35
C GLY L 101 43.95 -32.84 -47.42
N THR L 102 43.45 -34.06 -47.60
CA THR L 102 44.30 -35.23 -47.78
C THR L 102 44.03 -35.80 -49.15
N LYS L 103 45.07 -35.95 -49.95
CA LYS L 103 44.85 -36.50 -51.28
C LYS L 103 45.00 -38.01 -51.30
N VAL L 104 43.96 -38.72 -51.71
CA VAL L 104 44.10 -40.16 -51.74
C VAL L 104 44.32 -40.63 -53.18
N ASP L 105 45.47 -41.24 -53.41
CA ASP L 105 45.93 -41.72 -54.69
C ASP L 105 45.78 -43.21 -54.80
N ILE L 106 45.71 -43.68 -56.03
CA ILE L 106 45.60 -45.10 -56.22
C ILE L 106 46.97 -45.67 -56.52
N LYS L 107 47.31 -46.72 -55.81
CA LYS L 107 48.60 -47.35 -56.02
C LYS L 107 48.79 -47.72 -57.47
#